data_9N6I
#
_entry.id   9N6I
#
_cell.length_a   1.00
_cell.length_b   1.00
_cell.length_c   1.00
_cell.angle_alpha   90.00
_cell.angle_beta   90.00
_cell.angle_gamma   90.00
#
_symmetry.space_group_name_H-M   'P 1'
#
loop_
_entity.id
_entity.type
_entity.pdbx_description
1 polymer 'DNA Tracking Strand'
2 polymer 'DNA Lagging Strand'
3 polymer 'Histone H4'
4 polymer 'Histone H2A'
5 polymer 'Histone H2B 1.1'
6 polymer 'Histone H3'
7 polymer 'Chromo domain-containing protein 1'
#
loop_
_entity_poly.entity_id
_entity_poly.type
_entity_poly.pdbx_seq_one_letter_code
_entity_poly.pdbx_strand_id
1 'polydeoxyribonucleotide'
;(DG)(DC)(DC)(DG)(DC)(DC)(DC)(DT)(DG)(DG)(DA)(DG)(DA)(DA)(DT)(DC)(DC)(DC)(DG)(DG)
(DT)(DG)(DC)(DC)(DG)(DA)(DG)(DG)(DC)(DC)(DG)(DC)(DT)(DC)(DA)(DA)(DT)(DT)(DG)(DG)
(DT)(DC)(DG)(DT)(DA)(DG)(DA)(DC)(DA)(DG)(DC)(DT)(DC)(DT)(DA)(DG)(DC)(DA)(DA)(DC)
(DC)(DG)(DC)(DT)(DT)(DA)(DA)(DA)(DC)(DG)(DC)(DA)(DC)(DG)(DT)(DA)(DC)(DG)(DC)(DG)
(DC)(DT)(DG)(DT)(DC)(DC)(DC)(DC)(DC)(DG)(DC)(DG)(DT)(DT)(DT)(DT)(DA)(DA)(DC)(DC)
(DG)(DC)(DC)(DA)(DA)(DG)(DG)(DG)(DG)(DA)(DT)(DT)(DA)(DC)(DT)(DT)(DC)(DC)(DT)(DA)
(DG)(DT)(DC)(DT)(DC)(DC)(DA)(DG)(DG)(DC)(DA)(DC)(DG)(DT)(DG)(DT)(DC)(DA)(DG)(DA)
(DT)(DA)(DT)(DA)(DT)(DA)(DC)(DA)(DT)(DC)(DC)
;
I
2 'polydeoxyribonucleotide'
;(DG)(DG)(DA)(DT)(DG)(DT)(DA)(DT)(DA)(DT)(DA)(DT)(DC)(DT)(DG)(DA)(DC)(DA)(DC)(DG)
(DT)(DG)(DC)(DC)(DT)(DG)(DG)(DA)(DG)(DA)(DC)(DT)(DA)(DG)(DG)(DA)(DA)(DG)(DT)(DA)
(DA)(DT)(DC)(DC)(DC)(DC)(DT)(DT)(DG)(DG)(DC)(DG)(DG)(DT)(DT)(DA)(DA)(DA)(DA)(DC)
(DG)(DC)(DG)(DG)(DG)(DG)(DG)(DA)(DC)(DA)(DG)(DC)(DG)(DC)(DG)(DT)(DA)(DC)(DG)(DT)
(DG)(DC)(DG)(DT)(DT)(DT)(DA)(DA)(DG)(DC)(DG)(DG)(DT)(DT)(DG)(DC)(DT)(DA)(DG)(DA)
(DG)(DC)(DT)(DG)(DT)(DC)(DT)(DA)(DC)(DG)(DA)(DC)(DC)(DA)(DA)(DT)(DT)(DG)(DA)(DG)
(DC)(DG)(DG)(DC)(DC)(DT)(DC)(DG)(DG)(DC)(DA)(DC)(DC)(DG)(DG)(DG)(DA)(DT)(DT)(DC)
(DT)(DC)(DC)(DA)(DG)(DG)(DG)(DC)(DG)(DG)(DC)
;
J
3 'polypeptide(L)'
;AKRHRKVLRDNIQGITKPAIRRLARRGGVKRISGLIYEETRGVLKVFLENVIRDAVTYTEHAKRKTVTAMDVVYALKRQG
RTLYGFGG
;
B,F
4 'polypeptide(L)'
;TRAKAKTRSSRAGLQFPVGRVHRLLRKGNYAERVGAGAPVYLAAVLEYLTAEILELAGNAARDNKKTRIIPRHLQLAVRN
DEELNKLLGRVTIAQGGVLPNIQSVLLPKK
;
C,G
5 'polypeptide(L)'
;TRKESYAIYVYKVLKQVHPDTGISCKAMSIMNSFVNDVFERIAGEASRLAHYNKRSTITSREIQTAVRLLLPGELAKHAV
SEGTKAVTKYTSAK
;
D,H
6 'polypeptide(L)'
;KKPHRYRPGTVALREIRRYQKSTELLIRKLPFQRLVREIAQDFKTDLRFQSSAVMALQEASEAYLVALFEDTNLCAIHAK
RVTIMPKDIQLARRIRGERA
;
E,A
7 'polypeptide(L)'
;KIPTRFSNRQNKTVNYNIDYSDDDLLESEDDYGSEEALSEENVHEASANPQPEDFHGIDIVINHRLKTSLEEGKVLEKTV
PDLNNCKENYEFLIKWTDESHLHNTWETYESIGQVRGLKRLDNYCKQFIIEDQQVRLDPYVTAEDIEIMDMERERRLDEF
EEFHVPERIIDSQRASLEDGTSQLQYLVKWRRLNYDEATWENATDIVKLAPEQVKHFQNRENSKILPQYSSNYTSQRPRF
EKLSVQPPFIKGGELRDFQLTGINWMAFLWSKGDNGILADEMGLGKTVQTVAFISWLIFARRQNGPHIIVVPLSTMPAWL
DTFEKWAPDLNCICYMGNQKSRDTIREYEFYTNPRAKGKKTMKFNVLLTTYEYILKDRAELGSIKWQFMAVDEAHRLKNA
ESSLYESLNSFKVANRMLITGTPLQNNIKELAALVNFLMPGRFTIDQEIDFENQDEEQEEYIHDLHRRIQPFILRRLKKD
VEKSLPSKTERILRVELSDVQTEYYKNILTKNYSALTAGAKGGHFSLLNIMNELKKASNHPYLFDNAEERVLQKFGDGKM
TRENVLRGLIMSSGKMVLLDQLLTRLKKDGHRVLIFSQMVRMLDILGDYLSIKGINFQRLDGTVPSAQRRISIDHFNSPD
SNDFVFLLSTRAGGLGINLMTADTVVIFDSDWNPQADLQAMARAHRIGQKNHVMVYRLVSKDTVEEEVLERARKKMILEY
AIISLGVTDGNKYTKKNEPNAGELSAILKFGAGNMFTATDNQKKGEDGNGDDVLNHAEDHVTTPDLGESHLGGEEFLKQF
EVTDYKADIDWDDIIPEEELKKLQDEEQKRKDEEY
;
L,K
#
loop_
_chem_comp.id
_chem_comp.type
_chem_comp.name
_chem_comp.formula
DA DNA linking 2'-DEOXYADENOSINE-5'-MONOPHOSPHATE 'C10 H14 N5 O6 P'
DC DNA linking 2'-DEOXYCYTIDINE-5'-MONOPHOSPHATE 'C9 H14 N3 O7 P'
DG DNA linking 2'-DEOXYGUANOSINE-5'-MONOPHOSPHATE 'C10 H14 N5 O7 P'
DT DNA linking THYMIDINE-5'-MONOPHOSPHATE 'C10 H15 N2 O8 P'
#
# COMPACT_ATOMS: atom_id res chain seq x y z
N ALA C 1 3.40 -23.12 -47.55
CA ALA C 1 3.44 -23.61 -46.18
C ALA C 1 2.18 -23.20 -45.42
N LYS C 2 1.07 -23.87 -45.74
CA LYS C 2 -0.20 -23.56 -45.08
C LYS C 2 -0.21 -24.03 -43.62
N ARG C 3 0.53 -25.09 -43.32
CA ARG C 3 0.57 -25.61 -41.95
C ARG C 3 1.40 -24.70 -41.05
N HIS C 4 0.94 -24.53 -39.82
CA HIS C 4 1.64 -23.73 -38.82
C HIS C 4 1.29 -24.30 -37.44
N ARG C 5 1.58 -23.52 -36.40
CA ARG C 5 1.33 -23.96 -35.03
C ARG C 5 -0.04 -23.50 -34.56
N LYS C 6 -0.67 -24.33 -33.74
CA LYS C 6 -1.97 -23.99 -33.17
C LYS C 6 -1.84 -22.92 -32.09
N VAL C 7 -0.74 -22.92 -31.33
CA VAL C 7 -0.58 -22.00 -30.22
C VAL C 7 -0.30 -20.59 -30.73
N LEU C 8 -0.63 -19.61 -29.90
CA LEU C 8 -0.43 -18.20 -30.23
C LEU C 8 0.40 -17.55 -29.12
N ARG C 9 1.31 -16.66 -29.52
CA ARG C 9 2.21 -16.02 -28.57
C ARG C 9 1.96 -14.54 -28.38
N ASP C 10 1.37 -13.87 -29.38
CA ASP C 10 1.09 -12.43 -29.27
C ASP C 10 -0.31 -12.13 -28.70
N ASN C 11 -0.64 -12.81 -27.61
CA ASN C 11 -1.90 -12.57 -26.93
C ASN C 11 -1.86 -11.35 -26.03
N ILE C 12 -0.66 -10.84 -25.72
CA ILE C 12 -0.54 -9.56 -25.04
C ILE C 12 -0.86 -8.42 -26.00
N GLN C 13 -0.73 -8.64 -27.31
CA GLN C 13 -1.14 -7.67 -28.32
C GLN C 13 -2.64 -7.64 -28.51
N GLY C 14 -3.39 -8.59 -27.94
CA GLY C 14 -4.83 -8.51 -27.91
C GLY C 14 -5.36 -7.38 -27.05
N ILE C 15 -4.56 -6.92 -26.10
CA ILE C 15 -4.85 -5.67 -25.40
C ILE C 15 -4.41 -4.54 -26.31
N THR C 16 -5.33 -4.06 -27.14
CA THR C 16 -4.99 -3.21 -28.25
C THR C 16 -4.73 -1.77 -27.80
N LYS C 17 -4.23 -0.98 -28.74
CA LYS C 17 -4.04 0.46 -28.51
C LYS C 17 -5.31 1.22 -28.12
N PRO C 18 -6.48 1.06 -28.78
CA PRO C 18 -7.66 1.78 -28.29
C PRO C 18 -8.17 1.29 -26.95
N ALA C 19 -7.89 0.05 -26.54
CA ALA C 19 -8.29 -0.40 -25.21
C ALA C 19 -7.48 0.30 -24.13
N ILE C 20 -6.17 0.46 -24.34
CA ILE C 20 -5.32 1.20 -23.42
C ILE C 20 -5.70 2.68 -23.43
N ARG C 21 -6.09 3.20 -24.60
CA ARG C 21 -6.57 4.58 -24.67
C ARG C 21 -7.86 4.78 -23.89
N ARG C 22 -8.79 3.81 -23.97
CA ARG C 22 -10.03 3.88 -23.20
C ARG C 22 -9.76 3.79 -21.70
N LEU C 23 -8.83 2.91 -21.30
CA LEU C 23 -8.45 2.80 -19.90
C LEU C 23 -7.79 4.08 -19.38
N ALA C 24 -7.04 4.77 -20.24
CA ALA C 24 -6.49 6.06 -19.84
C ALA C 24 -7.55 7.16 -19.81
N ARG C 25 -8.55 7.07 -20.69
CA ARG C 25 -9.66 8.02 -20.66
C ARG C 25 -10.48 7.88 -19.38
N ARG C 26 -10.66 6.64 -18.90
CA ARG C 26 -11.29 6.44 -17.60
C ARG C 26 -10.43 6.98 -16.47
N GLY C 27 -9.11 6.94 -16.63
CA GLY C 27 -8.20 7.53 -15.66
C GLY C 27 -8.02 9.02 -15.77
N GLY C 28 -8.70 9.68 -16.71
CA GLY C 28 -8.61 11.12 -16.84
C GLY C 28 -7.39 11.62 -17.58
N VAL C 29 -6.83 10.81 -18.47
CA VAL C 29 -5.64 11.19 -19.22
C VAL C 29 -6.07 11.86 -20.52
N LYS C 30 -5.53 13.05 -20.78
CA LYS C 30 -5.85 13.81 -21.97
C LYS C 30 -4.97 13.42 -23.16
N ARG C 31 -3.65 13.38 -22.96
CA ARG C 31 -2.70 13.10 -24.02
C ARG C 31 -1.84 11.90 -23.64
N ILE C 32 -1.62 11.01 -24.60
CA ILE C 32 -0.91 9.75 -24.39
C ILE C 32 0.23 9.69 -25.39
N SER C 33 1.43 9.36 -24.91
CA SER C 33 2.56 9.16 -25.81
C SER C 33 2.51 7.76 -26.42
N GLY C 34 3.32 7.56 -27.46
CA GLY C 34 3.29 6.30 -28.19
C GLY C 34 3.98 5.15 -27.51
N LEU C 35 4.87 5.42 -26.55
CA LEU C 35 5.58 4.38 -25.82
C LEU C 35 4.82 3.91 -24.59
N ILE C 36 3.61 4.43 -24.36
CA ILE C 36 2.82 4.07 -23.19
C ILE C 36 2.34 2.64 -23.30
N TYR C 37 1.98 2.19 -24.51
CA TYR C 37 1.23 0.96 -24.69
C TYR C 37 2.04 -0.29 -24.37
N GLU C 38 3.32 -0.30 -24.74
CA GLU C 38 4.17 -1.45 -24.41
C GLU C 38 4.43 -1.53 -22.91
N GLU C 39 4.62 -0.38 -22.27
CA GLU C 39 4.78 -0.33 -20.82
C GLU C 39 3.53 -0.80 -20.10
N THR C 40 2.37 -0.39 -20.60
CA THR C 40 1.09 -0.79 -20.02
C THR C 40 0.86 -2.29 -20.20
N ARG C 41 1.24 -2.83 -21.35
CA ARG C 41 1.12 -4.28 -21.57
C ARG C 41 2.05 -5.06 -20.63
N GLY C 42 3.26 -4.56 -20.42
CA GLY C 42 4.17 -5.22 -19.48
C GLY C 42 3.68 -5.16 -18.04
N VAL C 43 3.13 -4.01 -17.63
CA VAL C 43 2.58 -3.84 -16.29
C VAL C 43 1.37 -4.75 -16.09
N LEU C 44 0.48 -4.82 -17.09
CA LEU C 44 -0.68 -5.69 -17.01
C LEU C 44 -0.28 -7.15 -16.97
N LYS C 45 0.75 -7.54 -17.73
CA LYS C 45 1.24 -8.91 -17.71
C LYS C 45 1.82 -9.28 -16.35
N VAL C 46 2.57 -8.35 -15.73
CA VAL C 46 3.15 -8.60 -14.41
C VAL C 46 2.07 -8.75 -13.36
N PHE C 47 1.07 -7.85 -13.38
CA PHE C 47 -0.04 -7.92 -12.43
C PHE C 47 -0.86 -9.20 -12.63
N LEU C 48 -1.10 -9.57 -13.89
CA LEU C 48 -1.90 -10.75 -14.19
C LEU C 48 -1.19 -12.02 -13.77
N GLU C 49 0.13 -12.11 -13.97
CA GLU C 49 0.82 -13.33 -13.56
C GLU C 49 0.94 -13.39 -12.03
N ASN C 50 1.04 -12.23 -11.36
CA ASN C 50 1.05 -12.22 -9.90
C ASN C 50 -0.28 -12.72 -9.32
N VAL C 51 -1.42 -12.30 -9.90
CA VAL C 51 -2.70 -12.78 -9.42
C VAL C 51 -2.92 -14.24 -9.80
N ILE C 52 -2.56 -14.61 -11.03
CA ILE C 52 -2.87 -15.93 -11.57
C ILE C 52 -2.05 -17.01 -10.87
N ARG C 53 -0.79 -16.71 -10.49
CA ARG C 53 0.02 -17.67 -9.76
C ARG C 53 -0.58 -18.01 -8.39
N ASP C 54 -1.08 -17.00 -7.67
CA ASP C 54 -1.71 -17.24 -6.38
C ASP C 54 -3.03 -17.98 -6.54
N ALA C 55 -3.80 -17.65 -7.59
CA ALA C 55 -5.05 -18.35 -7.85
C ALA C 55 -4.80 -19.82 -8.19
N VAL C 56 -3.74 -20.09 -8.95
CA VAL C 56 -3.39 -21.47 -9.30
C VAL C 56 -2.91 -22.23 -8.07
N THR C 57 -2.19 -21.55 -7.16
CA THR C 57 -1.80 -22.17 -5.91
C THR C 57 -3.01 -22.54 -5.05
N TYR C 58 -4.00 -21.63 -4.99
CA TYR C 58 -5.26 -21.94 -4.31
C TYR C 58 -6.01 -23.07 -4.98
N THR C 59 -5.88 -23.20 -6.31
CA THR C 59 -6.55 -24.28 -7.03
C THR C 59 -5.89 -25.63 -6.76
N GLU C 60 -4.55 -25.70 -6.80
CA GLU C 60 -3.88 -26.96 -6.53
C GLU C 60 -3.93 -27.35 -5.05
N HIS C 61 -4.18 -26.41 -4.15
CA HIS C 61 -4.42 -26.83 -2.77
C HIS C 61 -5.72 -27.62 -2.64
N ALA C 62 -6.74 -27.27 -3.41
CA ALA C 62 -8.01 -27.96 -3.37
C ALA C 62 -8.05 -29.21 -4.24
N LYS C 63 -6.91 -29.59 -4.84
CA LYS C 63 -6.77 -30.74 -5.74
C LYS C 63 -7.72 -30.63 -6.92
N ARG C 64 -7.67 -29.48 -7.61
CA ARG C 64 -8.54 -29.19 -8.73
C ARG C 64 -7.72 -28.75 -9.93
N LYS C 65 -8.33 -28.88 -11.10
CA LYS C 65 -7.77 -28.36 -12.33
C LYS C 65 -8.53 -27.16 -12.86
N THR C 66 -9.59 -26.74 -12.17
CA THR C 66 -10.46 -25.66 -12.62
C THR C 66 -10.26 -24.46 -11.69
N VAL C 67 -9.89 -23.33 -12.27
CA VAL C 67 -9.71 -22.10 -11.51
C VAL C 67 -11.07 -21.44 -11.34
N THR C 68 -11.61 -21.51 -10.14
CA THR C 68 -12.91 -20.92 -9.85
C THR C 68 -12.75 -19.42 -9.58
N ALA C 69 -13.90 -18.73 -9.49
CA ALA C 69 -13.88 -17.31 -9.20
C ALA C 69 -13.48 -17.02 -7.76
N MET C 70 -13.74 -17.96 -6.86
CA MET C 70 -13.42 -17.76 -5.46
C MET C 70 -11.92 -17.78 -5.24
N ASP C 71 -11.20 -18.61 -6.00
CA ASP C 71 -9.74 -18.63 -5.93
C ASP C 71 -9.15 -17.31 -6.41
N VAL C 72 -9.74 -16.72 -7.45
CA VAL C 72 -9.30 -15.40 -7.92
C VAL C 72 -9.59 -14.34 -6.87
N VAL C 73 -10.74 -14.44 -6.20
CA VAL C 73 -11.10 -13.50 -5.14
C VAL C 73 -10.12 -13.60 -3.97
N TYR C 74 -9.76 -14.82 -3.58
CA TYR C 74 -8.80 -15.01 -2.49
C TYR C 74 -7.41 -14.54 -2.88
N ALA C 75 -7.01 -14.79 -4.13
CA ALA C 75 -5.70 -14.36 -4.62
C ALA C 75 -5.60 -12.84 -4.65
N LEU C 76 -6.67 -12.17 -5.05
CA LEU C 76 -6.68 -10.70 -5.02
C LEU C 76 -6.75 -10.18 -3.60
N LYS C 77 -7.42 -10.91 -2.71
CA LYS C 77 -7.57 -10.47 -1.32
C LYS C 77 -6.25 -10.55 -0.56
N ARG C 78 -5.44 -11.56 -0.86
CA ARG C 78 -4.22 -11.78 -0.07
C ARG C 78 -3.21 -10.66 -0.31
N GLN C 79 -3.13 -10.17 -1.55
CA GLN C 79 -2.20 -9.10 -1.88
C GLN C 79 -2.73 -7.72 -1.55
N GLY C 80 -3.92 -7.61 -0.97
CA GLY C 80 -4.44 -6.33 -0.55
C GLY C 80 -5.35 -5.64 -1.53
N ARG C 81 -5.98 -6.37 -2.45
CA ARG C 81 -6.90 -5.81 -3.43
C ARG C 81 -8.22 -6.58 -3.31
N THR C 82 -9.07 -6.16 -2.38
CA THR C 82 -10.33 -6.84 -2.16
C THR C 82 -11.31 -6.49 -3.28
N LEU C 83 -11.94 -7.51 -3.84
CA LEU C 83 -12.88 -7.34 -4.94
C LEU C 83 -14.25 -7.83 -4.51
N TYR C 84 -15.26 -6.97 -4.68
CA TYR C 84 -16.63 -7.33 -4.35
C TYR C 84 -17.38 -7.74 -5.60
N GLY C 85 -18.54 -8.37 -5.40
CA GLY C 85 -19.40 -8.76 -6.49
C GLY C 85 -19.20 -10.17 -7.00
N PHE C 86 -18.20 -10.89 -6.51
CA PHE C 86 -17.98 -12.27 -6.90
C PHE C 86 -17.89 -13.22 -5.72
N GLY C 87 -17.73 -12.71 -4.50
CA GLY C 87 -17.60 -13.54 -3.32
C GLY C 87 -18.89 -14.09 -2.76
N GLY C 88 -20.03 -13.69 -3.32
CA GLY C 88 -21.31 -14.17 -2.86
C GLY C 88 -22.06 -15.01 -3.89
N THR D 1 10.49 -49.19 30.68
CA THR D 1 11.21 -48.68 29.51
C THR D 1 10.36 -47.65 28.77
N ARG D 2 10.98 -46.49 28.46
CA ARG D 2 10.27 -45.42 27.79
C ARG D 2 11.10 -44.77 26.69
N ALA D 3 12.15 -45.46 26.21
CA ALA D 3 12.93 -45.09 25.02
C ALA D 3 13.63 -43.73 25.15
N LYS D 4 13.93 -43.32 26.39
CA LYS D 4 14.77 -42.19 26.76
C LYS D 4 14.24 -40.82 26.30
N ALA D 5 12.99 -40.76 25.83
CA ALA D 5 12.24 -39.52 25.53
C ALA D 5 12.97 -38.66 24.49
N LYS D 6 13.06 -39.20 23.29
CA LYS D 6 13.68 -38.48 22.18
C LYS D 6 12.77 -37.36 21.69
N THR D 7 13.32 -36.15 21.54
CA THR D 7 12.53 -35.01 21.13
C THR D 7 12.20 -35.07 19.64
N ARG D 8 11.19 -34.31 19.25
CA ARG D 8 10.75 -34.30 17.86
C ARG D 8 11.69 -33.49 16.97
N SER D 9 12.38 -32.50 17.54
CA SER D 9 13.35 -31.73 16.77
C SER D 9 14.55 -32.60 16.36
N SER D 10 15.01 -33.46 17.26
CA SER D 10 16.09 -34.37 16.92
C SER D 10 15.63 -35.47 15.98
N ARG D 11 14.35 -35.85 16.07
CA ARG D 11 13.79 -36.81 15.11
C ARG D 11 13.71 -36.21 13.72
N ALA D 12 13.35 -34.95 13.62
CA ALA D 12 13.27 -34.26 12.34
C ALA D 12 14.60 -33.68 11.89
N GLY D 13 15.63 -33.74 12.71
CA GLY D 13 16.92 -33.16 12.38
C GLY D 13 16.91 -31.65 12.32
N LEU D 14 16.20 -31.00 13.23
CA LEU D 14 16.08 -29.55 13.25
C LEU D 14 16.64 -29.01 14.56
N GLN D 15 16.79 -27.68 14.59
CA GLN D 15 17.16 -26.99 15.82
C GLN D 15 16.02 -26.19 16.43
N PHE D 16 15.02 -25.81 15.62
CA PHE D 16 13.86 -25.13 16.16
C PHE D 16 12.96 -26.12 16.89
N PRO D 17 12.29 -25.69 17.98
CA PRO D 17 11.50 -26.63 18.78
C PRO D 17 10.19 -27.00 18.10
N VAL D 18 10.04 -28.29 17.78
CA VAL D 18 8.81 -28.76 17.17
C VAL D 18 7.67 -28.75 18.19
N GLY D 19 7.97 -29.09 19.45
CA GLY D 19 6.94 -29.13 20.47
C GLY D 19 6.39 -27.75 20.83
N ARG D 20 7.26 -26.74 20.87
CA ARG D 20 6.81 -25.38 21.13
C ARG D 20 5.97 -24.84 19.97
N VAL D 21 6.36 -25.18 18.74
CA VAL D 21 5.58 -24.77 17.57
C VAL D 21 4.23 -25.46 17.56
N HIS D 22 4.18 -26.73 17.97
CA HIS D 22 2.91 -27.46 18.09
C HIS D 22 2.01 -26.85 19.16
N ARG D 23 2.59 -26.47 20.29
CA ARG D 23 1.80 -25.85 21.35
C ARG D 23 1.32 -24.47 20.97
N LEU D 24 2.12 -23.72 20.21
CA LEU D 24 1.69 -22.40 19.75
C LEU D 24 0.66 -22.49 18.64
N LEU D 25 0.70 -23.55 17.83
CA LEU D 25 -0.32 -23.76 16.82
C LEU D 25 -1.64 -24.21 17.46
N ARG D 26 -1.56 -25.04 18.51
CA ARG D 26 -2.76 -25.54 19.15
C ARG D 26 -3.45 -24.44 19.96
N LYS D 27 -2.68 -23.60 20.63
CA LYS D 27 -3.24 -22.54 21.46
C LYS D 27 -3.39 -21.21 20.74
N GLY D 28 -3.01 -21.14 19.47
CA GLY D 28 -3.05 -19.90 18.73
C GLY D 28 -4.35 -19.59 18.03
N ASN D 29 -5.37 -20.43 18.19
CA ASN D 29 -6.71 -20.28 17.59
C ASN D 29 -6.62 -20.21 16.06
N TYR D 30 -6.07 -21.26 15.48
CA TYR D 30 -5.94 -21.39 14.04
C TYR D 30 -6.85 -22.44 13.44
N ALA D 31 -7.01 -23.59 14.10
CA ALA D 31 -7.90 -24.63 13.64
C ALA D 31 -8.30 -25.47 14.85
N GLU D 32 -9.32 -26.30 14.64
CA GLU D 32 -9.74 -27.24 15.67
C GLU D 32 -8.68 -28.30 15.93
N ARG D 33 -8.03 -28.76 14.86
CA ARG D 33 -7.02 -29.82 14.97
C ARG D 33 -5.75 -29.38 14.25
N VAL D 34 -4.63 -29.94 14.70
CA VAL D 34 -3.32 -29.70 14.10
C VAL D 34 -2.70 -31.05 13.77
N GLY D 35 -2.28 -31.23 12.52
CA GLY D 35 -1.67 -32.46 12.10
C GLY D 35 -0.28 -32.66 12.68
N ALA D 36 0.24 -33.88 12.51
CA ALA D 36 1.53 -34.22 13.12
C ALA D 36 2.69 -33.59 12.38
N GLY D 37 2.65 -33.57 11.04
CA GLY D 37 3.75 -33.03 10.27
C GLY D 37 3.75 -31.54 10.10
N ALA D 38 2.65 -30.87 10.44
CA ALA D 38 2.58 -29.41 10.35
C ALA D 38 3.57 -28.67 11.25
N PRO D 39 3.76 -29.02 12.55
CA PRO D 39 4.81 -28.32 13.30
C PRO D 39 6.22 -28.63 12.83
N VAL D 40 6.45 -29.84 12.30
CA VAL D 40 7.75 -30.19 11.75
C VAL D 40 8.05 -29.34 10.53
N TYR D 41 7.08 -29.21 9.63
CA TYR D 41 7.24 -28.42 8.41
C TYR D 41 7.41 -26.94 8.75
N LEU D 42 6.63 -26.43 9.70
CA LEU D 42 6.71 -25.02 10.06
C LEU D 42 8.02 -24.69 10.77
N ALA D 43 8.48 -25.58 11.65
CA ALA D 43 9.76 -25.37 12.32
C ALA D 43 10.92 -25.44 11.35
N ALA D 44 10.84 -26.33 10.36
CA ALA D 44 11.89 -26.40 9.33
C ALA D 44 11.92 -25.14 8.47
N VAL D 45 10.75 -24.60 8.12
CA VAL D 45 10.68 -23.38 7.32
C VAL D 45 11.22 -22.19 8.11
N LEU D 46 10.85 -22.09 9.39
CA LEU D 46 11.35 -21.00 10.24
C LEU D 46 12.86 -21.10 10.44
N GLU D 47 13.37 -22.32 10.61
CA GLU D 47 14.81 -22.53 10.76
C GLU D 47 15.55 -22.16 9.49
N TYR D 48 14.99 -22.52 8.32
CA TYR D 48 15.63 -22.17 7.05
C TYR D 48 15.66 -20.66 6.83
N LEU D 49 14.57 -19.97 7.16
CA LEU D 49 14.54 -18.51 6.97
C LEU D 49 15.49 -17.81 7.94
N THR D 50 15.58 -18.32 9.17
CA THR D 50 16.52 -17.79 10.15
C THR D 50 17.96 -17.97 9.68
N ALA D 51 18.27 -19.16 9.15
CA ALA D 51 19.62 -19.41 8.62
C ALA D 51 19.92 -18.54 7.41
N GLU D 52 18.92 -18.30 6.55
CA GLU D 52 19.11 -17.48 5.36
C GLU D 52 19.40 -16.03 5.71
N ILE D 53 18.71 -15.47 6.70
CA ILE D 53 19.05 -14.12 7.13
C ILE D 53 20.39 -14.10 7.87
N LEU D 54 20.65 -15.09 8.72
CA LEU D 54 21.82 -15.05 9.59
C LEU D 54 23.12 -15.24 8.81
N GLU D 55 23.09 -16.01 7.71
CA GLU D 55 24.28 -16.17 6.88
C GLU D 55 24.66 -14.85 6.20
N LEU D 56 23.67 -14.16 5.62
CA LEU D 56 23.92 -12.87 4.99
C LEU D 56 24.30 -11.81 6.01
N ALA D 57 23.72 -11.85 7.21
CA ALA D 57 24.08 -10.88 8.24
C ALA D 57 25.48 -11.13 8.77
N GLY D 58 25.90 -12.39 8.87
CA GLY D 58 27.27 -12.69 9.23
C GLY D 58 28.26 -12.26 8.15
N ASN D 59 27.86 -12.39 6.89
CA ASN D 59 28.68 -11.87 5.78
C ASN D 59 28.79 -10.36 5.86
N ALA D 60 27.70 -9.67 6.22
CA ALA D 60 27.73 -8.23 6.37
C ALA D 60 28.57 -7.79 7.57
N ALA D 61 28.58 -8.59 8.64
CA ALA D 61 29.43 -8.29 9.78
C ALA D 61 30.90 -8.52 9.44
N ARG D 62 31.18 -9.55 8.64
CA ARG D 62 32.56 -9.81 8.22
C ARG D 62 33.06 -8.74 7.24
N ASP D 63 32.18 -8.22 6.39
CA ASP D 63 32.57 -7.18 5.45
C ASP D 63 32.81 -5.84 6.15
N ASN D 64 32.29 -5.63 7.35
CA ASN D 64 32.49 -4.41 8.11
C ASN D 64 33.48 -4.60 9.25
N LYS D 65 34.29 -5.66 9.18
CA LYS D 65 35.35 -5.98 10.16
C LYS D 65 34.78 -6.14 11.57
N LYS D 66 33.63 -6.80 11.68
CA LYS D 66 32.97 -7.02 12.95
C LYS D 66 32.79 -8.51 13.20
N THR D 67 32.85 -8.90 14.47
CA THR D 67 32.61 -10.27 14.88
C THR D 67 31.30 -10.41 15.66
N ARG D 68 30.40 -9.44 15.51
CA ARG D 68 29.15 -9.42 16.25
C ARG D 68 28.09 -8.80 15.36
N ILE D 69 26.95 -9.46 15.25
CA ILE D 69 25.87 -8.99 14.38
C ILE D 69 25.05 -7.96 15.15
N ILE D 70 24.92 -6.77 14.56
CA ILE D 70 24.16 -5.66 15.14
C ILE D 70 22.93 -5.48 14.25
N PRO D 71 21.94 -4.64 14.62
CA PRO D 71 20.80 -4.40 13.71
C PRO D 71 21.17 -3.83 12.34
N ARG D 72 22.28 -3.10 12.24
CA ARG D 72 22.71 -2.55 10.95
C ARG D 72 23.05 -3.65 9.97
N HIS D 73 23.71 -4.71 10.44
CA HIS D 73 24.06 -5.83 9.57
C HIS D 73 22.82 -6.59 9.12
N LEU D 74 21.83 -6.72 10.01
CA LEU D 74 20.56 -7.35 9.63
C LEU D 74 19.83 -6.52 8.59
N GLN D 75 19.83 -5.20 8.75
CA GLN D 75 19.19 -4.31 7.78
C GLN D 75 19.88 -4.37 6.42
N LEU D 76 21.23 -4.38 6.42
CA LEU D 76 21.97 -4.47 5.16
C LEU D 76 21.73 -5.80 4.47
N ALA D 77 21.69 -6.89 5.25
CA ALA D 77 21.45 -8.21 4.69
C ALA D 77 20.03 -8.34 4.13
N VAL D 78 19.04 -7.74 4.80
CA VAL D 78 17.66 -7.84 4.33
C VAL D 78 17.46 -6.98 3.09
N ARG D 79 17.94 -5.74 3.12
CA ARG D 79 17.68 -4.83 2.01
C ARG D 79 18.54 -5.13 0.79
N ASN D 80 19.72 -5.71 0.97
CA ASN D 80 20.56 -6.05 -0.16
C ASN D 80 20.11 -7.33 -0.87
N ASP D 81 19.34 -8.18 -0.19
CA ASP D 81 18.79 -9.38 -0.81
C ASP D 81 17.49 -9.04 -1.51
N GLU D 82 17.31 -9.58 -2.72
CA GLU D 82 16.18 -9.22 -3.54
C GLU D 82 14.88 -9.84 -3.02
N GLU D 83 14.93 -11.11 -2.63
CA GLU D 83 13.73 -11.80 -2.18
C GLU D 83 13.44 -11.60 -0.70
N LEU D 84 14.44 -11.27 0.11
CA LEU D 84 14.18 -10.88 1.49
C LEU D 84 13.65 -9.47 1.61
N ASN D 85 13.79 -8.65 0.56
CA ASN D 85 13.23 -7.32 0.55
C ASN D 85 11.76 -7.30 0.13
N LYS D 86 11.21 -8.44 -0.27
CA LYS D 86 9.78 -8.56 -0.50
C LYS D 86 9.06 -9.25 0.64
N LEU D 87 9.74 -10.11 1.38
CA LEU D 87 9.16 -10.70 2.58
C LEU D 87 9.07 -9.69 3.71
N LEU D 88 10.06 -8.83 3.83
CA LEU D 88 10.13 -7.80 4.87
C LEU D 88 10.10 -6.40 4.25
N GLY D 89 9.32 -6.24 3.17
CA GLY D 89 9.26 -4.97 2.48
C GLY D 89 8.45 -3.91 3.18
N ARG D 90 7.58 -4.29 4.10
CA ARG D 90 6.76 -3.36 4.86
C ARG D 90 7.08 -3.47 6.35
N VAL D 91 8.35 -3.65 6.65
CA VAL D 91 8.83 -3.93 8.00
C VAL D 91 9.97 -2.98 8.32
N THR D 92 9.86 -2.28 9.45
CA THR D 92 10.91 -1.40 9.94
C THR D 92 11.79 -2.14 10.93
N ILE D 93 13.10 -2.11 10.71
CA ILE D 93 14.07 -2.66 11.63
C ILE D 93 14.65 -1.51 12.44
N ALA D 94 14.53 -1.58 13.76
CA ALA D 94 15.01 -0.51 14.62
C ALA D 94 16.54 -0.50 14.66
N GLN D 95 17.11 0.71 14.68
CA GLN D 95 18.56 0.96 14.66
C GLN D 95 19.22 0.31 13.46
N GLY D 96 18.55 0.34 12.31
CA GLY D 96 19.04 -0.33 11.12
C GLY D 96 19.53 0.63 10.06
N GLY D 97 19.02 1.85 10.05
CA GLY D 97 19.44 2.80 9.03
C GLY D 97 18.84 2.46 7.67
N VAL D 98 19.53 2.95 6.64
CA VAL D 98 19.11 2.74 5.25
C VAL D 98 20.31 2.27 4.45
N LEU D 99 20.04 1.79 3.24
CA LEU D 99 21.10 1.50 2.29
C LEU D 99 21.73 2.80 1.81
N PRO D 100 23.06 2.85 1.69
CA PRO D 100 23.70 4.04 1.11
C PRO D 100 23.42 4.14 -0.38
N ASN D 101 22.56 5.07 -0.77
CA ASN D 101 22.16 5.23 -2.16
C ASN D 101 21.98 6.72 -2.45
N ILE D 102 22.72 7.21 -3.44
CA ILE D 102 22.60 8.59 -3.90
C ILE D 102 22.22 8.55 -5.37
N GLN D 103 21.20 9.32 -5.74
CA GLN D 103 20.76 9.38 -7.12
C GLN D 103 21.81 10.09 -7.98
N SER D 104 21.97 9.60 -9.22
CA SER D 104 23.07 10.03 -10.07
C SER D 104 22.92 11.46 -10.58
N VAL D 105 21.72 12.02 -10.52
CA VAL D 105 21.52 13.41 -10.89
C VAL D 105 22.22 14.34 -9.89
N LEU D 106 22.16 13.99 -8.61
CA LEU D 106 22.72 14.81 -7.55
C LEU D 106 24.25 14.73 -7.46
N LEU D 107 24.87 13.77 -8.14
CA LEU D 107 26.32 13.69 -8.18
C LEU D 107 26.89 14.85 -8.99
N PRO D 108 28.06 15.36 -8.62
CA PRO D 108 28.70 16.42 -9.41
C PRO D 108 29.15 15.90 -10.77
N LYS D 109 29.12 16.79 -11.76
CA LYS D 109 29.48 16.47 -13.13
C LYS D 109 30.89 16.96 -13.42
N LYS D 110 31.75 16.05 -13.88
CA LYS D 110 33.12 16.39 -14.18
C LYS D 110 33.34 16.50 -15.69
N THR E 1 10.50 -14.94 36.44
CA THR E 1 9.43 -15.27 35.51
C THR E 1 9.99 -15.89 34.24
N ARG E 2 9.49 -17.06 33.88
CA ARG E 2 9.95 -17.78 32.68
C ARG E 2 9.29 -17.17 31.46
N LYS E 3 10.03 -16.35 30.72
CA LYS E 3 9.57 -15.77 29.48
C LYS E 3 10.16 -16.54 28.31
N GLU E 4 9.31 -17.19 27.52
CA GLU E 4 9.79 -17.99 26.41
C GLU E 4 10.18 -17.10 25.24
N SER E 5 11.13 -17.61 24.45
CA SER E 5 11.67 -16.88 23.31
C SER E 5 12.36 -17.88 22.39
N TYR E 6 12.75 -17.41 21.22
CA TYR E 6 13.51 -18.20 20.25
C TYR E 6 14.99 -17.89 20.31
N ALA E 7 15.52 -17.59 21.50
CA ALA E 7 16.88 -17.08 21.59
C ALA E 7 17.92 -18.17 21.35
N ILE E 8 17.79 -19.31 22.05
CA ILE E 8 18.81 -20.35 21.97
C ILE E 8 18.79 -21.04 20.61
N TYR E 9 17.62 -21.16 19.99
CA TYR E 9 17.52 -21.80 18.69
C TYR E 9 18.11 -20.91 17.59
N VAL E 10 17.86 -19.61 17.66
CA VAL E 10 18.49 -18.67 16.73
C VAL E 10 20.00 -18.64 16.94
N TYR E 11 20.45 -18.73 18.20
CA TYR E 11 21.87 -18.75 18.48
C TYR E 11 22.54 -20.02 17.94
N LYS E 12 21.90 -21.18 18.08
CA LYS E 12 22.55 -22.40 17.58
C LYS E 12 22.47 -22.49 16.05
N VAL E 13 21.43 -21.92 15.43
CA VAL E 13 21.42 -21.80 13.97
C VAL E 13 22.54 -20.87 13.50
N LEU E 14 22.78 -19.79 14.26
CA LEU E 14 23.89 -18.89 13.96
C LEU E 14 25.24 -19.59 14.09
N LYS E 15 25.39 -20.43 15.11
CA LYS E 15 26.63 -21.20 15.26
C LYS E 15 26.78 -22.24 14.16
N GLN E 16 25.68 -22.72 13.58
CA GLN E 16 25.78 -23.54 12.38
C GLN E 16 26.31 -22.73 11.20
N VAL E 17 25.70 -21.57 10.93
CA VAL E 17 26.06 -20.87 9.70
C VAL E 17 27.31 -20.00 9.88
N HIS E 18 27.60 -19.55 11.09
CA HIS E 18 28.76 -18.71 11.35
C HIS E 18 29.28 -19.04 12.74
N PRO E 19 30.21 -19.99 12.85
CA PRO E 19 30.60 -20.50 14.18
C PRO E 19 31.44 -19.52 14.99
N ASP E 20 32.01 -18.49 14.37
CA ASP E 20 32.89 -17.56 15.08
C ASP E 20 32.28 -16.16 15.17
N THR E 21 30.98 -16.02 14.92
CA THR E 21 30.31 -14.73 14.92
C THR E 21 29.33 -14.67 16.09
N GLY E 22 29.43 -13.60 16.87
CA GLY E 22 28.49 -13.33 17.94
C GLY E 22 27.30 -12.53 17.45
N ILE E 23 26.49 -12.09 18.41
CA ILE E 23 25.27 -11.34 18.10
C ILE E 23 24.92 -10.51 19.32
N SER E 24 24.31 -9.34 19.08
CA SER E 24 23.91 -8.44 20.14
C SER E 24 22.48 -8.72 20.57
N CYS E 25 22.07 -8.09 21.67
CA CYS E 25 20.75 -8.35 22.23
C CYS E 25 19.64 -7.73 21.39
N LYS E 26 19.90 -6.55 20.80
CA LYS E 26 18.92 -5.92 19.93
C LYS E 26 18.70 -6.72 18.66
N ALA E 27 19.78 -7.30 18.12
CA ALA E 27 19.65 -8.18 16.96
C ALA E 27 18.90 -9.46 17.30
N MET E 28 19.06 -9.97 18.52
CA MET E 28 18.28 -11.12 18.94
C MET E 28 16.81 -10.77 19.12
N SER E 29 16.52 -9.56 19.60
CA SER E 29 15.13 -9.10 19.68
C SER E 29 14.51 -9.00 18.29
N ILE E 30 15.28 -8.50 17.32
CA ILE E 30 14.80 -8.38 15.94
C ILE E 30 14.60 -9.77 15.33
N MET E 31 15.51 -10.71 15.61
CA MET E 31 15.36 -12.07 15.10
C MET E 31 14.15 -12.78 15.71
N ASN E 32 13.91 -12.56 17.00
CA ASN E 32 12.72 -13.11 17.65
C ASN E 32 11.45 -12.52 17.07
N SER E 33 11.45 -11.22 16.79
CA SER E 33 10.30 -10.58 16.17
C SER E 33 10.08 -11.10 14.74
N PHE E 34 11.16 -11.36 14.01
CA PHE E 34 11.04 -11.91 12.66
C PHE E 34 10.44 -13.31 12.68
N VAL E 35 10.91 -14.16 13.60
CA VAL E 35 10.42 -15.53 13.68
C VAL E 35 8.95 -15.54 14.10
N ASN E 36 8.58 -14.68 15.06
CA ASN E 36 7.18 -14.60 15.49
C ASN E 36 6.29 -14.06 14.37
N ASP E 37 6.76 -13.08 13.61
CA ASP E 37 5.99 -12.51 12.51
C ASP E 37 5.77 -13.53 11.40
N VAL E 38 6.82 -14.27 11.03
CA VAL E 38 6.70 -15.26 9.96
C VAL E 38 5.84 -16.43 10.41
N PHE E 39 5.96 -16.84 11.68
CA PHE E 39 5.09 -17.87 12.23
C PHE E 39 3.63 -17.45 12.20
N GLU E 40 3.36 -16.20 12.58
CA GLU E 40 1.98 -15.69 12.57
C GLU E 40 1.43 -15.61 11.15
N ARG E 41 2.26 -15.17 10.18
CA ARG E 41 1.82 -15.07 8.79
C ARG E 41 1.51 -16.45 8.21
N ILE E 42 2.40 -17.42 8.40
CA ILE E 42 2.21 -18.74 7.83
C ILE E 42 1.05 -19.46 8.50
N ALA E 43 0.92 -19.32 9.83
CA ALA E 43 -0.17 -19.97 10.54
C ALA E 43 -1.52 -19.34 10.20
N GLY E 44 -1.56 -18.01 10.01
CA GLY E 44 -2.81 -17.38 9.60
C GLY E 44 -3.22 -17.75 8.20
N GLU E 45 -2.26 -17.84 7.28
CA GLU E 45 -2.57 -18.25 5.92
C GLU E 45 -3.00 -19.71 5.87
N ALA E 46 -2.39 -20.57 6.69
CA ALA E 46 -2.81 -21.96 6.75
C ALA E 46 -4.19 -22.11 7.38
N SER E 47 -4.51 -21.27 8.37
CA SER E 47 -5.84 -21.26 8.96
C SER E 47 -6.89 -20.82 7.95
N ARG E 48 -6.58 -19.80 7.16
CA ARG E 48 -7.50 -19.38 6.11
C ARG E 48 -7.65 -20.43 5.03
N LEU E 49 -6.56 -21.12 4.67
CA LEU E 49 -6.62 -22.18 3.68
C LEU E 49 -7.45 -23.37 4.17
N ALA E 50 -7.35 -23.71 5.45
CA ALA E 50 -8.20 -24.75 6.01
C ALA E 50 -9.65 -24.30 6.09
N HIS E 51 -9.89 -23.01 6.32
CA HIS E 51 -11.27 -22.53 6.41
C HIS E 51 -11.93 -22.48 5.04
N TYR E 52 -11.18 -22.14 3.99
CA TYR E 52 -11.79 -22.03 2.67
C TYR E 52 -12.13 -23.39 2.08
N ASN E 53 -11.40 -24.43 2.48
CA ASN E 53 -11.62 -25.77 1.97
C ASN E 53 -12.52 -26.61 2.87
N LYS E 54 -13.14 -25.97 3.87
CA LYS E 54 -14.04 -26.61 4.83
C LYS E 54 -13.38 -27.78 5.57
N ARG E 55 -12.13 -27.57 5.95
CA ARG E 55 -11.35 -28.56 6.69
C ARG E 55 -11.13 -28.08 8.11
N SER E 56 -11.23 -29.00 9.07
CA SER E 56 -11.09 -28.67 10.47
C SER E 56 -9.67 -28.84 10.99
N THR E 57 -8.74 -29.28 10.16
CA THR E 57 -7.38 -29.57 10.61
C THR E 57 -6.37 -28.84 9.73
N ILE E 58 -5.24 -28.52 10.33
CA ILE E 58 -4.10 -27.94 9.63
C ILE E 58 -3.03 -29.02 9.51
N THR E 59 -2.69 -29.37 8.28
CA THR E 59 -1.71 -30.39 7.98
C THR E 59 -0.49 -29.74 7.35
N SER E 60 0.46 -30.57 6.94
CA SER E 60 1.66 -30.07 6.26
C SER E 60 1.35 -29.57 4.86
N ARG E 61 0.25 -30.03 4.25
CA ARG E 61 -0.16 -29.49 2.95
C ARG E 61 -0.58 -28.04 3.06
N GLU E 62 -1.31 -27.69 4.13
CA GLU E 62 -1.71 -26.30 4.34
C GLU E 62 -0.51 -25.41 4.61
N ILE E 63 0.47 -25.90 5.38
CA ILE E 63 1.67 -25.13 5.64
C ILE E 63 2.50 -24.98 4.38
N GLN E 64 2.55 -26.02 3.55
CA GLN E 64 3.26 -25.95 2.27
C GLN E 64 2.61 -24.94 1.32
N THR E 65 1.28 -24.93 1.26
CA THR E 65 0.58 -23.97 0.41
C THR E 65 0.73 -22.55 0.95
N ALA E 66 0.74 -22.38 2.27
CA ALA E 66 0.95 -21.06 2.86
C ALA E 66 2.36 -20.55 2.60
N VAL E 67 3.36 -21.46 2.62
CA VAL E 67 4.72 -21.08 2.32
C VAL E 67 4.86 -20.70 0.85
N ARG E 68 4.20 -21.44 -0.04
CA ARG E 68 4.20 -21.08 -1.47
C ARG E 68 3.50 -19.76 -1.73
N LEU E 69 2.44 -19.45 -0.96
CA LEU E 69 1.73 -18.20 -1.15
C LEU E 69 2.52 -17.01 -0.59
N LEU E 70 3.12 -17.15 0.58
CA LEU E 70 3.73 -16.01 1.26
C LEU E 70 5.17 -15.76 0.82
N LEU E 71 5.98 -16.79 0.76
CA LEU E 71 7.41 -16.61 0.48
C LEU E 71 7.62 -16.33 -1.00
N PRO E 72 8.34 -15.28 -1.36
CA PRO E 72 8.42 -14.86 -2.77
C PRO E 72 9.47 -15.62 -3.56
N GLY E 73 9.02 -16.42 -4.51
CA GLY E 73 9.91 -16.97 -5.52
C GLY E 73 10.78 -18.09 -4.99
N GLU E 74 12.09 -17.96 -5.22
CA GLU E 74 13.04 -19.03 -4.94
C GLU E 74 13.17 -19.28 -3.44
N LEU E 75 12.92 -18.26 -2.62
CA LEU E 75 12.85 -18.43 -1.17
C LEU E 75 11.77 -19.43 -0.77
N ALA E 76 10.66 -19.47 -1.50
CA ALA E 76 9.69 -20.54 -1.29
C ALA E 76 10.26 -21.88 -1.73
N LYS E 77 10.93 -21.90 -2.89
CA LYS E 77 11.27 -23.15 -3.58
C LYS E 77 12.25 -23.99 -2.78
N HIS E 78 13.21 -23.35 -2.11
CA HIS E 78 14.08 -24.09 -1.22
C HIS E 78 13.37 -24.46 0.08
N ALA E 79 12.54 -23.55 0.61
CA ALA E 79 11.90 -23.77 1.90
C ALA E 79 10.90 -24.91 1.82
N VAL E 80 10.16 -24.98 0.71
CA VAL E 80 9.28 -26.12 0.43
C VAL E 80 10.09 -27.41 0.37
N SER E 81 11.31 -27.35 -0.17
CA SER E 81 12.23 -28.46 -0.06
C SER E 81 12.64 -28.69 1.39
N GLU E 82 13.01 -27.61 2.10
CA GLU E 82 13.62 -27.73 3.42
C GLU E 82 12.64 -28.23 4.46
N GLY E 83 11.36 -27.90 4.32
CA GLY E 83 10.34 -28.51 5.15
C GLY E 83 10.16 -29.98 4.85
N THR E 84 10.11 -30.34 3.56
CA THR E 84 9.55 -31.61 3.12
C THR E 84 10.39 -32.79 3.60
N LYS E 85 11.70 -32.73 3.35
CA LYS E 85 12.61 -33.78 3.80
C LYS E 85 12.63 -33.89 5.33
N ALA E 86 12.43 -32.75 6.03
CA ALA E 86 12.33 -32.79 7.48
C ALA E 86 11.12 -33.61 7.92
N VAL E 87 9.98 -33.39 7.24
CA VAL E 87 8.79 -34.19 7.48
C VAL E 87 9.08 -35.64 7.13
N THR E 88 9.81 -35.86 6.03
CA THR E 88 10.20 -37.20 5.62
C THR E 88 11.09 -37.85 6.67
N LYS E 89 12.02 -37.06 7.24
CA LYS E 89 12.88 -37.59 8.28
C LYS E 89 12.08 -37.88 9.54
N TYR E 90 11.06 -37.06 9.82
CA TYR E 90 10.15 -37.34 10.92
C TYR E 90 9.37 -38.62 10.66
N THR E 91 8.99 -38.84 9.40
CA THR E 91 8.32 -40.08 9.02
C THR E 91 9.27 -41.26 9.15
N SER E 92 10.58 -41.02 9.00
CA SER E 92 11.54 -42.10 9.23
C SER E 92 11.70 -42.41 10.71
N ALA E 93 11.26 -41.53 11.60
CA ALA E 93 11.42 -41.75 13.03
C ALA E 93 10.10 -41.89 13.77
N LYS E 94 9.19 -40.94 13.59
CA LYS E 94 7.89 -40.99 14.25
C LYS E 94 6.76 -40.79 13.25
N ALA F 1 4.90 40.94 34.08
CA ALA F 1 4.14 39.71 33.96
C ALA F 1 5.07 38.49 33.92
N LYS F 2 5.60 38.13 35.08
CA LYS F 2 6.50 36.98 35.14
C LYS F 2 5.74 35.67 35.03
N ARG F 3 4.51 35.61 35.55
CA ARG F 3 3.72 34.39 35.48
C ARG F 3 3.23 34.14 34.07
N HIS F 4 3.11 32.87 33.70
CA HIS F 4 2.65 32.46 32.39
C HIS F 4 2.05 31.06 32.50
N ARG F 5 1.74 30.47 31.35
CA ARG F 5 1.17 29.13 31.32
C ARG F 5 2.25 28.08 31.60
N LYS F 6 1.89 27.07 32.38
CA LYS F 6 2.84 26.00 32.69
C LYS F 6 3.00 25.04 31.52
N VAL F 7 1.92 24.79 30.78
CA VAL F 7 1.98 23.87 29.65
C VAL F 7 2.55 24.57 28.44
N LEU F 8 3.18 23.80 27.55
CA LEU F 8 3.77 24.30 26.33
C LEU F 8 3.03 23.71 25.13
N ARG F 9 2.71 24.56 24.15
CA ARG F 9 1.99 24.14 22.96
C ARG F 9 2.85 24.08 21.71
N ASP F 10 4.01 24.73 21.70
CA ASP F 10 4.87 24.73 20.52
C ASP F 10 5.91 23.62 20.58
N ASN F 11 5.48 22.38 20.83
CA ASN F 11 6.39 21.25 20.80
C ASN F 11 6.58 20.69 19.40
N ILE F 12 5.76 21.12 18.44
CA ILE F 12 6.02 20.78 17.04
C ILE F 12 7.19 21.59 16.52
N GLN F 13 7.49 22.74 17.13
CA GLN F 13 8.68 23.51 16.81
C GLN F 13 9.94 22.91 17.42
N GLY F 14 9.79 21.96 18.36
CA GLY F 14 10.93 21.23 18.86
C GLY F 14 11.56 20.28 17.85
N ILE F 15 10.79 19.88 16.83
CA ILE F 15 11.35 19.19 15.68
C ILE F 15 11.97 20.25 14.80
N THR F 16 13.25 20.54 15.02
CA THR F 16 13.89 21.71 14.47
C THR F 16 14.19 21.53 12.98
N LYS F 17 14.48 22.66 12.35
CA LYS F 17 14.94 22.65 10.95
C LYS F 17 16.21 21.84 10.70
N PRO F 18 17.27 21.87 11.54
CA PRO F 18 18.38 20.92 11.33
C PRO F 18 18.00 19.46 11.47
N ALA F 19 17.02 19.13 12.31
CA ALA F 19 16.58 17.74 12.41
C ALA F 19 15.90 17.28 11.13
N ILE F 20 15.04 18.12 10.55
CA ILE F 20 14.39 17.81 9.29
C ILE F 20 15.41 17.75 8.16
N ARG F 21 16.43 18.61 8.22
CA ARG F 21 17.52 18.55 7.24
C ARG F 21 18.31 17.25 7.36
N ARG F 22 18.54 16.77 8.58
CA ARG F 22 19.24 15.50 8.77
C ARG F 22 18.41 14.32 8.27
N LEU F 23 17.09 14.39 8.48
CA LEU F 23 16.20 13.37 7.93
C LEU F 23 16.22 13.36 6.41
N ALA F 24 16.25 14.54 5.79
CA ALA F 24 16.33 14.60 4.34
C ALA F 24 17.70 14.16 3.83
N ARG F 25 18.76 14.41 4.60
CA ARG F 25 20.08 13.91 4.23
C ARG F 25 20.15 12.39 4.29
N ARG F 26 19.51 11.79 5.29
CA ARG F 26 19.38 10.33 5.30
C ARG F 26 18.52 9.83 4.16
N GLY F 27 17.50 10.60 3.78
CA GLY F 27 16.72 10.27 2.61
C GLY F 27 17.40 10.53 1.27
N GLY F 28 18.55 11.21 1.28
CA GLY F 28 19.27 11.46 0.06
C GLY F 28 18.93 12.76 -0.64
N VAL F 29 18.45 13.75 0.09
CA VAL F 29 18.03 15.01 -0.50
C VAL F 29 19.20 15.99 -0.47
N LYS F 30 19.51 16.58 -1.62
CA LYS F 30 20.62 17.52 -1.75
C LYS F 30 20.21 18.95 -1.43
N ARG F 31 19.07 19.41 -1.94
CA ARG F 31 18.61 20.79 -1.74
C ARG F 31 17.21 20.79 -1.19
N ILE F 32 16.98 21.65 -0.19
CA ILE F 32 15.73 21.70 0.56
C ILE F 32 15.16 23.12 0.49
N SER F 33 13.91 23.24 0.08
CA SER F 33 13.28 24.55 0.07
C SER F 33 12.87 24.97 1.48
N GLY F 34 12.58 26.27 1.63
CA GLY F 34 12.30 26.81 2.95
C GLY F 34 10.94 26.46 3.49
N LEU F 35 10.02 26.03 2.64
CA LEU F 35 8.67 25.66 3.05
C LEU F 35 8.54 24.17 3.33
N ILE F 36 9.65 23.43 3.27
CA ILE F 36 9.62 21.99 3.51
C ILE F 36 9.31 21.69 4.97
N TYR F 37 9.84 22.51 5.88
CA TYR F 37 9.83 22.19 7.30
C TYR F 37 8.43 22.21 7.90
N GLU F 38 7.59 23.17 7.48
CA GLU F 38 6.22 23.22 7.97
C GLU F 38 5.41 22.03 7.47
N GLU F 39 5.60 21.64 6.20
CA GLU F 39 4.92 20.48 5.64
C GLU F 39 5.38 19.19 6.32
N THR F 40 6.67 19.09 6.63
CA THR F 40 7.21 17.93 7.32
C THR F 40 6.68 17.84 8.74
N ARG F 41 6.57 18.99 9.42
CA ARG F 41 5.97 19.02 10.75
C ARG F 41 4.51 18.60 10.72
N GLY F 42 3.78 19.04 9.69
CA GLY F 42 2.39 18.63 9.55
C GLY F 42 2.21 17.13 9.30
N VAL F 43 3.03 16.56 8.41
CA VAL F 43 2.86 15.14 8.11
C VAL F 43 3.35 14.28 9.27
N LEU F 44 4.39 14.72 9.98
CA LEU F 44 4.82 14.04 11.20
C LEU F 44 3.74 14.09 12.27
N LYS F 45 3.07 15.24 12.41
CA LYS F 45 2.00 15.34 13.39
C LYS F 45 0.83 14.43 13.04
N VAL F 46 0.46 14.35 11.75
CA VAL F 46 -0.66 13.50 11.34
C VAL F 46 -0.34 12.02 11.58
N PHE F 47 0.88 11.61 11.23
CA PHE F 47 1.32 10.24 11.49
C PHE F 47 1.34 9.92 12.98
N LEU F 48 1.80 10.87 13.79
CA LEU F 48 1.88 10.65 15.23
C LEU F 48 0.51 10.59 15.88
N GLU F 49 -0.45 11.42 15.44
CA GLU F 49 -1.81 11.30 15.97
C GLU F 49 -2.45 9.97 15.59
N ASN F 50 -2.21 9.47 14.38
CA ASN F 50 -2.76 8.17 13.99
C ASN F 50 -2.21 7.04 14.86
N VAL F 51 -0.88 6.97 14.98
CA VAL F 51 -0.25 5.89 15.75
C VAL F 51 -0.57 6.02 17.24
N ILE F 52 -0.56 7.25 17.77
CA ILE F 52 -0.80 7.47 19.20
C ILE F 52 -2.27 7.20 19.53
N ARG F 53 -3.20 7.53 18.63
CA ARG F 53 -4.61 7.24 18.87
C ARG F 53 -4.87 5.75 18.89
N ASP F 54 -4.25 4.99 17.98
CA ASP F 54 -4.42 3.54 18.02
C ASP F 54 -3.76 2.92 19.25
N ALA F 55 -2.61 3.45 19.67
CA ALA F 55 -1.93 2.93 20.86
C ALA F 55 -2.70 3.26 22.13
N VAL F 56 -3.34 4.43 22.18
CA VAL F 56 -4.17 4.80 23.32
C VAL F 56 -5.42 3.93 23.39
N THR F 57 -5.98 3.57 22.22
CA THR F 57 -7.09 2.62 22.19
C THR F 57 -6.66 1.25 22.73
N TYR F 58 -5.48 0.78 22.33
CA TYR F 58 -4.95 -0.48 22.84
C TYR F 58 -4.68 -0.41 24.34
N THR F 59 -4.24 0.74 24.83
CA THR F 59 -4.00 0.94 26.26
C THR F 59 -5.32 0.93 27.04
N GLU F 60 -6.32 1.66 26.55
CA GLU F 60 -7.60 1.77 27.23
C GLU F 60 -8.39 0.48 27.22
N HIS F 61 -8.15 -0.41 26.25
CA HIS F 61 -8.78 -1.73 26.31
C HIS F 61 -8.25 -2.54 27.48
N ALA F 62 -6.97 -2.40 27.82
CA ALA F 62 -6.35 -3.17 28.88
C ALA F 62 -6.56 -2.56 30.26
N LYS F 63 -7.37 -1.50 30.36
CA LYS F 63 -7.66 -0.77 31.59
C LYS F 63 -6.40 -0.25 32.26
N ARG F 64 -5.47 0.25 31.45
CA ARG F 64 -4.23 0.81 31.94
C ARG F 64 -4.20 2.32 31.70
N LYS F 65 -3.30 2.99 32.43
CA LYS F 65 -3.03 4.40 32.24
C LYS F 65 -1.71 4.68 31.56
N THR F 66 -0.75 3.77 31.63
CA THR F 66 0.51 3.94 30.94
C THR F 66 0.42 3.34 29.55
N VAL F 67 1.24 3.85 28.64
CA VAL F 67 1.31 3.35 27.28
C VAL F 67 2.63 2.59 27.15
N THR F 68 2.53 1.28 26.99
CA THR F 68 3.71 0.45 26.86
C THR F 68 4.21 0.46 25.42
N ALA F 69 5.42 -0.07 25.22
CA ALA F 69 5.98 -0.18 23.88
C ALA F 69 5.24 -1.23 23.07
N MET F 70 4.66 -2.21 23.75
CA MET F 70 4.00 -3.30 23.04
C MET F 70 2.71 -2.82 22.41
N ASP F 71 2.03 -1.86 23.07
CA ASP F 71 0.87 -1.19 22.48
C ASP F 71 1.25 -0.39 21.25
N VAL F 72 2.43 0.23 21.27
CA VAL F 72 2.92 0.97 20.11
C VAL F 72 3.23 0.02 18.95
N VAL F 73 3.79 -1.15 19.25
CA VAL F 73 4.04 -2.16 18.23
C VAL F 73 2.72 -2.67 17.63
N TYR F 74 1.71 -2.87 18.49
CA TYR F 74 0.38 -3.25 18.03
C TYR F 74 -0.26 -2.19 17.13
N ALA F 75 -0.12 -0.92 17.52
CA ALA F 75 -0.68 0.19 16.75
C ALA F 75 0.02 0.33 15.40
N LEU F 76 1.33 0.11 15.36
CA LEU F 76 2.06 0.21 14.10
C LEU F 76 1.77 -0.98 13.20
N LYS F 77 1.60 -2.18 13.78
CA LYS F 77 1.31 -3.36 12.97
C LYS F 77 -0.10 -3.30 12.42
N ARG F 78 -1.05 -2.71 13.16
CA ARG F 78 -2.41 -2.54 12.65
C ARG F 78 -2.48 -1.58 11.48
N GLN F 79 -1.50 -0.67 11.35
CA GLN F 79 -1.43 0.25 10.22
C GLN F 79 -0.53 -0.26 9.11
N GLY F 80 -0.10 -1.51 9.18
CA GLY F 80 0.80 -2.08 8.18
C GLY F 80 2.19 -1.49 8.19
N ARG F 81 2.72 -1.20 9.38
CA ARG F 81 4.03 -0.58 9.56
C ARG F 81 4.79 -1.30 10.67
N THR F 82 4.91 -2.63 10.50
CA THR F 82 5.50 -3.51 11.51
C THR F 82 6.92 -3.11 11.86
N LEU F 83 7.20 -3.07 13.16
CA LEU F 83 8.48 -2.61 13.69
C LEU F 83 9.12 -3.74 14.49
N TYR F 84 10.37 -4.05 14.16
CA TYR F 84 11.12 -5.10 14.85
C TYR F 84 12.06 -4.46 15.87
N GLY F 85 12.23 -5.12 17.01
CA GLY F 85 13.18 -4.70 18.01
C GLY F 85 12.61 -4.16 19.29
N PHE F 86 11.31 -4.31 19.53
CA PHE F 86 10.69 -3.87 20.77
C PHE F 86 9.75 -4.94 21.32
N GLY F 87 10.06 -6.21 21.07
CA GLY F 87 9.24 -7.29 21.53
C GLY F 87 8.21 -7.73 20.50
N GLY F 88 7.77 -8.97 20.64
CA GLY F 88 6.79 -9.55 19.73
C GLY F 88 7.40 -10.45 18.68
N THR G 1 -42.71 -27.29 30.26
CA THR G 1 -43.50 -26.15 29.80
C THR G 1 -42.59 -25.04 29.27
N ARG G 2 -42.16 -25.17 28.03
CA ARG G 2 -41.30 -24.17 27.42
C ARG G 2 -42.10 -22.92 27.09
N ALA G 3 -41.45 -21.76 27.23
CA ALA G 3 -42.10 -20.49 26.94
C ALA G 3 -42.11 -20.23 25.44
N LYS G 4 -42.74 -19.13 25.04
CA LYS G 4 -42.77 -18.73 23.65
C LYS G 4 -41.40 -18.21 23.23
N ALA G 5 -40.77 -18.90 22.28
CA ALA G 5 -39.43 -18.55 21.86
C ALA G 5 -39.45 -17.31 20.98
N LYS G 6 -38.60 -16.34 21.32
CA LYS G 6 -38.40 -15.15 20.51
C LYS G 6 -36.92 -15.02 20.17
N THR G 7 -36.64 -14.41 19.03
CA THR G 7 -35.27 -14.30 18.56
C THR G 7 -34.49 -13.28 19.40
N ARG G 8 -33.16 -13.43 19.39
CA ARG G 8 -32.31 -12.48 20.08
C ARG G 8 -32.23 -11.15 19.35
N SER G 9 -32.47 -11.15 18.04
CA SER G 9 -32.53 -9.90 17.29
C SER G 9 -33.72 -9.06 17.72
N SER G 10 -34.87 -9.70 17.96
CA SER G 10 -36.03 -8.97 18.45
C SER G 10 -35.85 -8.52 19.89
N ARG G 11 -35.08 -9.28 20.69
CA ARG G 11 -34.73 -8.84 22.02
C ARG G 11 -33.83 -7.62 22.00
N ALA G 12 -32.89 -7.58 21.06
CA ALA G 12 -31.99 -6.45 20.90
C ALA G 12 -32.55 -5.35 20.03
N GLY G 13 -33.72 -5.56 19.42
CA GLY G 13 -34.30 -4.58 18.53
C GLY G 13 -33.53 -4.40 17.24
N LEU G 14 -33.01 -5.48 16.67
CA LEU G 14 -32.20 -5.43 15.47
C LEU G 14 -32.89 -6.19 14.34
N GLN G 15 -32.38 -5.99 13.14
CA GLN G 15 -32.79 -6.76 11.97
C GLN G 15 -31.79 -7.81 11.55
N PHE G 16 -30.52 -7.59 11.85
CA PHE G 16 -29.49 -8.57 11.53
C PHE G 16 -29.56 -9.74 12.51
N PRO G 17 -29.26 -10.96 12.06
CA PRO G 17 -29.44 -12.14 12.92
C PRO G 17 -28.35 -12.25 13.98
N VAL G 18 -28.76 -12.18 15.25
CA VAL G 18 -27.82 -12.33 16.35
C VAL G 18 -27.34 -13.78 16.45
N GLY G 19 -28.24 -14.73 16.25
CA GLY G 19 -27.88 -16.14 16.36
C GLY G 19 -26.91 -16.60 15.29
N ARG G 20 -27.09 -16.12 14.06
CA ARG G 20 -26.17 -16.45 12.98
C ARG G 20 -24.79 -15.84 13.21
N VAL G 21 -24.75 -14.61 13.73
CA VAL G 21 -23.48 -13.95 14.03
C VAL G 21 -22.77 -14.68 15.17
N HIS G 22 -23.53 -15.14 16.17
CA HIS G 22 -22.97 -15.91 17.27
C HIS G 22 -22.42 -17.25 16.79
N ARG G 23 -23.13 -17.91 15.87
CA ARG G 23 -22.66 -19.18 15.34
C ARG G 23 -21.42 -19.00 14.47
N LEU G 24 -21.35 -17.89 13.72
CA LEU G 24 -20.17 -17.62 12.91
C LEU G 24 -18.98 -17.20 13.77
N LEU G 25 -19.24 -16.59 14.92
CA LEU G 25 -18.17 -16.26 15.84
C LEU G 25 -17.65 -17.51 16.54
N ARG G 26 -18.56 -18.44 16.89
CA ARG G 26 -18.15 -19.64 17.62
C ARG G 26 -17.40 -20.61 16.72
N LYS G 27 -17.79 -20.69 15.44
CA LYS G 27 -17.16 -21.61 14.51
C LYS G 27 -16.09 -20.94 13.65
N GLY G 28 -15.80 -19.66 13.87
CA GLY G 28 -14.83 -18.94 13.10
C GLY G 28 -13.41 -19.00 13.58
N ASN G 29 -13.16 -19.75 14.67
CA ASN G 29 -11.83 -19.91 15.29
C ASN G 29 -11.22 -18.56 15.69
N TYR G 30 -12.00 -17.78 16.42
CA TYR G 30 -11.56 -16.47 16.91
C TYR G 30 -11.13 -16.51 18.37
N ALA G 31 -11.87 -17.21 19.22
CA ALA G 31 -11.48 -17.40 20.61
C ALA G 31 -12.07 -18.71 21.09
N GLU G 32 -11.60 -19.13 22.27
CA GLU G 32 -12.17 -20.31 22.91
C GLU G 32 -13.61 -20.08 23.33
N ARG G 33 -13.92 -18.89 23.85
CA ARG G 33 -15.26 -18.56 24.31
C ARG G 33 -15.74 -17.29 23.62
N VAL G 34 -17.06 -17.18 23.48
CA VAL G 34 -17.72 -16.00 22.92
C VAL G 34 -18.73 -15.51 23.95
N GLY G 35 -18.65 -14.23 24.29
CA GLY G 35 -19.57 -13.63 25.24
C GLY G 35 -20.98 -13.49 24.66
N ALA G 36 -21.92 -13.19 25.56
CA ALA G 36 -23.32 -13.10 25.17
C ALA G 36 -23.61 -11.82 24.39
N GLY G 37 -23.06 -10.70 24.83
CA GLY G 37 -23.33 -9.43 24.17
C GLY G 37 -22.50 -9.14 22.95
N ALA G 38 -21.46 -9.93 22.70
CA ALA G 38 -20.63 -9.72 21.51
C ALA G 38 -21.36 -9.93 20.18
N PRO G 39 -22.16 -10.99 19.96
CA PRO G 39 -22.91 -11.04 18.69
C PRO G 39 -23.98 -9.97 18.56
N VAL G 40 -24.56 -9.54 19.68
CA VAL G 40 -25.52 -8.44 19.67
C VAL G 40 -24.85 -7.15 19.20
N TYR G 41 -23.68 -6.86 19.77
CA TYR G 41 -22.95 -5.65 19.44
C TYR G 41 -22.46 -5.68 17.99
N LEU G 42 -21.96 -6.84 17.54
CA LEU G 42 -21.44 -6.94 16.19
C LEU G 42 -22.56 -6.89 15.16
N ALA G 43 -23.71 -7.50 15.46
CA ALA G 43 -24.86 -7.41 14.56
C ALA G 43 -25.38 -5.98 14.48
N ALA G 44 -25.37 -5.24 15.60
CA ALA G 44 -25.77 -3.85 15.59
C ALA G 44 -24.84 -2.99 14.76
N VAL G 45 -23.52 -3.23 14.86
CA VAL G 45 -22.55 -2.46 14.09
C VAL G 45 -22.68 -2.76 12.60
N LEU G 46 -22.86 -4.04 12.25
CA LEU G 46 -23.05 -4.42 10.85
C LEU G 46 -24.33 -3.85 10.27
N GLU G 47 -25.41 -3.85 11.07
CA GLU G 47 -26.67 -3.28 10.62
C GLU G 47 -26.57 -1.77 10.43
N TYR G 48 -25.83 -1.08 11.32
CA TYR G 48 -25.63 0.36 11.15
C TYR G 48 -24.85 0.68 9.89
N LEU G 49 -23.77 -0.07 9.62
CA LEU G 49 -22.96 0.20 8.43
C LEU G 49 -23.74 -0.09 7.15
N THR G 50 -24.53 -1.16 7.17
CA THR G 50 -25.42 -1.47 6.05
C THR G 50 -26.45 -0.36 5.85
N ALA G 51 -26.97 0.19 6.95
CA ALA G 51 -27.95 1.27 6.87
C ALA G 51 -27.35 2.53 6.26
N GLU G 52 -26.11 2.86 6.64
CA GLU G 52 -25.45 4.05 6.11
C GLU G 52 -25.20 3.93 4.61
N ILE G 53 -24.63 2.80 4.18
CA ILE G 53 -24.34 2.63 2.75
C ILE G 53 -25.62 2.50 1.93
N LEU G 54 -26.64 1.84 2.48
CA LEU G 54 -27.89 1.68 1.73
C LEU G 54 -28.64 3.01 1.61
N GLU G 55 -28.58 3.86 2.64
CA GLU G 55 -29.21 5.16 2.55
C GLU G 55 -28.48 6.06 1.54
N LEU G 56 -27.14 6.05 1.57
CA LEU G 56 -26.39 6.87 0.62
C LEU G 56 -26.56 6.36 -0.81
N ALA G 57 -26.65 5.04 -0.99
CA ALA G 57 -26.86 4.47 -2.32
C ALA G 57 -28.28 4.72 -2.81
N GLY G 58 -29.27 4.74 -1.92
CA GLY G 58 -30.61 5.10 -2.31
C GLY G 58 -30.71 6.56 -2.72
N ASN G 59 -29.97 7.44 -2.02
CA ASN G 59 -29.89 8.84 -2.45
C ASN G 59 -29.20 8.96 -3.81
N ALA G 60 -28.17 8.15 -4.04
CA ALA G 60 -27.49 8.16 -5.33
C ALA G 60 -28.39 7.65 -6.46
N ALA G 61 -29.21 6.64 -6.17
CA ALA G 61 -30.16 6.15 -7.17
C ALA G 61 -31.27 7.15 -7.42
N ARG G 62 -31.70 7.88 -6.39
CA ARG G 62 -32.72 8.90 -6.57
C ARG G 62 -32.20 10.08 -7.38
N ASP G 63 -30.93 10.46 -7.18
CA ASP G 63 -30.38 11.58 -7.93
C ASP G 63 -30.09 11.23 -9.38
N ASN G 64 -30.02 9.94 -9.72
CA ASN G 64 -29.86 9.51 -11.10
C ASN G 64 -31.17 9.03 -11.71
N LYS G 65 -32.30 9.32 -11.05
CA LYS G 65 -33.66 9.07 -11.55
C LYS G 65 -33.90 7.57 -11.79
N LYS G 66 -33.49 6.75 -10.83
CA LYS G 66 -33.68 5.31 -10.89
C LYS G 66 -34.26 4.81 -9.58
N THR G 67 -34.95 3.68 -9.64
CA THR G 67 -35.62 3.11 -8.49
C THR G 67 -34.95 1.84 -7.96
N ARG G 68 -33.90 1.37 -8.60
CA ARG G 68 -33.15 0.21 -8.14
C ARG G 68 -31.68 0.56 -7.98
N ILE G 69 -31.08 0.11 -6.89
CA ILE G 69 -29.67 0.37 -6.63
C ILE G 69 -28.83 -0.61 -7.45
N ILE G 70 -27.92 -0.06 -8.25
CA ILE G 70 -27.01 -0.85 -9.08
C ILE G 70 -25.63 -0.72 -8.44
N PRO G 71 -24.62 -1.48 -8.88
CA PRO G 71 -23.26 -1.26 -8.34
C PRO G 71 -22.68 0.13 -8.54
N ARG G 72 -23.11 0.85 -9.58
CA ARG G 72 -22.66 2.23 -9.80
C ARG G 72 -23.11 3.14 -8.67
N HIS G 73 -24.33 2.95 -8.18
CA HIS G 73 -24.83 3.77 -7.08
C HIS G 73 -24.10 3.48 -5.78
N LEU G 74 -23.78 2.21 -5.53
CA LEU G 74 -22.99 1.84 -4.36
C LEU G 74 -21.58 2.43 -4.44
N GLN G 75 -20.98 2.40 -5.63
CA GLN G 75 -19.65 2.97 -5.82
C GLN G 75 -19.66 4.48 -5.61
N LEU G 76 -20.67 5.17 -6.15
CA LEU G 76 -20.77 6.62 -5.98
C LEU G 76 -21.00 6.99 -4.52
N ALA G 77 -21.83 6.23 -3.82
CA ALA G 77 -22.09 6.46 -2.41
C ALA G 77 -20.85 6.23 -1.55
N VAL G 78 -20.09 5.18 -1.85
CA VAL G 78 -18.90 4.87 -1.06
C VAL G 78 -17.80 5.91 -1.33
N ARG G 79 -17.55 6.21 -2.60
CA ARG G 79 -16.45 7.12 -2.94
C ARG G 79 -16.76 8.57 -2.64
N ASN G 80 -18.03 8.96 -2.54
CA ASN G 80 -18.34 10.34 -2.24
C ASN G 80 -18.40 10.63 -0.74
N ASP G 81 -18.36 9.61 0.10
CA ASP G 81 -18.30 9.77 1.55
C ASP G 81 -16.92 9.36 2.02
N GLU G 82 -16.18 10.30 2.62
CA GLU G 82 -14.75 10.11 2.85
C GLU G 82 -14.46 9.08 3.93
N GLU G 83 -15.33 8.94 4.93
CA GLU G 83 -15.12 7.92 5.95
C GLU G 83 -15.37 6.53 5.39
N LEU G 84 -16.43 6.37 4.60
CA LEU G 84 -16.64 5.11 3.89
C LEU G 84 -15.64 4.91 2.77
N ASN G 85 -15.07 5.99 2.24
CA ASN G 85 -14.03 5.85 1.22
C ASN G 85 -12.75 5.30 1.83
N LYS G 86 -12.37 5.76 3.02
CA LYS G 86 -11.15 5.25 3.62
C LYS G 86 -11.38 3.98 4.43
N LEU G 87 -12.63 3.63 4.71
CA LEU G 87 -12.90 2.28 5.22
C LEU G 87 -12.72 1.24 4.12
N LEU G 88 -13.08 1.58 2.90
CA LEU G 88 -12.99 0.70 1.74
C LEU G 88 -11.98 1.24 0.72
N GLY G 89 -10.83 1.69 1.20
CA GLY G 89 -9.82 2.24 0.31
C GLY G 89 -9.18 1.19 -0.58
N ARG G 90 -8.89 0.01 -0.03
CA ARG G 90 -8.29 -1.09 -0.79
C ARG G 90 -9.34 -2.06 -1.31
N VAL G 91 -10.54 -1.58 -1.59
CA VAL G 91 -11.66 -2.42 -1.99
C VAL G 91 -12.11 -2.01 -3.38
N THR G 92 -12.21 -2.99 -4.28
CA THR G 92 -12.68 -2.77 -5.64
C THR G 92 -14.11 -3.26 -5.75
N ILE G 93 -15.00 -2.38 -6.22
CA ILE G 93 -16.40 -2.71 -6.44
C ILE G 93 -16.58 -3.01 -7.92
N ALA G 94 -17.04 -4.21 -8.24
CA ALA G 94 -17.20 -4.62 -9.63
C ALA G 94 -18.38 -3.92 -10.26
N GLN G 95 -18.22 -3.55 -11.54
CA GLN G 95 -19.20 -2.79 -12.33
C GLN G 95 -19.57 -1.47 -11.66
N GLY G 96 -18.57 -0.82 -11.05
CA GLY G 96 -18.81 0.41 -10.34
C GLY G 96 -18.24 1.64 -11.02
N GLY G 97 -17.20 1.46 -11.82
CA GLY G 97 -16.59 2.61 -12.47
C GLY G 97 -15.77 3.44 -11.51
N VAL G 98 -15.66 4.74 -11.81
CA VAL G 98 -14.88 5.68 -11.03
C VAL G 98 -15.70 6.94 -10.80
N LEU G 99 -15.19 7.79 -9.91
CA LEU G 99 -15.78 9.10 -9.72
C LEU G 99 -15.47 9.98 -10.93
N PRO G 100 -16.45 10.66 -11.52
CA PRO G 100 -16.17 11.54 -12.66
C PRO G 100 -15.48 12.82 -12.24
N ASN G 101 -14.19 12.94 -12.52
CA ASN G 101 -13.48 14.19 -12.31
C ASN G 101 -12.38 14.36 -13.35
N ILE G 102 -12.13 15.62 -13.71
CA ILE G 102 -11.07 16.00 -14.65
C ILE G 102 -10.19 17.01 -13.94
N GLN G 103 -8.88 16.86 -14.08
CA GLN G 103 -7.93 17.80 -13.50
C GLN G 103 -8.04 19.15 -14.20
N SER G 104 -7.80 20.22 -13.43
CA SER G 104 -8.08 21.58 -13.89
C SER G 104 -7.10 22.05 -14.96
N VAL G 105 -5.92 21.44 -15.05
CA VAL G 105 -4.97 21.84 -16.09
C VAL G 105 -5.35 21.27 -17.46
N LEU G 106 -6.24 20.28 -17.50
CA LEU G 106 -6.69 19.70 -18.76
C LEU G 106 -7.89 20.41 -19.35
N LEU G 107 -8.50 21.34 -18.61
CA LEU G 107 -9.58 22.15 -19.14
C LEU G 107 -9.03 23.13 -20.18
N PRO G 108 -9.83 23.45 -21.23
CA PRO G 108 -9.29 24.27 -22.34
C PRO G 108 -8.94 25.70 -21.97
N LYS G 109 -9.90 26.42 -21.39
CA LYS G 109 -9.69 27.82 -21.03
C LYS G 109 -10.57 28.14 -19.83
N LYS G 110 -10.76 29.44 -19.58
CA LYS G 110 -11.58 29.91 -18.48
C LYS G 110 -13.06 29.61 -18.72
N ARG H 2 -30.51 -22.96 0.06
CA ARG H 2 -29.56 -23.17 1.14
C ARG H 2 -28.19 -22.64 0.74
N LYS H 3 -28.06 -21.32 0.68
CA LYS H 3 -26.81 -20.67 0.29
C LYS H 3 -26.15 -19.88 1.41
N GLU H 4 -26.89 -19.59 2.49
CA GLU H 4 -26.41 -18.94 3.71
C GLU H 4 -25.84 -17.54 3.39
N SER H 5 -26.75 -16.68 2.96
CA SER H 5 -26.42 -15.33 2.56
C SER H 5 -26.97 -14.32 3.58
N TYR H 6 -26.76 -13.04 3.29
CA TYR H 6 -27.21 -11.94 4.13
C TYR H 6 -28.28 -11.10 3.44
N ALA H 7 -28.93 -11.64 2.40
CA ALA H 7 -29.70 -10.83 1.47
C ALA H 7 -30.99 -10.30 2.09
N ILE H 8 -31.68 -11.12 2.90
CA ILE H 8 -32.98 -10.72 3.43
C ILE H 8 -32.83 -9.63 4.49
N TYR H 9 -31.77 -9.68 5.29
CA TYR H 9 -31.57 -8.68 6.32
C TYR H 9 -31.14 -7.34 5.71
N VAL H 10 -30.32 -7.40 4.66
CA VAL H 10 -29.97 -6.20 3.91
C VAL H 10 -31.20 -5.62 3.24
N TYR H 11 -32.10 -6.48 2.76
CA TYR H 11 -33.36 -6.02 2.18
C TYR H 11 -34.26 -5.35 3.20
N LYS H 12 -34.35 -5.90 4.41
CA LYS H 12 -35.16 -5.26 5.46
C LYS H 12 -34.56 -3.93 5.90
N VAL H 13 -33.24 -3.84 5.96
CA VAL H 13 -32.57 -2.57 6.27
C VAL H 13 -32.81 -1.54 5.17
N LEU H 14 -32.80 -2.01 3.91
CA LEU H 14 -33.10 -1.13 2.78
C LEU H 14 -34.52 -0.61 2.82
N LYS H 15 -35.47 -1.48 3.17
CA LYS H 15 -36.87 -1.03 3.31
C LYS H 15 -37.05 -0.12 4.51
N GLN H 16 -36.17 -0.22 5.51
CA GLN H 16 -36.18 0.77 6.59
C GLN H 16 -35.71 2.13 6.10
N VAL H 17 -34.60 2.18 5.37
CA VAL H 17 -34.05 3.48 4.98
C VAL H 17 -34.68 4.01 3.68
N HIS H 18 -35.16 3.14 2.80
CA HIS H 18 -35.75 3.56 1.53
C HIS H 18 -36.85 2.58 1.19
N PRO H 19 -38.09 2.87 1.61
CA PRO H 19 -39.17 1.89 1.48
C PRO H 19 -39.64 1.67 0.04
N ASP H 20 -39.28 2.53 -0.90
CA ASP H 20 -39.72 2.41 -2.28
C ASP H 20 -38.57 2.23 -3.27
N THR H 21 -37.42 1.74 -2.79
CA THR H 21 -36.24 1.56 -3.63
C THR H 21 -35.86 0.08 -3.63
N GLY H 22 -35.65 -0.46 -4.83
CA GLY H 22 -35.22 -1.84 -4.99
C GLY H 22 -33.71 -1.95 -5.00
N ILE H 23 -33.24 -3.16 -5.33
CA ILE H 23 -31.82 -3.45 -5.38
C ILE H 23 -31.61 -4.58 -6.39
N SER H 24 -30.54 -4.47 -7.17
CA SER H 24 -30.21 -5.52 -8.14
C SER H 24 -29.51 -6.68 -7.45
N CYS H 25 -29.30 -7.76 -8.21
CA CYS H 25 -28.66 -8.94 -7.66
C CYS H 25 -27.16 -8.72 -7.45
N LYS H 26 -26.52 -8.00 -8.37
CA LYS H 26 -25.09 -7.71 -8.23
C LYS H 26 -24.83 -6.78 -7.06
N ALA H 27 -25.70 -5.78 -6.86
CA ALA H 27 -25.58 -4.89 -5.71
C ALA H 27 -25.81 -5.64 -4.40
N MET H 28 -26.73 -6.61 -4.41
CA MET H 28 -26.97 -7.44 -3.23
C MET H 28 -25.75 -8.32 -2.94
N SER H 29 -25.10 -8.84 -3.98
CA SER H 29 -23.88 -9.62 -3.79
C SER H 29 -22.75 -8.75 -3.24
N ILE H 30 -22.66 -7.51 -3.70
CA ILE H 30 -21.66 -6.57 -3.19
C ILE H 30 -21.92 -6.25 -1.73
N MET H 31 -23.19 -6.06 -1.36
CA MET H 31 -23.54 -5.79 0.03
C MET H 31 -23.25 -6.98 0.93
N ASN H 32 -23.53 -8.20 0.46
CA ASN H 32 -23.21 -9.40 1.22
C ASN H 32 -21.70 -9.56 1.41
N SER H 33 -20.92 -9.27 0.37
CA SER H 33 -19.46 -9.31 0.48
C SER H 33 -18.95 -8.24 1.44
N PHE H 34 -19.58 -7.07 1.46
CA PHE H 34 -19.20 -6.01 2.39
C PHE H 34 -19.47 -6.42 3.83
N VAL H 35 -20.63 -7.01 4.09
CA VAL H 35 -20.98 -7.43 5.44
C VAL H 35 -20.04 -8.53 5.92
N ASN H 36 -19.71 -9.48 5.03
CA ASN H 36 -18.75 -10.54 5.36
C ASN H 36 -17.36 -9.97 5.64
N ASP H 37 -16.93 -8.99 4.84
CA ASP H 37 -15.63 -8.37 5.02
C ASP H 37 -15.55 -7.63 6.35
N VAL H 38 -16.58 -6.86 6.68
CA VAL H 38 -16.57 -6.11 7.94
C VAL H 38 -16.65 -7.06 9.14
N PHE H 39 -17.42 -8.15 8.99
CA PHE H 39 -17.49 -9.18 10.02
C PHE H 39 -16.12 -9.79 10.29
N GLU H 40 -15.40 -10.17 9.24
CA GLU H 40 -14.12 -10.83 9.46
C GLU H 40 -13.04 -9.86 9.92
N ARG H 41 -13.11 -8.58 9.51
CA ARG H 41 -12.17 -7.58 10.03
C ARG H 41 -12.38 -7.34 11.52
N ILE H 42 -13.64 -7.12 11.94
CA ILE H 42 -13.91 -6.83 13.34
C ILE H 42 -13.65 -8.06 14.21
N ALA H 43 -14.01 -9.25 13.71
CA ALA H 43 -13.78 -10.48 14.47
C ALA H 43 -12.29 -10.81 14.57
N GLY H 44 -11.51 -10.55 13.52
CA GLY H 44 -10.08 -10.76 13.61
C GLY H 44 -9.40 -9.77 14.54
N GLU H 45 -9.83 -8.51 14.52
CA GLU H 45 -9.26 -7.52 15.44
C GLU H 45 -9.63 -7.82 16.89
N ALA H 46 -10.86 -8.29 17.13
CA ALA H 46 -11.26 -8.67 18.48
C ALA H 46 -10.55 -9.94 18.94
N SER H 47 -10.30 -10.88 18.02
CA SER H 47 -9.53 -12.07 18.36
C SER H 47 -8.09 -11.70 18.74
N ARG H 48 -7.48 -10.79 17.98
CA ARG H 48 -6.15 -10.32 18.31
C ARG H 48 -6.13 -9.57 19.63
N LEU H 49 -7.17 -8.77 19.91
CA LEU H 49 -7.26 -8.05 21.18
C LEU H 49 -7.42 -9.00 22.35
N ALA H 50 -8.17 -10.09 22.18
CA ALA H 50 -8.29 -11.08 23.23
C ALA H 50 -6.98 -11.84 23.44
N HIS H 51 -6.26 -12.12 22.36
CA HIS H 51 -4.98 -12.82 22.49
C HIS H 51 -3.91 -11.94 23.10
N TYR H 52 -3.97 -10.62 22.87
CA TYR H 52 -2.98 -9.69 23.41
C TYR H 52 -3.10 -9.55 24.92
N ASN H 53 -4.32 -9.69 25.44
CA ASN H 53 -4.58 -9.49 26.86
C ASN H 53 -4.70 -10.79 27.63
N LYS H 54 -4.30 -11.90 27.02
CA LYS H 54 -4.30 -13.25 27.62
C LYS H 54 -5.70 -13.67 28.06
N ARG H 55 -6.70 -13.32 27.26
CA ARG H 55 -8.09 -13.60 27.57
C ARG H 55 -8.61 -14.69 26.63
N SER H 56 -9.35 -15.65 27.19
CA SER H 56 -9.88 -16.76 26.43
C SER H 56 -11.24 -16.48 25.83
N THR H 57 -11.81 -15.30 26.06
CA THR H 57 -13.17 -15.00 25.62
C THR H 57 -13.19 -13.70 24.82
N ILE H 58 -14.19 -13.59 23.96
CA ILE H 58 -14.48 -12.36 23.23
C ILE H 58 -15.79 -11.81 23.77
N THR H 59 -15.73 -10.60 24.32
CA THR H 59 -16.87 -9.95 24.92
C THR H 59 -17.27 -8.75 24.06
N SER H 60 -18.24 -7.97 24.56
CA SER H 60 -18.62 -6.76 23.86
C SER H 60 -17.56 -5.67 23.97
N ARG H 61 -16.69 -5.75 24.97
CA ARG H 61 -15.58 -4.80 25.09
C ARG H 61 -14.57 -4.99 23.96
N GLU H 62 -14.27 -6.23 23.60
CA GLU H 62 -13.35 -6.50 22.49
C GLU H 62 -13.94 -6.07 21.16
N ILE H 63 -15.24 -6.29 20.97
CA ILE H 63 -15.93 -5.84 19.76
C ILE H 63 -15.96 -4.32 19.69
N GLN H 64 -16.18 -3.66 20.84
CA GLN H 64 -16.16 -2.21 20.90
C GLN H 64 -14.79 -1.64 20.58
N THR H 65 -13.74 -2.26 21.11
CA THR H 65 -12.39 -1.80 20.83
C THR H 65 -12.01 -2.03 19.37
N ALA H 66 -12.47 -3.15 18.79
CA ALA H 66 -12.23 -3.41 17.37
C ALA H 66 -12.96 -2.42 16.49
N VAL H 67 -14.17 -2.00 16.90
CA VAL H 67 -14.92 -0.99 16.17
C VAL H 67 -14.21 0.37 16.23
N ARG H 68 -13.74 0.76 17.42
CA ARG H 68 -12.99 2.01 17.54
C ARG H 68 -11.62 1.95 16.86
N LEU H 69 -11.07 0.75 16.64
CA LEU H 69 -9.80 0.64 15.95
C LEU H 69 -9.99 0.69 14.43
N LEU H 70 -11.00 0.01 13.90
CA LEU H 70 -11.14 -0.12 12.45
C LEU H 70 -11.93 1.01 11.83
N LEU H 71 -13.08 1.36 12.41
CA LEU H 71 -13.91 2.38 11.79
C LEU H 71 -13.35 3.78 12.06
N PRO H 72 -13.34 4.65 11.05
CA PRO H 72 -12.79 6.00 11.24
C PRO H 72 -13.82 7.07 11.57
N GLY H 73 -13.47 7.98 12.47
CA GLY H 73 -14.21 9.23 12.62
C GLY H 73 -15.57 9.05 13.28
N GLU H 74 -16.58 9.70 12.69
CA GLU H 74 -17.94 9.65 13.21
C GLU H 74 -18.58 8.29 13.04
N LEU H 75 -18.10 7.49 12.08
CA LEU H 75 -18.57 6.12 11.91
C LEU H 75 -18.28 5.30 13.16
N ALA H 76 -17.10 5.49 13.75
CA ALA H 76 -16.71 4.75 14.94
C ALA H 76 -17.62 5.07 16.12
N LYS H 77 -17.80 6.35 16.42
CA LYS H 77 -18.58 6.72 17.60
C LYS H 77 -20.07 6.46 17.41
N HIS H 78 -20.57 6.57 16.18
CA HIS H 78 -21.98 6.26 15.94
C HIS H 78 -22.23 4.75 16.01
N ALA H 79 -21.28 3.94 15.53
CA ALA H 79 -21.40 2.50 15.66
C ALA H 79 -21.27 2.06 17.11
N VAL H 80 -20.43 2.73 17.90
CA VAL H 80 -20.34 2.45 19.34
C VAL H 80 -21.65 2.77 20.04
N SER H 81 -22.27 3.91 19.70
CA SER H 81 -23.57 4.24 20.30
C SER H 81 -24.65 3.26 19.89
N GLU H 82 -24.64 2.82 18.63
CA GLU H 82 -25.62 1.85 18.13
C GLU H 82 -25.49 0.51 18.86
N GLY H 83 -24.25 -0.02 18.91
CA GLY H 83 -24.02 -1.29 19.57
C GLY H 83 -24.25 -1.23 21.07
N THR H 84 -23.92 -0.10 21.69
CA THR H 84 -24.12 0.06 23.13
C THR H 84 -25.61 0.09 23.47
N LYS H 85 -26.42 0.81 22.69
CA LYS H 85 -27.84 0.82 23.03
C LYS H 85 -28.51 -0.51 22.64
N ALA H 86 -27.95 -1.24 21.67
CA ALA H 86 -28.48 -2.57 21.37
C ALA H 86 -28.17 -3.55 22.49
N VAL H 87 -26.96 -3.49 23.05
CA VAL H 87 -26.60 -4.34 24.17
C VAL H 87 -27.43 -3.99 25.41
N THR H 88 -27.68 -2.69 25.61
CA THR H 88 -28.51 -2.24 26.73
C THR H 88 -29.96 -2.73 26.58
N LYS H 89 -30.50 -2.68 25.35
CA LYS H 89 -31.84 -3.17 25.10
C LYS H 89 -31.92 -4.68 25.24
N TYR H 90 -30.87 -5.40 24.82
CA TYR H 90 -30.87 -6.85 24.89
C TYR H 90 -30.75 -7.34 26.34
N THR H 91 -29.98 -6.63 27.16
CA THR H 91 -29.80 -7.03 28.55
C THR H 91 -31.07 -6.80 29.36
N SER H 92 -31.68 -5.62 29.23
CA SER H 92 -32.91 -5.30 29.94
C SER H 92 -34.09 -5.81 29.11
N ALA H 93 -34.30 -7.12 29.17
CA ALA H 93 -35.38 -7.76 28.44
C ALA H 93 -34.86 -8.89 27.57
N PRO I 3 40.05 33.32 2.39
CA PRO I 3 39.03 32.53 3.07
C PRO I 3 38.64 31.28 2.29
N HIS I 4 38.80 30.12 2.90
CA HIS I 4 38.46 28.86 2.26
C HIS I 4 36.95 28.64 2.28
N ARG I 5 36.39 28.31 1.12
CA ARG I 5 34.97 28.06 0.97
C ARG I 5 34.76 26.79 0.16
N TYR I 6 33.62 26.16 0.36
CA TYR I 6 33.19 25.03 -0.46
C TYR I 6 32.04 25.48 -1.36
N ARG I 7 31.96 24.87 -2.54
CA ARG I 7 30.87 25.16 -3.44
C ARG I 7 29.57 24.59 -2.89
N PRO I 8 28.42 25.22 -3.19
CA PRO I 8 27.14 24.73 -2.64
C PRO I 8 26.72 23.40 -3.23
N GLY I 9 26.80 22.35 -2.42
CA GLY I 9 26.40 21.02 -2.87
C GLY I 9 27.33 19.91 -2.43
N THR I 10 28.63 20.19 -2.31
CA THR I 10 29.55 19.14 -1.89
C THR I 10 29.43 18.86 -0.40
N VAL I 11 29.09 19.88 0.41
CA VAL I 11 28.80 19.65 1.82
C VAL I 11 27.52 18.85 1.98
N ALA I 12 26.54 19.10 1.10
CA ALA I 12 25.30 18.32 1.10
C ALA I 12 25.55 16.87 0.75
N LEU I 13 26.42 16.61 -0.23
CA LEU I 13 26.80 15.23 -0.56
C LEU I 13 27.56 14.57 0.58
N ARG I 14 28.41 15.33 1.28
CA ARG I 14 29.11 14.79 2.43
C ARG I 14 28.15 14.44 3.56
N GLU I 15 27.13 15.26 3.78
CA GLU I 15 26.12 14.94 4.79
C GLU I 15 25.24 13.76 4.38
N ILE I 16 24.94 13.62 3.08
CA ILE I 16 24.19 12.46 2.60
C ILE I 16 24.98 11.18 2.82
N ARG I 17 26.30 11.23 2.52
CA ARG I 17 27.14 10.07 2.76
C ARG I 17 27.33 9.78 4.24
N ARG I 18 27.34 10.82 5.08
CA ARG I 18 27.52 10.64 6.51
C ARG I 18 26.27 10.04 7.15
N TYR I 19 25.09 10.58 6.85
CA TYR I 19 23.89 10.16 7.54
C TYR I 19 23.26 8.90 6.96
N GLN I 20 23.67 8.48 5.76
CA GLN I 20 23.25 7.18 5.26
C GLN I 20 24.14 6.05 5.77
N LYS I 21 25.28 6.37 6.37
CA LYS I 21 26.14 5.39 7.02
C LYS I 21 25.75 5.19 8.47
N SER I 22 25.34 6.26 9.15
CA SER I 22 25.01 6.22 10.56
C SER I 22 23.65 5.55 10.77
N THR I 23 23.38 5.19 12.03
CA THR I 23 22.13 4.53 12.39
C THR I 23 21.38 5.17 13.55
N GLU I 24 21.95 6.19 14.18
CA GLU I 24 21.27 6.80 15.31
C GLU I 24 20.11 7.66 14.85
N LEU I 25 19.24 7.99 15.80
CA LEU I 25 18.09 8.83 15.50
C LEU I 25 18.52 10.28 15.36
N LEU I 26 17.91 10.98 14.40
CA LEU I 26 18.30 12.32 14.03
C LEU I 26 17.45 13.40 14.69
N ILE I 27 16.51 13.01 15.54
CA ILE I 27 15.69 13.94 16.30
C ILE I 27 16.04 13.77 17.78
N ARG I 28 16.14 14.89 18.49
CA ARG I 28 16.50 14.86 19.90
C ARG I 28 15.39 14.22 20.73
N LYS I 29 15.76 13.73 21.91
CA LYS I 29 14.89 12.88 22.71
C LYS I 29 13.78 13.69 23.39
N LEU I 30 14.15 14.71 24.15
CA LEU I 30 13.17 15.52 24.86
C LEU I 30 12.17 16.29 23.99
N PRO I 31 12.53 16.96 22.88
CA PRO I 31 11.47 17.56 22.04
C PRO I 31 10.50 16.56 21.46
N PHE I 32 10.98 15.37 21.08
CA PHE I 32 10.07 14.36 20.58
C PHE I 32 9.18 13.81 21.67
N GLN I 33 9.71 13.66 22.89
CA GLN I 33 8.92 13.20 24.01
C GLN I 33 7.84 14.22 24.39
N ARG I 34 8.19 15.51 24.35
CA ARG I 34 7.21 16.56 24.61
C ARG I 34 6.13 16.59 23.54
N LEU I 35 6.51 16.40 22.27
CA LEU I 35 5.53 16.35 21.18
C LEU I 35 4.60 15.15 21.32
N VAL I 36 5.16 13.99 21.70
CA VAL I 36 4.35 12.79 21.92
C VAL I 36 3.37 12.98 23.05
N ARG I 37 3.82 13.61 24.15
CA ARG I 37 2.92 13.84 25.29
C ARG I 37 1.83 14.85 24.96
N GLU I 38 2.17 15.89 24.19
CA GLU I 38 1.16 16.87 23.76
C GLU I 38 0.12 16.24 22.83
N ILE I 39 0.56 15.38 21.91
CA ILE I 39 -0.39 14.72 21.02
C ILE I 39 -1.24 13.72 21.80
N ALA I 40 -0.65 13.03 22.77
CA ALA I 40 -1.37 12.01 23.52
C ALA I 40 -2.36 12.59 24.50
N GLN I 41 -2.11 13.79 25.04
CA GLN I 41 -3.06 14.36 26.00
C GLN I 41 -4.34 14.87 25.36
N ASP I 42 -4.41 14.93 24.04
CA ASP I 42 -5.65 15.27 23.35
C ASP I 42 -6.60 14.09 23.22
N PHE I 43 -6.13 12.87 23.47
CA PHE I 43 -6.97 11.68 23.41
C PHE I 43 -7.43 11.24 24.80
N LYS I 44 -6.48 11.02 25.70
CA LYS I 44 -6.78 10.63 27.07
C LYS I 44 -5.95 11.48 28.01
N THR I 45 -6.59 12.06 29.02
CA THR I 45 -5.87 12.80 30.04
C THR I 45 -5.18 11.83 31.00
N ASP I 46 -4.09 12.31 31.61
CA ASP I 46 -3.28 11.58 32.59
C ASP I 46 -2.74 10.27 32.02
N LEU I 47 -1.92 10.40 30.97
CA LEU I 47 -1.29 9.25 30.34
C LEU I 47 0.17 9.17 30.78
N ARG I 48 0.56 8.04 31.31
CA ARG I 48 1.96 7.75 31.53
C ARG I 48 2.56 7.09 30.30
N PHE I 49 3.88 7.05 30.24
CA PHE I 49 4.58 6.56 29.06
C PHE I 49 5.81 5.79 29.49
N GLN I 50 5.97 4.59 28.95
CA GLN I 50 7.24 3.89 29.08
C GLN I 50 8.27 4.56 28.18
N SER I 51 9.54 4.40 28.53
CA SER I 51 10.61 4.97 27.71
C SER I 51 10.73 4.24 26.38
N SER I 52 10.53 2.92 26.39
CA SER I 52 10.62 2.14 25.15
C SER I 52 9.47 2.45 24.20
N ALA I 53 8.32 2.87 24.73
CA ALA I 53 7.22 3.31 23.88
C ALA I 53 7.59 4.58 23.12
N VAL I 54 8.23 5.52 23.79
CA VAL I 54 8.67 6.75 23.15
C VAL I 54 9.77 6.45 22.14
N MET I 55 10.66 5.50 22.44
CA MET I 55 11.71 5.13 21.50
C MET I 55 11.15 4.43 20.27
N ALA I 56 10.14 3.56 20.45
CA ALA I 56 9.52 2.90 19.32
C ALA I 56 8.76 3.88 18.44
N LEU I 57 8.04 4.83 19.07
CA LEU I 57 7.38 5.89 18.33
C LEU I 57 8.38 6.74 17.56
N GLN I 58 9.55 7.00 18.17
CA GLN I 58 10.59 7.75 17.49
C GLN I 58 11.09 7.02 16.26
N GLU I 59 11.49 5.75 16.42
CA GLU I 59 12.06 4.96 15.33
C GLU I 59 11.08 4.78 14.18
N ALA I 60 9.80 4.61 14.50
CA ALA I 60 8.76 4.62 13.47
C ALA I 60 8.67 5.96 12.77
N SER I 61 8.83 7.06 13.52
CA SER I 61 8.72 8.39 12.93
C SER I 61 9.88 8.70 11.98
N GLU I 62 11.13 8.40 12.40
CA GLU I 62 12.23 8.62 11.45
C GLU I 62 12.18 7.67 10.27
N ALA I 63 11.68 6.44 10.44
CA ALA I 63 11.56 5.53 9.30
C ALA I 63 10.55 6.07 8.29
N TYR I 64 9.39 6.52 8.77
CA TYR I 64 8.35 7.08 7.91
C TYR I 64 8.83 8.34 7.21
N LEU I 65 9.54 9.22 7.93
CA LEU I 65 9.98 10.46 7.33
C LEU I 65 11.13 10.25 6.35
N VAL I 66 12.02 9.28 6.60
CA VAL I 66 13.09 9.00 5.66
C VAL I 66 12.55 8.39 4.37
N ALA I 67 11.57 7.48 4.48
CA ALA I 67 10.95 6.93 3.28
C ALA I 67 10.16 7.99 2.50
N LEU I 68 9.48 8.89 3.23
CA LEU I 68 8.76 9.99 2.59
C LEU I 68 9.72 10.94 1.89
N PHE I 69 10.88 11.21 2.48
CA PHE I 69 11.86 12.08 1.83
C PHE I 69 12.51 11.40 0.64
N GLU I 70 12.63 10.08 0.65
CA GLU I 70 13.12 9.35 -0.52
C GLU I 70 12.14 9.48 -1.69
N ASP I 71 10.85 9.27 -1.43
CA ASP I 71 9.86 9.45 -2.50
C ASP I 71 9.73 10.91 -2.91
N THR I 72 9.93 11.85 -1.98
CA THR I 72 9.93 13.27 -2.31
C THR I 72 11.10 13.62 -3.23
N ASN I 73 12.27 13.04 -2.99
CA ASN I 73 13.42 13.24 -3.86
C ASN I 73 13.17 12.65 -5.24
N LEU I 74 12.49 11.51 -5.31
CA LEU I 74 12.12 10.95 -6.61
C LEU I 74 11.14 11.85 -7.36
N CYS I 75 10.19 12.45 -6.64
CA CYS I 75 9.25 13.40 -7.25
C CYS I 75 9.98 14.65 -7.75
N ALA I 76 10.96 15.14 -6.97
CA ALA I 76 11.68 16.34 -7.38
C ALA I 76 12.59 16.07 -8.57
N ILE I 77 13.20 14.89 -8.62
CA ILE I 77 14.05 14.52 -9.75
C ILE I 77 13.21 14.33 -11.01
N HIS I 78 12.01 13.76 -10.85
CA HIS I 78 11.11 13.57 -11.99
C HIS I 78 10.63 14.89 -12.57
N ALA I 79 10.54 15.95 -11.77
CA ALA I 79 10.17 17.27 -12.23
C ALA I 79 11.37 18.10 -12.68
N LYS I 80 12.50 17.45 -12.96
CA LYS I 80 13.75 18.08 -13.43
C LYS I 80 14.25 19.15 -12.47
N ARG I 81 14.24 18.80 -11.18
CA ARG I 81 14.71 19.68 -10.12
C ARG I 81 15.63 18.91 -9.20
N VAL I 82 16.45 19.64 -8.45
CA VAL I 82 17.25 19.07 -7.38
C VAL I 82 16.82 19.57 -6.02
N THR I 83 15.87 20.51 -5.97
CA THR I 83 15.35 21.05 -4.73
C THR I 83 13.94 20.48 -4.50
N ILE I 84 13.71 19.94 -3.31
CA ILE I 84 12.40 19.38 -3.01
C ILE I 84 11.45 20.50 -2.59
N MET I 85 10.20 20.36 -2.97
CA MET I 85 9.14 21.33 -2.74
C MET I 85 8.03 20.68 -1.93
N PRO I 86 7.18 21.47 -1.27
CA PRO I 86 6.00 20.87 -0.60
C PRO I 86 5.05 20.15 -1.53
N LYS I 87 4.97 20.56 -2.81
CA LYS I 87 4.15 19.83 -3.76
C LYS I 87 4.73 18.46 -4.09
N ASP I 88 6.04 18.28 -3.94
CA ASP I 88 6.62 16.95 -4.09
C ASP I 88 6.19 16.02 -2.96
N ILE I 89 6.12 16.54 -1.73
CA ILE I 89 5.61 15.76 -0.60
C ILE I 89 4.14 15.44 -0.81
N GLN I 90 3.38 16.41 -1.30
CA GLN I 90 1.96 16.19 -1.56
C GLN I 90 1.74 15.15 -2.65
N LEU I 91 2.55 15.18 -3.71
CA LEU I 91 2.44 14.18 -4.77
C LEU I 91 2.86 12.80 -4.28
N ALA I 92 3.90 12.72 -3.46
CA ALA I 92 4.33 11.44 -2.91
C ALA I 92 3.28 10.82 -2.01
N ARG I 93 2.66 11.64 -1.16
CA ARG I 93 1.60 11.14 -0.29
C ARG I 93 0.32 10.84 -1.05
N ARG I 94 0.09 11.53 -2.17
CA ARG I 94 -1.08 11.25 -3.00
C ARG I 94 -0.94 9.93 -3.74
N ILE I 95 0.23 9.69 -4.34
CA ILE I 95 0.46 8.43 -5.06
C ILE I 95 0.56 7.26 -4.08
N ARG I 96 1.18 7.49 -2.92
CA ARG I 96 1.27 6.44 -1.91
C ARG I 96 -0.10 6.10 -1.33
N GLY I 97 -1.02 7.06 -1.32
CA GLY I 97 -2.37 6.84 -0.88
C GLY I 97 -2.71 7.39 0.48
N GLU I 98 -1.77 8.07 1.14
CA GLU I 98 -2.03 8.62 2.46
C GLU I 98 -2.88 9.88 2.40
N ARG I 99 -2.65 10.72 1.38
CA ARG I 99 -3.41 11.97 1.27
C ARG I 99 -4.79 11.73 0.67
N ALA I 100 -4.82 11.25 -0.57
CA ALA I 100 -6.08 10.99 -1.26
C ALA I 100 -5.92 9.90 -2.31
N LYS J 1 -12.89 14.60 -47.03
CA LYS J 1 -12.51 15.98 -47.29
C LYS J 1 -13.66 16.92 -46.95
N LYS J 2 -13.86 17.18 -45.66
CA LYS J 2 -14.93 18.02 -45.16
C LYS J 2 -14.38 19.10 -44.25
N PRO J 3 -15.09 20.21 -44.11
CA PRO J 3 -14.59 21.29 -43.23
C PRO J 3 -14.95 21.06 -41.77
N HIS J 4 -14.66 22.07 -40.93
CA HIS J 4 -14.95 22.09 -39.49
C HIS J 4 -14.27 20.94 -38.76
N ARG J 5 -12.94 20.96 -38.80
CA ARG J 5 -12.15 20.04 -38.00
C ARG J 5 -12.13 20.49 -36.55
N TYR J 6 -12.03 19.52 -35.65
CA TYR J 6 -12.11 19.79 -34.22
C TYR J 6 -10.72 20.07 -33.67
N ARG J 7 -10.68 20.87 -32.61
CA ARG J 7 -9.40 21.20 -31.99
C ARG J 7 -8.83 19.98 -31.27
N PRO J 8 -7.51 19.78 -31.30
CA PRO J 8 -6.93 18.61 -30.63
C PRO J 8 -6.95 18.74 -29.12
N GLY J 9 -7.84 17.99 -28.47
CA GLY J 9 -7.94 18.04 -27.02
C GLY J 9 -9.37 18.06 -26.52
N THR J 10 -10.28 18.69 -27.25
CA THR J 10 -11.68 18.68 -26.83
C THR J 10 -12.35 17.34 -27.10
N VAL J 11 -11.88 16.61 -28.13
CA VAL J 11 -12.38 15.26 -28.37
C VAL J 11 -11.92 14.33 -27.26
N ALA J 12 -10.66 14.49 -26.82
CA ALA J 12 -10.15 13.69 -25.71
C ALA J 12 -10.87 14.01 -24.41
N LEU J 13 -11.25 15.29 -24.22
CA LEU J 13 -12.06 15.66 -23.06
C LEU J 13 -13.45 15.05 -23.14
N ARG J 14 -14.00 14.94 -24.37
CA ARG J 14 -15.30 14.28 -24.53
C ARG J 14 -15.22 12.79 -24.21
N GLU J 15 -14.15 12.11 -24.62
CA GLU J 15 -14.00 10.71 -24.23
C GLU J 15 -13.69 10.54 -22.74
N ILE J 16 -13.01 11.52 -22.12
CA ILE J 16 -12.79 11.48 -20.68
C ILE J 16 -14.12 11.59 -19.94
N ARG J 17 -14.97 12.53 -20.36
CA ARG J 17 -16.27 12.70 -19.74
C ARG J 17 -17.22 11.56 -20.07
N ARG J 18 -17.00 10.85 -21.18
CA ARG J 18 -17.86 9.73 -21.53
C ARG J 18 -17.48 8.47 -20.78
N TYR J 19 -16.20 8.11 -20.76
CA TYR J 19 -15.78 6.86 -20.16
C TYR J 19 -15.71 6.92 -18.64
N GLN J 20 -15.75 8.12 -18.04
CA GLN J 20 -15.87 8.21 -16.60
C GLN J 20 -17.30 8.12 -16.10
N LYS J 21 -18.28 8.25 -17.00
CA LYS J 21 -19.68 8.06 -16.65
C LYS J 21 -20.10 6.60 -16.74
N SER J 22 -19.62 5.90 -17.75
CA SER J 22 -20.01 4.51 -17.98
C SER J 22 -19.20 3.56 -17.10
N THR J 23 -19.70 2.34 -16.97
CA THR J 23 -19.10 1.35 -16.08
C THR J 23 -18.74 0.04 -16.76
N GLU J 24 -18.89 -0.07 -18.07
CA GLU J 24 -18.60 -1.35 -18.71
C GLU J 24 -17.10 -1.57 -18.84
N LEU J 25 -16.73 -2.82 -19.12
CA LEU J 25 -15.34 -3.17 -19.31
C LEU J 25 -14.83 -2.60 -20.64
N LEU J 26 -13.64 -2.01 -20.61
CA LEU J 26 -13.06 -1.35 -21.77
C LEU J 26 -12.15 -2.27 -22.58
N ILE J 27 -12.00 -3.52 -22.17
CA ILE J 27 -11.18 -4.49 -22.88
C ILE J 27 -12.11 -5.59 -23.39
N ARG J 28 -11.90 -6.00 -24.64
CA ARG J 28 -12.69 -7.08 -25.22
C ARG J 28 -12.45 -8.40 -24.50
N LYS J 29 -13.50 -9.21 -24.43
CA LYS J 29 -13.50 -10.38 -23.55
C LYS J 29 -12.60 -11.49 -24.06
N LEU J 30 -12.69 -11.81 -25.35
CA LEU J 30 -11.89 -12.90 -25.92
C LEU J 30 -10.38 -12.67 -25.91
N PRO J 31 -9.81 -11.49 -26.26
CA PRO J 31 -8.36 -11.32 -26.06
C PRO J 31 -7.93 -11.42 -24.61
N PHE J 32 -8.78 -10.99 -23.67
CA PHE J 32 -8.42 -11.13 -22.26
C PHE J 32 -8.44 -12.59 -21.82
N GLN J 33 -9.41 -13.37 -22.32
CA GLN J 33 -9.43 -14.81 -22.01
C GLN J 33 -8.19 -15.50 -22.58
N ARG J 34 -7.79 -15.14 -23.80
CA ARG J 34 -6.59 -15.72 -24.39
C ARG J 34 -5.34 -15.33 -23.62
N LEU J 35 -5.27 -14.07 -23.15
CA LEU J 35 -4.12 -13.62 -22.36
C LEU J 35 -4.05 -14.34 -21.02
N VAL J 36 -5.20 -14.51 -20.34
CA VAL J 36 -5.24 -15.21 -19.06
C VAL J 36 -4.84 -16.67 -19.23
N ARG J 37 -5.32 -17.32 -20.28
CA ARG J 37 -4.95 -18.72 -20.50
C ARG J 37 -3.48 -18.87 -20.87
N GLU J 38 -2.94 -17.94 -21.65
CA GLU J 38 -1.52 -17.97 -22.02
C GLU J 38 -0.62 -17.75 -20.81
N ILE J 39 -1.02 -16.85 -19.90
CA ILE J 39 -0.26 -16.64 -18.68
C ILE J 39 -0.38 -17.86 -17.76
N ALA J 40 -1.58 -18.43 -17.66
CA ALA J 40 -1.82 -19.51 -16.72
C ALA J 40 -1.23 -20.84 -17.14
N GLN J 41 -0.96 -21.06 -18.44
CA GLN J 41 -0.37 -22.35 -18.80
C GLN J 41 1.11 -22.43 -18.45
N ASP J 42 1.75 -21.31 -18.08
CA ASP J 42 3.12 -21.38 -17.60
C ASP J 42 3.19 -21.98 -16.20
N PHE J 43 2.23 -21.64 -15.34
CA PHE J 43 2.25 -22.13 -13.97
C PHE J 43 1.78 -23.58 -13.87
N LYS J 44 0.77 -23.95 -14.65
CA LYS J 44 0.23 -25.29 -14.60
C LYS J 44 -0.44 -25.63 -15.93
N THR J 45 -0.26 -26.86 -16.38
CA THR J 45 -0.88 -27.33 -17.60
C THR J 45 -2.25 -27.94 -17.29
N ASP J 46 -3.08 -28.02 -18.32
CA ASP J 46 -4.46 -28.54 -18.27
C ASP J 46 -5.30 -27.80 -17.24
N LEU J 47 -5.38 -26.48 -17.41
CA LEU J 47 -6.11 -25.62 -16.50
C LEU J 47 -7.43 -25.22 -17.15
N ARG J 48 -8.52 -25.47 -16.44
CA ARG J 48 -9.84 -25.02 -16.84
C ARG J 48 -10.18 -23.74 -16.09
N PHE J 49 -11.04 -22.92 -16.69
CA PHE J 49 -11.39 -21.63 -16.14
C PHE J 49 -12.89 -21.45 -16.13
N GLN J 50 -13.43 -21.07 -14.98
CA GLN J 50 -14.80 -20.58 -14.94
C GLN J 50 -14.86 -19.22 -15.62
N SER J 51 -16.04 -18.90 -16.17
CA SER J 51 -16.22 -17.59 -16.79
C SER J 51 -16.20 -16.47 -15.77
N SER J 52 -16.72 -16.72 -14.56
CA SER J 52 -16.72 -15.71 -13.52
C SER J 52 -15.32 -15.44 -13.00
N ALA J 53 -14.42 -16.44 -13.06
CA ALA J 53 -13.03 -16.21 -12.69
C ALA J 53 -12.34 -15.25 -13.64
N VAL J 54 -12.58 -15.41 -14.95
CA VAL J 54 -12.02 -14.51 -15.94
C VAL J 54 -12.65 -13.13 -15.83
N MET J 55 -13.94 -13.07 -15.49
CA MET J 55 -14.60 -11.78 -15.30
C MET J 55 -14.06 -11.05 -14.07
N ALA J 56 -13.79 -11.78 -12.99
CA ALA J 56 -13.18 -11.18 -11.81
C ALA J 56 -11.78 -10.68 -12.10
N LEU J 57 -11.00 -11.45 -12.87
CA LEU J 57 -9.67 -11.04 -13.29
C LEU J 57 -9.74 -9.78 -14.16
N GLN J 58 -10.73 -9.70 -15.04
CA GLN J 58 -10.87 -8.52 -15.91
C GLN J 58 -11.27 -7.29 -15.12
N GLU J 59 -12.19 -7.44 -14.15
CA GLU J 59 -12.59 -6.32 -13.29
C GLU J 59 -11.41 -5.80 -12.49
N ALA J 60 -10.63 -6.72 -11.89
CA ALA J 60 -9.49 -6.31 -11.08
C ALA J 60 -8.39 -5.68 -11.94
N SER J 61 -8.13 -6.24 -13.12
CA SER J 61 -7.10 -5.70 -14.00
C SER J 61 -7.47 -4.32 -14.53
N GLU J 62 -8.74 -4.11 -14.88
CA GLU J 62 -9.18 -2.81 -15.36
C GLU J 62 -9.15 -1.76 -14.24
N ALA J 63 -9.55 -2.15 -13.03
CA ALA J 63 -9.47 -1.22 -11.90
C ALA J 63 -8.03 -0.84 -11.57
N TYR J 64 -7.13 -1.83 -11.60
CA TYR J 64 -5.71 -1.57 -11.36
C TYR J 64 -5.11 -0.65 -12.41
N LEU J 65 -5.44 -0.87 -13.68
CA LEU J 65 -4.90 -0.04 -14.75
C LEU J 65 -5.47 1.37 -14.70
N VAL J 66 -6.74 1.53 -14.32
CA VAL J 66 -7.34 2.86 -14.23
C VAL J 66 -6.74 3.65 -13.08
N ALA J 67 -6.53 2.99 -11.92
CA ALA J 67 -5.89 3.67 -10.79
C ALA J 67 -4.44 4.02 -11.09
N LEU J 68 -3.72 3.14 -11.80
CA LEU J 68 -2.35 3.44 -12.20
C LEU J 68 -2.31 4.59 -13.20
N PHE J 69 -3.31 4.67 -14.08
CA PHE J 69 -3.34 5.79 -15.04
C PHE J 69 -3.68 7.10 -14.34
N GLU J 70 -4.49 7.07 -13.28
CA GLU J 70 -4.72 8.27 -12.49
C GLU J 70 -3.44 8.75 -11.80
N ASP J 71 -2.68 7.82 -11.20
CA ASP J 71 -1.41 8.21 -10.58
C ASP J 71 -0.39 8.68 -11.63
N THR J 72 -0.42 8.05 -12.81
CA THR J 72 0.45 8.45 -13.92
C THR J 72 0.11 9.86 -14.42
N ASN J 73 -1.18 10.18 -14.50
CA ASN J 73 -1.61 11.51 -14.90
C ASN J 73 -1.20 12.55 -13.87
N LEU J 74 -1.28 12.20 -12.58
CA LEU J 74 -0.78 13.11 -11.54
C LEU J 74 0.72 13.32 -11.65
N CYS J 75 1.46 12.26 -12.00
CA CYS J 75 2.90 12.37 -12.24
C CYS J 75 3.20 13.30 -13.41
N ALA J 76 2.43 13.17 -14.50
CA ALA J 76 2.67 13.99 -15.68
C ALA J 76 2.29 15.43 -15.46
N ILE J 77 1.23 15.68 -14.68
CA ILE J 77 0.83 17.04 -14.34
C ILE J 77 1.86 17.68 -13.43
N HIS J 78 2.45 16.89 -12.52
CA HIS J 78 3.49 17.40 -11.63
C HIS J 78 4.75 17.82 -12.38
N ALA J 79 5.03 17.19 -13.51
CA ALA J 79 6.20 17.53 -14.32
C ALA J 79 5.90 18.61 -15.36
N LYS J 80 4.83 19.39 -15.15
CA LYS J 80 4.39 20.48 -16.03
C LYS J 80 4.12 19.99 -17.45
N ARG J 81 3.50 18.83 -17.56
CA ARG J 81 3.13 18.23 -18.83
C ARG J 81 1.67 17.84 -18.81
N VAL J 82 1.11 17.57 -19.99
CA VAL J 82 -0.21 16.99 -20.13
C VAL J 82 -0.19 15.67 -20.88
N THR J 83 0.98 15.20 -21.29
CA THR J 83 1.15 13.92 -21.96
C THR J 83 1.80 12.93 -20.99
N ILE J 84 1.20 11.75 -20.87
CA ILE J 84 1.78 10.73 -20.02
C ILE J 84 2.87 9.98 -20.77
N MET J 85 3.92 9.61 -20.04
CA MET J 85 5.10 8.96 -20.57
C MET J 85 5.42 7.74 -19.71
N PRO J 86 6.23 6.80 -20.22
CA PRO J 86 6.61 5.64 -19.40
C PRO J 86 7.35 5.97 -18.11
N LYS J 87 8.06 7.10 -18.06
CA LYS J 87 8.71 7.50 -16.81
C LYS J 87 7.68 7.90 -15.76
N ASP J 88 6.51 8.38 -16.16
CA ASP J 88 5.45 8.68 -15.21
C ASP J 88 4.89 7.40 -14.59
N ILE J 89 4.70 6.36 -15.40
CA ILE J 89 4.27 5.05 -14.90
C ILE J 89 5.34 4.47 -13.97
N GLN J 90 6.61 4.61 -14.35
CA GLN J 90 7.70 4.11 -13.53
C GLN J 90 7.78 4.83 -12.19
N LEU J 91 7.59 6.14 -12.18
CA LEU J 91 7.60 6.89 -10.92
C LEU J 91 6.40 6.54 -10.05
N ALA J 92 5.22 6.37 -10.67
CA ALA J 92 4.03 6.00 -9.90
C ALA J 92 4.17 4.62 -9.27
N ARG J 93 4.72 3.67 -10.02
CA ARG J 93 4.91 2.33 -9.47
C ARG J 93 6.06 2.29 -8.46
N ARG J 94 7.04 3.19 -8.59
CA ARG J 94 8.11 3.27 -7.60
C ARG J 94 7.61 3.84 -6.29
N ILE J 95 6.80 4.91 -6.35
CA ILE J 95 6.25 5.51 -5.13
C ILE J 95 5.24 4.57 -4.49
N ARG J 96 4.45 3.86 -5.31
CA ARG J 96 3.49 2.89 -4.79
C ARG J 96 4.16 1.71 -4.08
N GLY J 97 5.41 1.41 -4.40
CA GLY J 97 6.12 0.31 -3.79
C GLY J 97 6.20 -0.94 -4.65
N GLU J 98 5.67 -0.91 -5.87
CA GLU J 98 5.76 -2.07 -6.74
C GLU J 98 7.16 -2.22 -7.32
N ARG J 99 7.80 -1.11 -7.67
CA ARG J 99 9.18 -1.11 -8.12
C ARG J 99 10.18 -0.93 -6.99
N ALA J 100 9.70 -0.68 -5.77
CA ALA J 100 10.59 -0.50 -4.62
C ALA J 100 10.73 -1.80 -3.84
N LYS K 1 35.02 -22.77 13.75
CA LYS K 1 35.94 -23.20 12.72
C LYS K 1 35.34 -23.04 11.33
N ILE K 2 34.78 -24.13 10.79
CA ILE K 2 34.17 -24.13 9.47
C ILE K 2 32.65 -24.14 9.64
N PRO K 3 31.91 -23.45 8.78
CA PRO K 3 30.44 -23.46 8.91
C PRO K 3 29.87 -24.80 8.46
N THR K 4 28.99 -25.37 9.28
CA THR K 4 28.36 -26.65 8.98
C THR K 4 27.12 -26.51 8.11
N ARG K 5 26.69 -25.29 7.82
CA ARG K 5 25.48 -25.06 7.04
C ARG K 5 25.76 -24.01 5.96
N PHE K 6 25.25 -24.25 4.77
CA PHE K 6 25.42 -23.37 3.63
C PHE K 6 24.09 -23.12 2.95
N SER K 7 24.06 -22.09 2.11
CA SER K 7 22.87 -21.71 1.37
C SER K 7 22.97 -22.21 -0.06
N ASN K 8 21.93 -22.92 -0.51
CA ASN K 8 21.87 -23.42 -1.88
C ASN K 8 21.27 -22.41 -2.85
N ARG K 9 20.79 -21.27 -2.36
CA ARG K 9 20.24 -20.25 -3.23
C ARG K 9 21.36 -19.52 -3.96
N GLN K 10 21.24 -19.41 -5.28
CA GLN K 10 22.30 -18.86 -6.12
C GLN K 10 22.16 -17.33 -6.30
N ASN K 11 22.01 -16.63 -5.19
CA ASN K 11 22.00 -15.18 -5.22
C ASN K 11 23.39 -14.61 -5.46
N LYS K 12 23.45 -13.43 -6.07
CA LYS K 12 24.72 -12.80 -6.37
C LYS K 12 25.39 -12.29 -5.10
N THR K 13 26.71 -12.23 -5.13
CA THR K 13 27.45 -11.72 -3.98
C THR K 13 27.28 -10.21 -3.85
N VAL K 14 27.24 -9.74 -2.61
CA VAL K 14 27.01 -8.34 -2.29
C VAL K 14 28.14 -7.86 -1.39
N ASN K 15 28.79 -6.77 -1.79
CA ASN K 15 29.77 -6.12 -0.91
C ASN K 15 29.02 -5.26 0.10
N TYR K 16 29.16 -5.60 1.38
CA TYR K 16 28.41 -4.95 2.45
C TYR K 16 29.20 -3.85 3.14
N ASN K 17 30.35 -3.47 2.60
CA ASN K 17 31.18 -2.44 3.23
C ASN K 17 30.54 -1.07 3.01
N ILE K 18 29.96 -0.52 4.08
CA ILE K 18 29.34 0.81 4.01
C ILE K 18 30.33 1.92 4.32
N ASP K 19 31.59 1.60 4.56
CA ASP K 19 32.59 2.63 4.77
C ASP K 19 32.89 3.37 3.47
N TYR K 20 33.08 4.68 3.57
CA TYR K 20 33.28 5.54 2.41
C TYR K 20 34.47 6.45 2.64
N SER K 21 34.95 7.02 1.54
CA SER K 21 36.04 7.99 1.57
C SER K 21 35.67 9.19 0.71
N ASP K 22 35.96 10.39 1.22
CA ASP K 22 35.67 11.64 0.51
C ASP K 22 36.87 12.14 -0.28
N ASP K 23 37.79 11.25 -0.65
CA ASP K 23 38.95 11.65 -1.43
C ASP K 23 38.57 11.97 -2.88
N ASP K 24 37.55 11.29 -3.40
CA ASP K 24 37.07 11.63 -4.74
C ASP K 24 36.30 12.95 -4.75
N LEU K 25 35.77 13.35 -3.60
CA LEU K 25 35.04 14.60 -3.46
C LEU K 25 35.96 15.75 -3.01
N LEU K 26 37.26 15.64 -3.27
CA LEU K 26 38.22 16.67 -2.91
C LEU K 26 38.34 17.77 -3.97
N GLU K 27 37.56 17.68 -5.06
CA GLU K 27 37.64 18.66 -6.12
C GLU K 27 37.11 20.03 -5.68
N SER K 28 36.14 20.05 -4.77
CA SER K 28 35.68 21.30 -4.16
C SER K 28 36.11 21.43 -2.71
N GLU K 29 36.81 20.43 -2.17
CA GLU K 29 37.29 20.46 -0.79
C GLU K 29 38.72 21.02 -0.84
N ASP K 30 39.51 20.87 0.22
CA ASP K 30 40.81 21.56 0.35
C ASP K 30 41.83 21.11 -0.69
N ASP K 31 41.71 19.90 -1.20
CA ASP K 31 42.64 19.44 -2.22
C ASP K 31 42.11 19.71 -3.63
N PHE K 55 47.58 32.37 11.34
CA PHE K 55 46.77 32.06 12.51
C PHE K 55 46.65 33.26 13.45
N HIS K 56 46.82 34.45 12.89
CA HIS K 56 46.71 35.70 13.65
C HIS K 56 45.45 36.43 13.22
N GLY K 57 44.61 36.78 14.20
CA GLY K 57 43.38 37.49 13.92
C GLY K 57 42.78 38.00 15.21
N ILE K 58 41.70 38.77 15.05
CA ILE K 58 41.02 39.38 16.19
C ILE K 58 40.25 38.31 16.95
N ASP K 59 40.53 38.19 18.25
CA ASP K 59 39.89 37.18 19.09
C ASP K 59 38.93 37.80 20.09
N ILE K 60 39.39 38.72 20.93
CA ILE K 60 38.57 39.33 21.97
C ILE K 60 38.72 40.84 21.89
N VAL K 61 37.60 41.55 21.87
CA VAL K 61 37.60 43.00 21.99
C VAL K 61 37.20 43.35 23.42
N ILE K 62 38.03 44.13 24.10
CA ILE K 62 37.87 44.36 25.54
C ILE K 62 37.26 45.74 25.80
N ASN K 63 37.97 46.79 25.39
CA ASN K 63 37.57 48.15 25.76
C ASN K 63 37.70 49.07 24.56
N HIS K 64 36.95 50.17 24.62
CA HIS K 64 36.98 51.19 23.58
C HIS K 64 37.16 52.56 24.22
N ARG K 65 37.77 53.47 23.46
CA ARG K 65 38.00 54.84 23.90
C ARG K 65 37.41 55.80 22.88
N LEU K 66 36.87 56.92 23.38
CA LEU K 66 36.14 57.86 22.53
C LEU K 66 37.05 58.66 21.61
N LYS K 67 38.34 58.76 21.92
CA LYS K 67 39.31 59.47 21.09
C LYS K 67 40.16 58.45 20.36
N THR K 68 40.14 58.53 19.02
CA THR K 68 40.91 57.58 18.21
C THR K 68 42.40 57.92 18.25
N SER K 69 42.77 59.12 17.79
CA SER K 69 44.15 59.57 17.82
C SER K 69 44.34 60.80 18.70
N LEU K 70 43.49 61.80 18.55
CA LEU K 70 43.55 62.99 19.39
C LEU K 70 42.14 63.55 19.57
N GLU K 71 41.96 64.31 20.65
CA GLU K 71 40.67 64.92 20.94
C GLU K 71 40.53 66.20 20.14
N GLU K 72 39.62 66.18 19.15
CA GLU K 72 39.41 67.37 18.33
C GLU K 72 38.66 68.45 19.11
N GLY K 73 37.73 68.06 19.97
CA GLY K 73 36.98 69.02 20.75
C GLY K 73 35.77 68.38 21.38
N LYS K 74 35.01 69.20 22.09
CA LYS K 74 33.79 68.78 22.75
C LYS K 74 32.54 69.00 21.91
N VAL K 75 32.69 69.45 20.67
CA VAL K 75 31.56 69.73 19.79
C VAL K 75 31.03 68.42 19.21
N LEU K 76 29.84 68.49 18.59
CA LEU K 76 29.14 67.36 17.95
C LEU K 76 28.93 66.20 18.91
N GLU K 77 28.55 66.52 20.15
CA GLU K 77 28.28 65.51 21.17
C GLU K 77 26.84 65.03 21.15
N LYS K 78 25.98 65.61 20.31
CA LYS K 78 24.58 65.22 20.25
C LYS K 78 24.38 64.15 19.17
N THR K 79 23.12 63.81 18.91
CA THR K 79 22.66 62.82 17.92
C THR K 79 23.28 61.45 18.13
N VAL K 80 23.30 60.63 17.08
CA VAL K 80 23.90 59.30 17.14
C VAL K 80 24.94 59.15 16.04
N PRO K 81 26.03 58.43 16.28
CA PRO K 81 26.95 58.09 15.20
C PRO K 81 26.61 56.74 14.57
N ASP K 82 26.92 56.63 13.28
CA ASP K 82 26.69 55.41 12.54
C ASP K 82 27.93 54.54 12.61
N LEU K 83 27.98 53.47 11.80
CA LEU K 83 29.13 52.57 11.82
C LEU K 83 30.34 53.21 11.17
N ASN K 84 30.14 53.94 10.07
CA ASN K 84 31.25 54.60 9.40
C ASN K 84 31.81 55.76 10.22
N ASN K 85 30.95 56.45 10.98
CA ASN K 85 31.43 57.49 11.88
C ASN K 85 32.23 56.90 13.03
N CYS K 86 31.79 55.75 13.55
CA CYS K 86 32.50 55.07 14.61
C CYS K 86 33.73 54.30 14.13
N LYS K 87 33.90 54.17 12.80
CA LYS K 87 35.07 53.48 12.27
C LYS K 87 36.34 54.27 12.49
N GLU K 88 36.27 55.61 12.36
CA GLU K 88 37.44 56.46 12.47
C GLU K 88 37.49 57.24 13.78
N ASN K 89 36.50 57.09 14.66
CA ASN K 89 36.44 57.87 15.88
C ASN K 89 36.82 57.10 17.15
N TYR K 90 36.80 55.77 17.10
CA TYR K 90 37.04 54.96 18.29
C TYR K 90 38.22 54.03 18.06
N GLU K 91 38.99 53.78 19.12
CA GLU K 91 40.05 52.78 19.12
C GLU K 91 39.69 51.69 20.12
N PHE K 92 39.93 50.44 19.73
CA PHE K 92 39.46 49.29 20.48
C PHE K 92 40.64 48.48 21.02
N LEU K 93 40.50 48.01 22.26
CA LEU K 93 41.52 47.16 22.86
C LEU K 93 41.32 45.72 22.40
N ILE K 94 42.33 45.18 21.72
CA ILE K 94 42.21 43.89 21.04
C ILE K 94 43.20 42.91 21.67
N LYS K 95 42.68 41.76 22.09
CA LYS K 95 43.47 40.57 22.36
C LYS K 95 43.38 39.66 21.13
N TRP K 96 44.53 39.37 20.52
CA TRP K 96 44.55 38.65 19.27
C TRP K 96 44.46 37.14 19.52
N THR K 97 44.41 36.39 18.42
CA THR K 97 44.27 34.95 18.49
C THR K 97 45.58 34.32 18.96
N ASP K 98 45.46 33.40 19.94
CA ASP K 98 46.58 32.68 20.57
C ASP K 98 47.61 33.65 21.18
N GLU K 99 47.11 34.66 21.88
CA GLU K 99 47.95 35.60 22.61
C GLU K 99 47.77 35.40 24.10
N SER K 100 48.41 36.27 24.88
CA SER K 100 48.56 36.06 26.32
C SER K 100 47.92 37.14 27.16
N HIS K 101 46.98 37.91 26.59
CA HIS K 101 46.26 39.02 27.22
C HIS K 101 47.16 40.17 27.69
N LEU K 102 48.44 40.16 27.32
CA LEU K 102 49.35 41.26 27.62
C LEU K 102 49.73 42.07 26.39
N HIS K 103 49.57 41.49 25.20
CA HIS K 103 49.80 42.18 23.95
C HIS K 103 48.52 42.76 23.37
N ASN K 104 47.56 43.11 24.22
CA ASN K 104 46.34 43.76 23.77
C ASN K 104 46.66 45.17 23.29
N THR K 105 46.24 45.49 22.08
CA THR K 105 46.64 46.72 21.42
C THR K 105 45.42 47.59 21.14
N TRP K 106 45.60 48.90 21.23
CA TRP K 106 44.55 49.86 20.91
C TRP K 106 44.60 50.13 19.42
N GLU K 107 43.71 49.47 18.67
CA GLU K 107 43.71 49.51 17.22
C GLU K 107 42.54 50.34 16.70
N THR K 108 42.55 50.53 15.38
CA THR K 108 41.56 51.33 14.67
C THR K 108 41.19 50.53 13.43
N TYR K 109 40.01 50.81 12.85
CA TYR K 109 39.50 50.09 11.69
C TYR K 109 40.44 50.17 10.49
N GLU K 110 40.97 51.36 10.20
CA GLU K 110 41.91 51.48 9.11
C GLU K 110 43.31 50.97 9.46
N SER K 111 43.59 50.78 10.75
CA SER K 111 44.87 50.23 11.17
C SER K 111 44.89 48.71 11.15
N ILE K 112 43.75 48.06 10.93
CA ILE K 112 43.69 46.60 10.92
C ILE K 112 43.85 46.04 9.52
N GLY K 113 43.08 46.54 8.56
CA GLY K 113 43.09 46.01 7.20
C GLY K 113 42.01 44.94 7.01
N GLN K 114 42.43 43.68 6.90
CA GLN K 114 41.49 42.57 6.75
C GLN K 114 42.12 41.34 7.40
N VAL K 115 41.76 41.09 8.66
CA VAL K 115 42.20 39.92 9.39
C VAL K 115 40.98 39.12 9.82
N ARG K 116 41.23 37.93 10.35
CA ARG K 116 40.16 37.08 10.85
C ARG K 116 39.56 37.65 12.12
N GLY K 117 38.26 37.44 12.30
CA GLY K 117 37.57 37.96 13.45
C GLY K 117 37.23 39.42 13.39
N LEU K 118 37.19 40.02 12.20
CA LEU K 118 36.82 41.43 12.07
C LEU K 118 35.35 41.65 12.40
N LYS K 119 34.50 40.68 12.08
CA LYS K 119 33.08 40.83 12.39
C LYS K 119 32.78 40.65 13.87
N ARG K 120 33.68 40.05 14.65
CA ARG K 120 33.57 40.10 16.11
C ARG K 120 33.65 41.55 16.59
N LEU K 121 34.61 42.29 16.05
CA LEU K 121 34.75 43.71 16.38
C LEU K 121 33.57 44.50 15.83
N ASP K 122 33.03 44.06 14.68
CA ASP K 122 31.86 44.73 14.10
C ASP K 122 30.64 44.57 15.00
N ASN K 123 30.39 43.36 15.51
CA ASN K 123 29.29 43.14 16.45
C ASN K 123 29.50 43.91 17.75
N TYR K 124 30.74 43.88 18.27
CA TYR K 124 31.10 44.62 19.49
C TYR K 124 30.78 46.10 19.34
N CYS K 125 31.45 46.76 18.39
CA CYS K 125 31.28 48.18 18.14
C CYS K 125 29.83 48.55 17.85
N LYS K 126 29.19 47.81 16.93
CA LYS K 126 27.82 48.07 16.51
C LYS K 126 26.85 48.00 17.67
N GLN K 127 26.62 46.82 18.26
CA GLN K 127 25.50 46.77 19.20
C GLN K 127 25.86 47.39 20.55
N PHE K 128 27.13 47.34 20.99
CA PHE K 128 27.49 48.07 22.22
C PHE K 128 27.28 49.58 22.07
N ILE K 129 27.65 50.17 20.93
CA ILE K 129 27.40 51.59 20.76
C ILE K 129 25.91 51.88 20.60
N ILE K 130 25.14 50.94 20.01
CA ILE K 130 23.68 51.15 19.88
C ILE K 130 22.99 51.17 21.24
N GLU K 131 23.19 50.16 22.10
CA GLU K 131 22.50 50.34 23.39
C GLU K 131 23.17 51.36 24.31
N ASP K 132 24.46 51.68 24.12
CA ASP K 132 25.07 52.73 24.93
C ASP K 132 24.46 54.10 24.63
N GLN K 133 24.38 54.46 23.34
CA GLN K 133 23.73 55.72 22.98
C GLN K 133 22.22 55.67 23.17
N GLN K 134 21.62 54.46 23.15
CA GLN K 134 20.19 54.35 23.39
C GLN K 134 19.86 54.62 24.84
N VAL K 135 20.62 54.06 25.78
CA VAL K 135 20.36 54.33 27.19
C VAL K 135 20.83 55.72 27.59
N ARG K 136 21.82 56.29 26.89
CA ARG K 136 22.25 57.64 27.22
C ARG K 136 21.30 58.70 26.67
N LEU K 137 20.62 58.44 25.56
CA LEU K 137 19.71 59.41 24.97
C LEU K 137 18.25 59.19 25.35
N ASP K 138 17.92 58.12 26.07
CA ASP K 138 16.53 57.88 26.46
C ASP K 138 16.19 58.71 27.69
N PRO K 139 15.12 59.50 27.65
CA PRO K 139 14.65 60.18 28.87
C PRO K 139 13.99 59.24 29.86
N TYR K 140 13.61 58.04 29.46
CA TYR K 140 12.96 57.07 30.34
C TYR K 140 13.99 56.16 31.02
N VAL K 141 14.98 56.76 31.66
CA VAL K 141 16.06 56.03 32.32
C VAL K 141 16.10 56.44 33.78
N THR K 142 15.98 55.47 34.67
CA THR K 142 16.06 55.71 36.10
C THR K 142 17.51 55.67 36.57
N ALA K 143 17.72 56.05 37.84
CA ALA K 143 19.07 56.04 38.41
C ALA K 143 19.53 54.62 38.71
N GLU K 144 18.59 53.72 39.06
CA GLU K 144 18.94 52.35 39.41
C GLU K 144 19.51 51.60 38.20
N ASP K 145 18.90 51.79 37.02
CA ASP K 145 19.36 51.11 35.82
C ASP K 145 20.75 51.57 35.41
N ILE K 146 21.00 52.89 35.44
CA ILE K 146 22.32 53.40 35.05
C ILE K 146 23.38 52.99 36.07
N GLU K 147 23.04 52.92 37.37
CA GLU K 147 24.09 52.52 38.32
C GLU K 147 24.36 51.02 38.26
N ILE K 148 23.35 50.18 38.00
CA ILE K 148 23.65 48.75 37.86
C ILE K 148 24.41 48.47 36.57
N MET K 149 24.13 49.20 35.47
CA MET K 149 24.86 48.90 34.24
C MET K 149 26.28 49.45 34.32
N ASP K 150 26.49 50.57 35.02
CA ASP K 150 27.84 51.08 35.25
C ASP K 150 28.63 50.15 36.16
N MET K 151 27.98 49.58 37.19
CA MET K 151 28.68 48.70 38.10
C MET K 151 29.04 47.37 37.43
N GLU K 152 28.15 46.81 36.60
CA GLU K 152 28.50 45.59 35.90
C GLU K 152 29.50 45.86 34.77
N ARG K 153 29.50 47.07 34.21
CA ARG K 153 30.54 47.45 33.26
C ARG K 153 31.90 47.53 33.93
N GLU K 154 31.96 48.07 35.15
CA GLU K 154 33.20 48.09 35.92
C GLU K 154 33.65 46.68 36.30
N ARG K 155 32.69 45.80 36.60
CA ARG K 155 33.02 44.41 36.90
C ARG K 155 33.57 43.69 35.67
N ARG K 156 32.99 43.96 34.50
CA ARG K 156 33.53 43.43 33.25
C ARG K 156 34.94 43.97 32.98
N LEU K 157 35.15 45.26 33.25
CA LEU K 157 36.44 45.89 33.00
C LEU K 157 37.55 45.31 33.88
N ASP K 158 37.32 45.21 35.20
CA ASP K 158 38.40 44.66 36.01
C ASP K 158 38.46 43.14 35.96
N GLU K 159 37.39 42.46 35.54
CA GLU K 159 37.50 41.03 35.24
C GLU K 159 38.40 40.79 34.03
N PHE K 160 38.29 41.65 33.01
CA PHE K 160 39.20 41.56 31.88
C PHE K 160 40.61 42.00 32.25
N GLU K 161 40.74 42.96 33.17
CA GLU K 161 42.06 43.40 33.63
C GLU K 161 42.73 42.38 34.52
N GLU K 162 41.98 41.50 35.17
CA GLU K 162 42.55 40.46 36.00
C GLU K 162 43.28 39.38 35.20
N PHE K 163 43.04 39.30 33.89
CA PHE K 163 43.71 38.32 33.06
C PHE K 163 45.18 38.66 32.82
N HIS K 164 45.58 39.91 33.07
CA HIS K 164 46.98 40.30 32.91
C HIS K 164 47.86 39.69 34.00
N VAL K 165 47.31 39.44 35.17
CA VAL K 165 48.10 38.95 36.30
C VAL K 165 48.34 37.46 36.13
N PRO K 166 49.60 37.01 36.16
CA PRO K 166 49.87 35.57 36.14
C PRO K 166 49.51 34.92 37.47
N GLU K 167 49.31 33.61 37.41
CA GLU K 167 48.94 32.86 38.61
C GLU K 167 49.86 31.68 38.87
N ARG K 168 50.36 31.01 37.82
CA ARG K 168 51.20 29.84 38.00
C ARG K 168 52.08 29.68 36.76
N ILE K 169 53.33 29.28 36.99
CA ILE K 169 54.26 28.95 35.92
C ILE K 169 54.38 27.43 35.87
N ILE K 170 54.09 26.84 34.72
CA ILE K 170 54.02 25.39 34.60
C ILE K 170 55.37 24.83 34.18
N ASP K 171 55.88 25.28 33.03
CA ASP K 171 57.10 24.72 32.48
C ASP K 171 57.95 25.84 31.87
N SER K 172 59.25 25.59 31.79
CA SER K 172 60.20 26.48 31.16
C SER K 172 60.97 25.73 30.10
N GLN K 173 61.36 26.44 29.04
CA GLN K 173 62.04 25.83 27.91
C GLN K 173 63.06 26.80 27.34
N ARG K 174 63.94 26.28 26.50
CA ARG K 174 64.91 27.08 25.75
C ARG K 174 64.57 26.95 24.28
N ALA K 175 64.17 28.06 23.67
CA ALA K 175 63.71 28.05 22.28
C ALA K 175 64.54 29.01 21.45
N SER K 176 64.71 28.67 20.18
CA SER K 176 65.49 29.47 19.25
C SER K 176 64.55 30.32 18.40
N LEU K 177 64.72 31.64 18.48
CA LEU K 177 63.91 32.57 17.72
C LEU K 177 64.61 32.87 16.39
N GLU K 178 64.13 33.89 15.68
CA GLU K 178 64.74 34.30 14.41
C GLU K 178 66.08 34.98 14.67
N ASP K 179 67.16 34.20 14.61
CA ASP K 179 68.54 34.63 14.93
C ASP K 179 68.63 35.23 16.32
N GLY K 180 67.93 34.63 17.27
CA GLY K 180 67.95 35.09 18.65
C GLY K 180 68.70 34.18 19.58
N THR K 181 69.48 33.26 19.00
CA THR K 181 70.30 32.24 19.69
C THR K 181 69.38 31.39 20.55
N SER K 182 69.50 31.42 21.88
CA SER K 182 68.62 30.65 22.76
C SER K 182 67.94 31.60 23.74
N GLN K 183 66.64 31.41 23.91
CA GLN K 183 65.83 32.27 24.78
C GLN K 183 65.05 31.41 25.76
N LEU K 184 65.02 31.86 27.02
CA LEU K 184 64.23 31.20 28.05
C LEU K 184 62.76 31.61 27.89
N GLN K 185 61.88 30.62 27.87
CA GLN K 185 60.47 30.83 27.58
C GLN K 185 59.64 30.10 28.63
N TYR K 186 58.73 30.83 29.28
CA TYR K 186 57.93 30.31 30.37
C TYR K 186 56.52 29.97 29.87
N LEU K 187 55.94 28.91 30.43
CA LEU K 187 54.53 28.60 30.24
C LEU K 187 53.75 29.26 31.36
N VAL K 188 52.89 30.22 31.00
CA VAL K 188 52.22 31.08 31.96
C VAL K 188 50.73 30.77 31.91
N LYS K 189 50.15 30.56 33.09
CA LYS K 189 48.72 30.51 33.32
C LYS K 189 48.26 31.80 33.98
N TRP K 190 47.09 32.28 33.60
CA TRP K 190 46.59 33.56 34.10
C TRP K 190 45.58 33.31 35.22
N ARG K 191 44.99 34.38 35.73
CA ARG K 191 44.27 34.34 37.00
C ARG K 191 42.94 33.60 36.94
N ARG K 192 41.98 34.12 36.17
CA ARG K 192 40.65 33.55 36.13
C ARG K 192 40.44 32.62 34.94
N LEU K 193 41.47 32.36 34.16
CA LEU K 193 41.34 31.48 33.00
C LEU K 193 41.94 30.10 33.30
N ASN K 194 41.93 29.24 32.28
CA ASN K 194 42.20 27.83 32.45
C ASN K 194 43.50 27.45 31.75
N TYR K 195 43.78 26.14 31.74
CA TYR K 195 45.05 25.63 31.22
C TYR K 195 45.05 25.50 29.71
N ASP K 196 43.89 25.60 29.06
CA ASP K 196 43.84 25.51 27.60
C ASP K 196 44.45 26.73 26.93
N GLU K 197 44.44 27.88 27.61
CA GLU K 197 44.94 29.12 27.06
C GLU K 197 46.33 29.49 27.58
N ALA K 198 47.01 28.55 28.23
CA ALA K 198 48.33 28.81 28.81
C ALA K 198 49.35 29.10 27.71
N THR K 199 50.13 30.17 27.90
CA THR K 199 50.90 30.74 26.81
C THR K 199 52.40 30.65 27.06
N TRP K 200 53.15 30.51 25.98
CA TRP K 200 54.60 30.62 26.02
C TRP K 200 54.98 32.10 25.91
N GLU K 201 55.66 32.62 26.93
CA GLU K 201 55.98 34.03 27.01
C GLU K 201 57.45 34.19 27.37
N ASN K 202 57.96 35.41 27.16
CA ASN K 202 59.34 35.73 27.50
C ASN K 202 59.54 35.71 29.00
N ALA K 203 60.78 35.42 29.42
CA ALA K 203 61.07 35.35 30.85
C ALA K 203 61.22 36.74 31.47
N THR K 204 61.61 37.74 30.69
CA THR K 204 62.00 39.04 31.24
C THR K 204 60.81 39.79 31.81
N ASP K 205 59.72 39.89 31.06
CA ASP K 205 58.53 40.58 31.57
C ASP K 205 57.83 39.77 32.67
N ILE K 206 57.99 38.45 32.67
CA ILE K 206 57.41 37.64 33.74
C ILE K 206 58.15 37.88 35.05
N VAL K 207 59.49 37.90 35.01
CA VAL K 207 60.24 38.16 36.23
C VAL K 207 60.22 39.64 36.59
N LYS K 208 59.86 40.54 35.67
CA LYS K 208 59.68 41.94 35.98
C LYS K 208 58.25 42.27 36.43
N LEU K 209 57.30 41.35 36.23
CA LEU K 209 55.93 41.59 36.63
C LEU K 209 55.64 41.04 38.03
N ALA K 210 55.84 39.74 38.22
CA ALA K 210 55.58 39.09 39.51
C ALA K 210 56.64 38.02 39.74
N PRO K 211 57.75 38.38 40.40
CA PRO K 211 58.82 37.40 40.64
C PRO K 211 58.51 36.39 41.74
N GLU K 212 57.46 36.63 42.53
CA GLU K 212 57.07 35.68 43.57
C GLU K 212 56.61 34.35 42.97
N GLN K 213 55.81 34.41 41.89
CA GLN K 213 55.40 33.20 41.20
C GLN K 213 56.58 32.53 40.51
N VAL K 214 57.56 33.32 40.04
CA VAL K 214 58.75 32.76 39.42
C VAL K 214 59.58 31.98 40.44
N LYS K 215 59.84 32.58 41.61
CA LYS K 215 60.61 31.89 42.63
C LYS K 215 59.83 30.73 43.23
N HIS K 216 58.49 30.80 43.22
CA HIS K 216 57.68 29.64 43.54
C HIS K 216 57.87 28.53 42.50
N PHE K 217 58.03 28.90 41.23
CA PHE K 217 58.27 27.91 40.19
C PHE K 217 59.63 27.24 40.35
N GLN K 218 60.68 28.01 40.67
CA GLN K 218 61.97 27.34 40.91
C GLN K 218 61.97 26.57 42.22
N ASN K 219 61.16 26.97 43.20
CA ASN K 219 61.01 26.16 44.41
C ASN K 219 60.30 24.85 44.09
N ARG K 220 59.32 24.88 43.19
CA ARG K 220 58.62 23.68 42.77
C ARG K 220 59.45 22.81 41.83
N GLU K 221 60.47 23.38 41.19
CA GLU K 221 61.27 22.60 40.24
C GLU K 221 62.18 21.62 40.97
N ASN K 222 63.11 22.12 41.77
CA ASN K 222 63.96 21.26 42.59
C ASN K 222 63.42 21.18 44.01
N SER K 223 62.16 20.73 44.10
CA SER K 223 61.50 20.62 45.39
C SER K 223 62.04 19.42 46.17
N LYS K 224 62.04 19.55 47.49
CA LYS K 224 62.50 18.49 48.37
C LYS K 224 61.38 17.50 48.73
N ILE K 225 60.15 17.76 48.30
CA ILE K 225 59.02 16.88 48.57
C ILE K 225 58.49 16.34 47.24
N LEU K 226 58.50 15.01 47.10
CA LEU K 226 58.01 14.29 45.94
C LEU K 226 57.19 13.10 46.39
N PRO K 227 56.27 12.62 45.56
CA PRO K 227 55.62 11.33 45.85
C PRO K 227 56.56 10.15 45.85
N GLN K 228 57.68 10.22 45.10
CA GLN K 228 58.64 9.14 45.08
C GLN K 228 59.49 9.09 46.35
N TYR K 229 59.50 10.15 47.15
CA TYR K 229 60.25 10.20 48.40
C TYR K 229 59.37 9.97 49.61
N SER K 230 58.14 9.48 49.42
CA SER K 230 57.22 9.27 50.51
C SER K 230 57.59 8.03 51.31
N SER K 231 57.06 7.96 52.53
CA SER K 231 57.31 6.81 53.39
C SER K 231 56.49 5.61 52.93
N ASN K 232 56.82 4.45 53.49
CA ASN K 232 56.18 3.20 53.12
C ASN K 232 55.52 2.56 54.34
N TYR K 233 54.75 3.34 55.09
CA TYR K 233 54.06 2.86 56.29
C TYR K 233 53.00 1.84 55.90
N THR K 234 53.26 0.58 56.20
CA THR K 234 52.32 -0.52 55.96
C THR K 234 51.96 -1.10 57.32
N SER K 235 50.92 -0.52 57.94
CA SER K 235 50.46 -0.84 59.30
C SER K 235 51.59 -0.69 60.33
N GLN K 236 52.43 0.32 60.13
CA GLN K 236 53.56 0.60 61.03
C GLN K 236 53.66 2.09 61.28
N ARG K 237 52.53 2.77 61.36
CA ARG K 237 52.53 4.21 61.57
C ARG K 237 52.87 4.53 63.03
N PRO K 238 53.63 5.59 63.28
CA PRO K 238 53.98 5.94 64.65
C PRO K 238 52.79 6.54 65.41
N ARG K 239 52.88 6.49 66.73
CA ARG K 239 51.86 7.10 67.58
C ARG K 239 51.96 8.62 67.50
N PHE K 240 50.80 9.27 67.64
CA PHE K 240 50.71 10.72 67.52
C PHE K 240 50.59 11.33 68.91
N GLU K 241 51.52 12.25 69.22
CA GLU K 241 51.45 13.02 70.46
C GLU K 241 50.59 14.25 70.24
N LYS K 242 49.82 14.62 71.28
CA LYS K 242 48.93 15.76 71.17
C LYS K 242 49.71 17.06 71.10
N LEU K 243 49.25 17.97 70.23
CA LEU K 243 49.90 19.25 70.00
C LEU K 243 49.02 20.36 70.54
N SER K 244 49.57 21.18 71.44
CA SER K 244 48.88 22.35 71.97
C SER K 244 49.36 23.64 71.32
N VAL K 245 50.22 23.55 70.31
CA VAL K 245 50.79 24.71 69.64
C VAL K 245 50.61 24.52 68.13
N GLN K 246 50.53 25.63 67.41
CA GLN K 246 50.42 25.58 65.96
C GLN K 246 51.71 25.03 65.36
N PRO K 247 51.63 24.11 64.40
CA PRO K 247 52.86 23.59 63.79
C PRO K 247 53.55 24.64 62.95
N PRO K 248 54.89 24.59 62.85
CA PRO K 248 55.62 25.64 62.14
C PRO K 248 55.50 25.56 60.61
N PHE K 249 55.23 24.37 60.07
CA PHE K 249 55.11 24.24 58.64
C PHE K 249 53.77 24.71 58.09
N ILE K 250 52.80 24.99 58.96
CA ILE K 250 51.54 25.61 58.57
C ILE K 250 51.62 27.06 59.04
N LYS K 251 51.95 27.97 58.13
CA LYS K 251 52.10 29.37 58.54
C LYS K 251 50.74 30.05 58.63
N GLY K 252 50.07 30.21 57.50
CA GLY K 252 48.71 30.72 57.41
C GLY K 252 48.52 32.08 58.05
N GLY K 253 47.43 32.20 58.81
CA GLY K 253 47.20 33.36 59.65
C GLY K 253 47.26 32.95 61.11
N GLU K 254 46.09 32.77 61.73
CA GLU K 254 45.99 32.27 63.09
C GLU K 254 45.07 31.07 63.12
N LEU K 255 45.52 29.99 63.77
CA LEU K 255 44.75 28.75 63.86
C LEU K 255 44.15 28.64 65.26
N ARG K 256 42.84 28.41 65.31
CA ARG K 256 42.10 28.45 66.56
C ARG K 256 42.24 27.14 67.33
N ASP K 257 41.64 27.09 68.51
CA ASP K 257 41.81 25.94 69.40
C ASP K 257 41.01 24.74 68.92
N PHE K 258 39.77 24.97 68.45
CA PHE K 258 38.96 23.86 67.95
C PHE K 258 39.49 23.32 66.64
N GLN K 259 40.13 24.18 65.84
CA GLN K 259 40.81 23.70 64.64
C GLN K 259 41.99 22.79 64.99
N LEU K 260 42.74 23.15 66.04
CA LEU K 260 43.82 22.28 66.51
C LEU K 260 43.28 20.98 67.11
N THR K 261 42.12 21.05 67.78
CA THR K 261 41.48 19.83 68.29
C THR K 261 41.05 18.91 67.15
N GLY K 262 40.50 19.49 66.08
CA GLY K 262 40.18 18.69 64.90
C GLY K 262 41.41 18.12 64.22
N ILE K 263 42.51 18.88 64.23
CA ILE K 263 43.79 18.39 63.70
C ILE K 263 44.28 17.19 64.50
N ASN K 264 44.21 17.29 65.83
CA ASN K 264 44.61 16.18 66.69
C ASN K 264 43.70 14.97 66.50
N TRP K 265 42.40 15.20 66.31
CA TRP K 265 41.45 14.11 66.08
C TRP K 265 41.73 13.40 64.76
N MET K 266 41.98 14.16 63.69
CA MET K 266 42.28 13.55 62.39
C MET K 266 43.63 12.85 62.41
N ALA K 267 44.61 13.40 63.13
CA ALA K 267 45.92 12.75 63.23
C ALA K 267 45.84 11.46 64.03
N PHE K 268 45.03 11.45 65.10
CA PHE K 268 44.83 10.23 65.87
C PHE K 268 44.04 9.19 65.09
N LEU K 269 43.12 9.63 64.24
CA LEU K 269 42.38 8.69 63.40
C LEU K 269 43.27 8.12 62.30
N TRP K 270 44.18 8.94 61.76
CA TRP K 270 45.13 8.44 60.77
C TRP K 270 46.17 7.52 61.39
N SER K 271 46.53 7.76 62.65
CA SER K 271 47.52 6.90 63.32
C SER K 271 46.95 5.52 63.60
N LYS K 272 45.63 5.40 63.76
CA LYS K 272 44.98 4.12 63.94
C LYS K 272 44.61 3.45 62.62
N GLY K 273 44.89 4.11 61.49
CA GLY K 273 44.52 3.58 60.19
C GLY K 273 43.03 3.52 59.95
N ASP K 274 42.29 4.56 60.36
CA ASP K 274 40.84 4.59 60.24
C ASP K 274 40.40 5.83 59.49
N ASN K 275 39.35 5.68 58.69
CA ASN K 275 38.77 6.79 57.94
C ASN K 275 37.82 7.59 58.83
N GLY K 276 37.38 8.74 58.33
CA GLY K 276 36.59 9.61 59.18
C GLY K 276 35.74 10.61 58.42
N ILE K 277 34.85 11.24 59.19
CA ILE K 277 33.95 12.28 58.70
C ILE K 277 34.14 13.50 59.58
N LEU K 278 34.52 14.62 58.97
CA LEU K 278 34.58 15.91 59.65
C LEU K 278 33.20 16.55 59.53
N ALA K 279 32.37 16.36 60.56
CA ALA K 279 30.97 16.77 60.52
C ALA K 279 30.73 18.11 61.20
N ASP K 280 31.69 19.04 61.10
CA ASP K 280 31.53 20.35 61.70
C ASP K 280 30.52 21.18 60.92
N GLU K 281 29.94 22.17 61.61
CA GLU K 281 28.98 23.06 60.99
C GLU K 281 29.68 24.01 60.02
N MET K 282 28.92 24.50 59.04
CA MET K 282 29.46 25.42 58.04
C MET K 282 29.81 26.76 58.68
N GLY K 283 30.90 27.36 58.20
CA GLY K 283 31.40 28.59 58.75
C GLY K 283 32.54 28.43 59.74
N LEU K 284 32.77 27.22 60.24
CA LEU K 284 33.83 26.98 61.20
C LEU K 284 35.21 26.87 60.55
N GLY K 285 35.29 26.81 59.23
CA GLY K 285 36.56 26.69 58.56
C GLY K 285 37.06 25.27 58.46
N LYS K 286 36.24 24.39 57.87
CA LYS K 286 36.67 23.01 57.64
C LYS K 286 37.75 22.93 56.57
N THR K 287 37.75 23.87 55.63
CA THR K 287 38.79 23.94 54.62
C THR K 287 40.16 24.22 55.25
N VAL K 288 40.20 25.12 56.24
CA VAL K 288 41.43 25.42 56.97
C VAL K 288 41.92 24.19 57.72
N GLN K 289 40.98 23.44 58.32
CA GLN K 289 41.35 22.22 59.04
C GLN K 289 41.90 21.16 58.11
N THR K 290 41.30 20.97 56.93
CA THR K 290 41.81 19.91 56.07
C THR K 290 43.08 20.33 55.33
N VAL K 291 43.30 21.62 55.05
CA VAL K 291 44.60 22.02 54.49
C VAL K 291 45.69 21.88 55.55
N ALA K 292 45.38 22.17 56.82
CA ALA K 292 46.36 21.96 57.88
C ALA K 292 46.64 20.47 58.09
N PHE K 293 45.63 19.63 57.90
CA PHE K 293 45.85 18.18 57.99
C PHE K 293 46.68 17.66 56.83
N ILE K 294 46.45 18.19 55.62
CA ILE K 294 47.24 17.78 54.46
C ILE K 294 48.70 18.24 54.63
N SER K 295 48.91 19.45 55.16
CA SER K 295 50.26 19.92 55.42
C SER K 295 50.94 19.13 56.53
N TRP K 296 50.17 18.68 57.53
CA TRP K 296 50.74 17.83 58.58
C TRP K 296 51.12 16.46 58.03
N LEU K 297 50.29 15.92 57.13
CA LEU K 297 50.60 14.63 56.51
C LEU K 297 51.82 14.72 55.61
N ILE K 298 51.96 15.83 54.88
CA ILE K 298 53.08 15.97 53.95
C ILE K 298 54.37 16.26 54.72
N PHE K 299 54.33 17.19 55.67
CA PHE K 299 55.55 17.65 56.31
C PHE K 299 55.99 16.74 57.44
N ALA K 300 55.10 16.50 58.41
CA ALA K 300 55.51 15.79 59.63
C ALA K 300 55.66 14.30 59.40
N ARG K 301 54.67 13.65 58.81
CA ARG K 301 54.69 12.21 58.62
C ARG K 301 55.37 11.79 57.33
N ARG K 302 55.87 12.76 56.54
CA ARG K 302 56.56 12.55 55.26
C ARG K 302 55.69 11.79 54.25
N GLN K 303 54.38 11.98 54.33
CA GLN K 303 53.46 11.40 53.36
C GLN K 303 53.09 12.46 52.32
N ASN K 304 54.09 12.77 51.49
CA ASN K 304 53.97 13.79 50.45
C ASN K 304 53.59 13.18 49.10
N GLY K 305 52.83 12.10 49.09
CA GLY K 305 52.45 11.44 47.86
C GLY K 305 51.26 12.09 47.20
N PRO K 306 50.69 11.42 46.20
CA PRO K 306 49.55 12.00 45.47
C PRO K 306 48.28 11.94 46.31
N HIS K 307 47.69 13.11 46.55
CA HIS K 307 46.43 13.23 47.25
C HIS K 307 45.37 13.79 46.31
N ILE K 308 44.12 13.37 46.51
CA ILE K 308 43.01 13.79 45.69
C ILE K 308 41.96 14.46 46.57
N ILE K 309 41.49 15.63 46.15
CA ILE K 309 40.46 16.37 46.85
C ILE K 309 39.35 16.68 45.85
N VAL K 310 38.14 16.22 46.15
CA VAL K 310 36.98 16.37 45.28
C VAL K 310 36.02 17.36 45.95
N VAL K 311 35.83 18.50 45.30
CA VAL K 311 35.07 19.61 45.88
C VAL K 311 33.96 20.00 44.89
N PRO K 312 32.90 20.63 45.37
CA PRO K 312 31.94 21.25 44.45
C PRO K 312 32.57 22.41 43.70
N LEU K 313 32.02 22.67 42.50
CA LEU K 313 32.57 23.69 41.62
C LEU K 313 32.35 25.10 42.17
N SER K 314 31.25 25.32 42.88
CA SER K 314 30.93 26.65 43.38
C SER K 314 31.84 27.09 44.53
N THR K 315 32.45 26.14 45.25
CA THR K 315 33.33 26.45 46.36
C THR K 315 34.81 26.36 45.98
N MET K 316 35.11 26.20 44.70
CA MET K 316 36.48 25.99 44.20
C MET K 316 37.47 27.14 44.46
N PRO K 317 37.16 28.44 44.25
CA PRO K 317 38.15 29.46 44.62
C PRO K 317 38.39 29.56 46.13
N ALA K 318 37.41 29.19 46.95
CA ALA K 318 37.57 29.19 48.39
C ALA K 318 38.54 28.11 48.89
N TRP K 319 38.83 27.11 48.06
CA TRP K 319 39.89 26.16 48.37
C TRP K 319 41.21 26.56 47.75
N LEU K 320 41.17 27.22 46.58
CA LEU K 320 42.39 27.63 45.89
C LEU K 320 43.11 28.74 46.65
N ASP K 321 42.37 29.72 47.17
CA ASP K 321 43.04 30.78 47.93
C ASP K 321 43.53 30.27 49.28
N THR K 322 42.83 29.29 49.86
CA THR K 322 43.28 28.67 51.10
C THR K 322 44.57 27.89 50.89
N PHE K 323 44.68 27.18 49.76
CA PHE K 323 45.96 26.54 49.43
C PHE K 323 47.06 27.55 49.14
N GLU K 324 46.72 28.65 48.46
CA GLU K 324 47.73 29.64 48.13
C GLU K 324 48.19 30.43 49.36
N LYS K 325 47.37 30.49 50.40
CA LYS K 325 47.70 31.26 51.59
C LYS K 325 48.31 30.38 52.68
N TRP K 326 47.58 29.34 53.10
CA TRP K 326 47.98 28.59 54.29
C TRP K 326 49.13 27.62 54.03
N ALA K 327 49.18 27.00 52.84
CA ALA K 327 50.25 26.07 52.49
C ALA K 327 50.84 26.45 51.14
N PRO K 328 51.66 27.51 51.09
CA PRO K 328 52.20 27.97 49.79
C PRO K 328 53.25 27.07 49.19
N ASP K 329 53.85 26.17 49.98
CA ASP K 329 54.91 25.30 49.50
C ASP K 329 54.38 24.01 48.87
N LEU K 330 53.08 23.83 48.83
CA LEU K 330 52.48 22.61 48.30
C LEU K 330 52.29 22.72 46.78
N ASN K 331 52.38 21.57 46.12
CA ASN K 331 52.18 21.50 44.67
C ASN K 331 50.72 21.17 44.34
N CYS K 332 49.83 22.05 44.80
CA CYS K 332 48.41 21.89 44.55
C CYS K 332 48.09 22.26 43.10
N ILE K 333 47.37 21.38 42.42
CA ILE K 333 47.03 21.58 41.02
C ILE K 333 45.52 21.52 40.86
N CYS K 334 45.05 22.09 39.76
CA CYS K 334 43.64 22.30 39.49
C CYS K 334 43.19 21.43 38.32
N TYR K 335 41.96 20.92 38.38
CA TYR K 335 41.44 20.05 37.31
C TYR K 335 40.01 20.45 36.95
N MET K 336 39.88 21.41 36.02
CA MET K 336 38.63 21.61 35.29
C MET K 336 38.97 21.80 33.82
N GLY K 337 37.99 22.26 33.06
CA GLY K 337 38.19 22.68 31.69
C GLY K 337 37.61 21.70 30.69
N ASN K 338 37.87 22.00 29.42
CA ASN K 338 37.46 21.14 28.32
C ASN K 338 38.47 20.01 28.17
N GLN K 339 38.40 19.28 27.04
CA GLN K 339 39.28 18.15 26.82
C GLN K 339 40.72 18.59 26.61
N LYS K 340 40.92 19.74 25.96
CA LYS K 340 42.28 20.20 25.68
C LYS K 340 42.97 20.74 26.93
N SER K 341 42.23 21.44 27.81
CA SER K 341 42.82 21.90 29.07
C SER K 341 43.19 20.74 29.97
N ARG K 342 42.32 19.73 30.06
CA ARG K 342 42.64 18.55 30.86
C ARG K 342 43.76 17.73 30.25
N ASP K 343 43.87 17.74 28.91
CA ASP K 343 45.01 17.09 28.26
C ASP K 343 46.31 17.83 28.55
N THR K 344 46.26 19.17 28.60
CA THR K 344 47.43 19.96 28.96
C THR K 344 47.88 19.69 30.39
N ILE K 345 46.93 19.62 31.32
CA ILE K 345 47.24 19.29 32.71
C ILE K 345 47.77 17.86 32.81
N ARG K 346 47.20 16.94 32.03
CA ARG K 346 47.56 15.53 32.10
C ARG K 346 48.95 15.26 31.55
N GLU K 347 49.35 15.98 30.49
CA GLU K 347 50.58 15.62 29.81
C GLU K 347 51.72 16.58 30.10
N TYR K 348 51.44 17.78 30.62
CA TYR K 348 52.50 18.71 30.99
C TYR K 348 52.84 18.71 32.48
N GLU K 349 51.95 18.25 33.35
CA GLU K 349 52.15 18.54 34.76
C GLU K 349 51.96 17.34 35.69
N PHE K 350 51.32 16.25 35.24
CA PHE K 350 51.17 15.08 36.12
C PHE K 350 52.50 14.38 36.37
N TYR K 351 53.28 14.17 35.32
CA TYR K 351 54.47 13.33 35.40
C TYR K 351 55.74 14.16 35.38
N THR K 352 56.69 13.78 36.24
CA THR K 352 58.03 14.35 36.17
C THR K 352 58.72 13.98 34.86
N ASN K 353 58.52 12.75 34.39
CA ASN K 353 59.08 12.29 33.12
C ASN K 353 57.96 11.75 32.23
N PRO K 354 57.17 12.64 31.61
CA PRO K 354 56.12 12.16 30.69
C PRO K 354 56.65 11.65 29.36
N ARG K 355 57.90 11.95 29.01
CA ARG K 355 58.50 11.45 27.78
C ARG K 355 58.85 9.96 27.85
N ALA K 356 58.90 9.38 29.04
CA ALA K 356 59.22 7.97 29.19
C ALA K 356 58.02 7.11 28.81
N LYS K 357 58.25 5.79 28.76
CA LYS K 357 57.22 4.85 28.39
C LYS K 357 56.89 3.83 29.48
N GLY K 358 57.73 3.71 30.51
CA GLY K 358 57.45 2.76 31.57
C GLY K 358 56.65 3.36 32.70
N LYS K 359 57.09 3.16 33.94
CA LYS K 359 56.41 3.72 35.09
C LYS K 359 56.70 5.21 35.19
N LYS K 360 55.64 6.01 35.29
CA LYS K 360 55.75 7.46 35.38
C LYS K 360 55.47 7.89 36.82
N THR K 361 56.45 8.52 37.44
CA THR K 361 56.26 9.06 38.78
C THR K 361 55.41 10.32 38.74
N MET K 362 54.78 10.62 39.86
CA MET K 362 53.93 11.79 39.98
C MET K 362 54.75 13.02 40.32
N LYS K 363 54.40 14.15 39.71
CA LYS K 363 55.07 15.42 39.98
C LYS K 363 54.31 16.30 40.96
N PHE K 364 52.98 16.23 40.95
CA PHE K 364 52.16 17.04 41.82
C PHE K 364 52.06 16.42 43.20
N ASN K 365 51.42 17.14 44.12
CA ASN K 365 51.16 16.64 45.47
C ASN K 365 49.67 16.51 45.76
N VAL K 366 48.90 17.56 45.54
CA VAL K 366 47.46 17.58 45.77
C VAL K 366 46.78 17.91 44.46
N LEU K 367 45.74 17.15 44.10
CA LEU K 367 44.96 17.39 42.90
C LEU K 367 43.54 17.77 43.32
N LEU K 368 43.10 18.96 42.93
CA LEU K 368 41.72 19.40 43.15
C LEU K 368 40.89 19.10 41.91
N THR K 369 39.71 18.52 42.13
CA THR K 369 38.81 18.24 41.03
C THR K 369 37.38 18.35 41.52
N THR K 370 36.43 18.26 40.60
CA THR K 370 35.00 18.23 40.90
C THR K 370 34.44 16.86 40.53
N TYR K 371 33.16 16.68 40.85
CA TYR K 371 32.49 15.40 40.61
C TYR K 371 32.34 15.11 39.11
N GLU K 372 32.13 16.16 38.31
CA GLU K 372 31.90 16.00 36.88
C GLU K 372 33.11 15.42 36.17
N TYR K 373 34.31 15.83 36.59
CA TYR K 373 35.53 15.30 36.02
C TYR K 373 36.02 14.05 36.73
N ILE K 374 35.44 13.71 37.88
CA ILE K 374 35.60 12.37 38.43
C ILE K 374 34.85 11.36 37.57
N LEU K 375 33.60 11.66 37.22
CA LEU K 375 32.87 10.75 36.34
C LEU K 375 33.35 10.81 34.89
N LYS K 376 33.82 11.97 34.45
CA LYS K 376 34.27 12.09 33.07
C LYS K 376 35.62 11.43 32.86
N ASP K 377 36.47 11.42 33.88
CA ASP K 377 37.84 10.93 33.73
C ASP K 377 38.14 9.84 34.75
N ARG K 378 37.26 8.84 34.82
CA ARG K 378 37.50 7.69 35.69
C ARG K 378 38.73 6.91 35.25
N ALA K 379 38.91 6.72 33.95
CA ALA K 379 40.02 5.91 33.45
C ALA K 379 41.36 6.62 33.60
N GLU K 380 41.39 7.94 33.45
CA GLU K 380 42.63 8.69 33.54
C GLU K 380 43.00 9.07 34.97
N LEU K 381 42.16 8.73 35.95
CA LEU K 381 42.46 9.02 37.35
C LEU K 381 42.45 7.79 38.24
N GLY K 382 41.83 6.68 37.82
CA GLY K 382 41.80 5.50 38.66
C GLY K 382 43.11 4.74 38.71
N SER K 383 43.96 4.90 37.70
CA SER K 383 45.27 4.26 37.68
C SER K 383 46.35 5.17 38.28
N ILE K 384 46.07 5.71 39.46
CA ILE K 384 47.01 6.53 40.21
C ILE K 384 47.00 6.03 41.66
N LYS K 385 48.18 5.72 42.19
CA LYS K 385 48.30 5.26 43.58
C LYS K 385 48.14 6.47 44.50
N TRP K 386 46.88 6.79 44.81
CA TRP K 386 46.60 7.88 45.72
C TRP K 386 46.94 7.50 47.16
N GLN K 387 47.34 8.49 47.94
CA GLN K 387 47.62 8.28 49.36
C GLN K 387 46.50 8.80 50.27
N PHE K 388 45.73 9.77 49.81
CA PHE K 388 44.66 10.33 50.62
C PHE K 388 43.56 10.88 49.71
N MET K 389 42.31 10.72 50.14
CA MET K 389 41.15 11.29 49.46
C MET K 389 40.38 12.15 50.45
N ALA K 390 40.02 13.36 50.02
CA ALA K 390 39.17 14.25 50.80
C ALA K 390 37.99 14.66 49.94
N VAL K 391 36.79 14.24 50.33
CA VAL K 391 35.58 14.53 49.56
C VAL K 391 34.76 15.56 50.32
N ASP K 392 34.67 16.77 49.79
CA ASP K 392 33.87 17.82 50.39
C ASP K 392 32.41 17.67 49.99
N GLU K 393 31.51 18.08 50.90
CA GLU K 393 30.06 18.02 50.75
C GLU K 393 29.60 16.58 50.49
N ALA K 394 29.82 15.74 51.51
CA ALA K 394 29.65 14.30 51.38
C ALA K 394 28.20 13.85 51.31
N HIS K 395 27.23 14.75 51.56
CA HIS K 395 25.83 14.37 51.43
C HIS K 395 25.44 14.06 49.99
N ARG K 396 26.16 14.64 49.01
CA ARG K 396 26.05 14.24 47.61
C ARG K 396 26.40 12.77 47.42
N LEU K 397 27.33 12.25 48.23
CA LEU K 397 27.65 10.84 48.28
C LEU K 397 26.70 10.03 49.17
N LYS K 398 25.52 10.55 49.50
CA LYS K 398 24.61 9.83 50.40
C LYS K 398 23.93 8.64 49.74
N ASN K 399 23.95 8.56 48.41
CA ASN K 399 23.31 7.46 47.70
C ASN K 399 24.34 6.47 47.23
N ALA K 400 24.16 5.19 47.58
CA ALA K 400 25.09 4.15 47.18
C ALA K 400 24.94 3.79 45.71
N GLU K 401 23.76 3.97 45.14
CA GLU K 401 23.50 3.61 43.75
C GLU K 401 23.81 4.73 42.77
N SER K 402 24.13 5.93 43.25
CA SER K 402 24.53 7.02 42.39
C SER K 402 25.91 6.75 41.80
N SER K 403 26.13 7.23 40.57
CA SER K 403 27.33 6.88 39.81
C SER K 403 28.61 7.43 40.43
N LEU K 404 28.50 8.50 41.23
CA LEU K 404 29.66 9.00 41.97
C LEU K 404 30.14 8.00 43.01
N TYR K 405 29.22 7.21 43.58
CA TYR K 405 29.58 6.23 44.59
C TYR K 405 30.43 5.11 44.01
N GLU K 406 30.01 4.54 42.87
CA GLU K 406 30.85 3.54 42.23
C GLU K 406 32.05 4.14 41.53
N SER K 407 32.03 5.44 41.22
CA SER K 407 33.22 6.06 40.63
C SER K 407 34.31 6.26 41.67
N LEU K 408 33.93 6.71 42.88
CA LEU K 408 34.90 6.95 43.93
C LEU K 408 35.25 5.70 44.72
N ASN K 409 34.36 4.71 44.76
CA ASN K 409 34.64 3.48 45.48
C ASN K 409 35.60 2.57 44.74
N SER K 410 35.78 2.77 43.43
CA SER K 410 36.71 1.98 42.64
C SER K 410 38.12 2.55 42.66
N PHE K 411 38.34 3.68 43.33
CA PHE K 411 39.67 4.28 43.37
C PHE K 411 40.55 3.57 44.38
N LYS K 412 41.81 3.33 44.00
CA LYS K 412 42.77 2.63 44.84
C LYS K 412 43.41 3.63 45.79
N VAL K 413 42.67 3.99 46.84
CA VAL K 413 43.09 4.97 47.83
C VAL K 413 43.16 4.29 49.19
N ALA K 414 44.29 4.49 49.89
CA ALA K 414 44.47 3.87 51.19
C ALA K 414 43.59 4.52 52.26
N ASN K 415 43.54 5.85 52.28
CA ASN K 415 42.83 6.58 53.33
C ASN K 415 41.87 7.59 52.72
N ARG K 416 40.63 7.56 53.18
CA ARG K 416 39.58 8.45 52.70
C ARG K 416 39.02 9.27 53.85
N MET K 417 38.47 10.42 53.52
CA MET K 417 37.86 11.29 54.51
C MET K 417 36.72 12.06 53.87
N LEU K 418 35.64 12.25 54.62
CA LEU K 418 34.44 12.92 54.13
C LEU K 418 34.17 14.16 54.95
N ILE K 419 34.02 15.30 54.27
CA ILE K 419 33.72 16.58 54.90
C ILE K 419 32.29 16.94 54.54
N THR K 420 31.46 17.13 55.56
CA THR K 420 30.05 17.44 55.35
C THR K 420 29.52 18.21 56.56
N GLY K 421 28.38 18.85 56.37
CA GLY K 421 27.72 19.55 57.45
C GLY K 421 26.55 18.76 58.00
N THR K 422 25.84 18.05 57.13
CA THR K 422 24.71 17.21 57.52
C THR K 422 25.06 15.75 57.25
N PRO K 423 25.44 14.98 58.27
CA PRO K 423 25.74 13.56 58.03
C PRO K 423 24.50 12.73 57.74
N LEU K 424 23.43 12.92 58.50
CA LEU K 424 22.16 12.25 58.28
C LEU K 424 21.18 13.28 57.74
N GLN K 425 20.46 12.92 56.67
CA GLN K 425 19.49 13.81 56.05
C GLN K 425 18.07 13.24 56.09
N ASN K 426 17.89 11.99 55.69
CA ASN K 426 16.54 11.44 55.64
C ASN K 426 16.38 10.14 56.43
N ASN K 427 17.38 9.26 56.42
CA ASN K 427 17.26 7.97 57.07
C ASN K 427 18.63 7.45 57.48
N ILE K 428 18.63 6.27 58.10
CA ILE K 428 19.86 5.61 58.54
C ILE K 428 20.65 5.06 57.35
N LYS K 429 19.97 4.82 56.22
CA LYS K 429 20.61 4.21 55.05
C LYS K 429 21.65 5.13 54.43
N GLU K 430 21.47 6.44 54.54
CA GLU K 430 22.48 7.39 54.06
C GLU K 430 23.77 7.27 54.88
N LEU K 431 23.65 7.18 56.21
CA LEU K 431 24.82 6.98 57.05
C LEU K 431 25.44 5.60 56.83
N ALA K 432 24.61 4.60 56.52
CA ALA K 432 25.12 3.28 56.17
C ALA K 432 25.94 3.33 54.89
N ALA K 433 25.49 4.09 53.90
CA ALA K 433 26.24 4.27 52.66
C ALA K 433 27.55 5.03 52.90
N LEU K 434 27.52 6.04 53.78
CA LEU K 434 28.75 6.76 54.10
C LEU K 434 29.76 5.88 54.83
N VAL K 435 29.32 5.08 55.81
CA VAL K 435 30.27 4.22 56.50
C VAL K 435 30.66 3.01 55.68
N ASN K 436 29.87 2.64 54.66
CA ASN K 436 30.32 1.62 53.73
C ASN K 436 31.35 2.17 52.75
N PHE K 437 31.23 3.45 52.40
CA PHE K 437 32.28 4.09 51.61
C PHE K 437 33.56 4.25 52.42
N LEU K 438 33.42 4.52 53.72
CA LEU K 438 34.61 4.66 54.57
C LEU K 438 35.21 3.30 54.92
N MET K 439 34.45 2.47 55.64
CA MET K 439 34.91 1.13 56.03
C MET K 439 34.01 0.09 55.39
N PRO K 440 34.38 -0.48 54.26
CA PRO K 440 33.51 -1.44 53.55
C PRO K 440 33.52 -2.85 54.13
N GLY K 441 32.71 -3.04 55.18
CA GLY K 441 32.56 -4.36 55.76
C GLY K 441 32.52 -4.40 57.27
N ARG K 442 33.16 -3.43 57.93
CA ARG K 442 33.19 -3.43 59.38
C ARG K 442 31.84 -2.99 59.96
N PHE K 443 31.22 -1.98 59.35
CA PHE K 443 29.94 -1.46 59.82
C PHE K 443 28.82 -1.97 58.92
N THR K 444 27.77 -2.51 59.54
CA THR K 444 26.59 -2.94 58.80
C THR K 444 25.33 -2.47 59.52
N ILE K 445 24.34 -2.04 58.75
CA ILE K 445 23.05 -1.62 59.26
C ILE K 445 21.97 -2.32 58.44
N ASP K 446 21.08 -3.05 59.12
CA ASP K 446 20.05 -3.84 58.45
C ASP K 446 18.64 -3.49 58.92
N GLN K 447 18.48 -2.54 59.82
CA GLN K 447 17.16 -2.19 60.35
C GLN K 447 16.98 -0.68 60.34
N GLU K 448 15.75 -0.24 60.14
CA GLU K 448 15.39 1.17 60.18
C GLU K 448 14.94 1.53 61.59
N ILE K 449 14.37 2.72 61.75
CA ILE K 449 13.88 3.20 63.04
C ILE K 449 12.38 3.38 62.94
N ASP K 450 11.65 2.74 63.85
CA ASP K 450 10.19 2.83 63.91
C ASP K 450 9.78 3.54 65.18
N PHE K 451 8.99 4.61 65.04
CA PHE K 451 8.52 5.35 66.20
C PHE K 451 7.33 4.68 66.87
N GLU K 452 6.67 3.74 66.20
CA GLU K 452 5.53 3.04 66.76
C GLU K 452 5.93 1.81 67.56
N ASN K 453 7.21 1.45 67.57
CA ASN K 453 7.66 0.28 68.32
C ASN K 453 7.77 0.59 69.82
N GLN K 454 8.63 1.55 70.16
CA GLN K 454 8.88 2.02 71.53
C GLN K 454 9.29 0.87 72.47
N ASP K 455 10.16 0.01 71.98
CA ASP K 455 10.68 -1.12 72.76
C ASP K 455 12.12 -0.86 73.17
N GLU K 456 12.60 -1.69 74.11
CA GLU K 456 13.95 -1.54 74.62
C GLU K 456 15.01 -2.02 73.62
N GLU K 457 14.64 -2.90 72.69
CA GLU K 457 15.58 -3.36 71.68
C GLU K 457 15.98 -2.24 70.73
N GLN K 458 15.02 -1.36 70.39
CA GLN K 458 15.33 -0.22 69.55
C GLN K 458 16.25 0.77 70.26
N GLU K 459 16.03 0.98 71.56
CA GLU K 459 16.92 1.85 72.34
C GLU K 459 18.31 1.24 72.48
N GLU K 460 18.39 -0.09 72.59
CA GLU K 460 19.68 -0.76 72.61
C GLU K 460 20.40 -0.64 71.28
N TYR K 461 19.65 -0.72 70.17
CA TYR K 461 20.23 -0.50 68.84
C TYR K 461 20.71 0.93 68.67
N ILE K 462 19.96 1.90 69.18
CA ILE K 462 20.36 3.31 69.13
C ILE K 462 21.64 3.53 69.94
N HIS K 463 21.73 2.93 71.13
CA HIS K 463 22.93 3.07 71.94
C HIS K 463 24.12 2.33 71.32
N ASP K 464 23.87 1.21 70.63
CA ASP K 464 24.93 0.51 69.92
C ASP K 464 25.47 1.34 68.75
N LEU K 465 24.57 2.00 68.01
CA LEU K 465 25.01 2.92 66.97
C LEU K 465 25.70 4.15 67.54
N HIS K 466 25.32 4.56 68.75
CA HIS K 466 26.02 5.66 69.42
C HIS K 466 27.45 5.27 69.78
N ARG K 467 27.63 4.08 70.34
CA ARG K 467 28.96 3.63 70.75
C ARG K 467 29.77 3.05 69.61
N ARG K 468 29.18 2.85 68.43
CA ARG K 468 29.91 2.27 67.31
C ARG K 468 30.65 3.31 66.49
N ILE K 469 30.02 4.44 66.20
CA ILE K 469 30.61 5.46 65.34
C ILE K 469 30.98 6.72 66.13
N GLN K 470 31.14 6.59 67.45
CA GLN K 470 31.56 7.73 68.28
C GLN K 470 32.96 8.27 67.95
N PRO K 471 34.03 7.48 67.82
CA PRO K 471 35.31 8.11 67.48
C PRO K 471 35.47 8.45 66.00
N PHE K 472 34.55 8.00 65.14
CA PHE K 472 34.66 8.26 63.71
C PHE K 472 33.93 9.52 63.27
N ILE K 473 33.18 10.17 64.16
CA ILE K 473 32.44 11.38 63.84
C ILE K 473 32.90 12.50 64.76
N LEU K 474 33.31 13.62 64.16
CA LEU K 474 33.68 14.81 64.91
C LEU K 474 32.77 15.95 64.45
N ARG K 475 31.88 16.39 65.33
CA ARG K 475 30.94 17.46 65.01
C ARG K 475 31.06 18.55 66.05
N ARG K 476 31.33 19.78 65.60
CA ARG K 476 31.40 20.95 66.46
C ARG K 476 30.27 21.89 66.11
N LEU K 477 29.46 22.25 67.11
CA LEU K 477 28.32 23.11 66.88
C LEU K 477 28.74 24.58 66.84
N LYS K 478 27.84 25.42 66.35
CA LYS K 478 28.09 26.85 66.31
C LYS K 478 27.82 27.54 67.64
N LYS K 479 27.26 26.83 68.62
CA LYS K 479 27.03 27.38 69.95
C LYS K 479 28.13 27.00 70.95
N ASP K 480 28.83 25.89 70.72
CA ASP K 480 29.91 25.49 71.61
C ASP K 480 31.16 26.34 71.42
N VAL K 481 31.36 26.88 70.22
CA VAL K 481 32.51 27.73 69.91
C VAL K 481 31.98 29.03 69.34
N GLU K 482 32.80 30.08 69.43
CA GLU K 482 32.50 31.45 68.97
C GLU K 482 31.25 31.99 69.67
N LYS K 483 31.39 32.21 70.97
CA LYS K 483 30.27 32.59 71.84
C LYS K 483 29.84 34.04 71.63
N SER K 484 29.40 34.38 70.41
CA SER K 484 28.81 35.68 70.13
C SER K 484 27.62 35.55 69.18
N LEU K 485 27.21 34.33 68.84
CA LEU K 485 26.13 34.12 67.89
C LEU K 485 24.79 34.43 68.52
N PRO K 486 23.98 35.30 67.93
CA PRO K 486 22.61 35.49 68.41
C PRO K 486 21.77 34.26 68.11
N SER K 487 20.75 34.05 68.95
CA SER K 487 19.88 32.90 68.79
C SER K 487 18.97 33.05 67.58
N LYS K 488 18.53 31.93 67.04
CA LYS K 488 17.61 31.89 65.92
C LYS K 488 16.33 31.20 66.36
N THR K 489 15.20 31.86 66.16
CA THR K 489 13.89 31.36 66.59
C THR K 489 13.03 31.07 65.36
N GLU K 490 12.47 29.88 65.31
CA GLU K 490 11.61 29.45 64.22
C GLU K 490 10.18 29.37 64.72
N ARG K 491 9.28 30.11 64.07
CA ARG K 491 7.86 30.13 64.44
C ARG K 491 7.05 29.49 63.32
N ILE K 492 6.27 28.48 63.67
CA ILE K 492 5.41 27.79 62.71
C ILE K 492 4.05 28.45 62.75
N LEU K 493 3.62 29.01 61.63
CA LEU K 493 2.37 29.75 61.52
C LEU K 493 1.41 28.97 60.63
N ARG K 494 0.33 28.48 61.23
CA ARG K 494 -0.70 27.72 60.51
C ARG K 494 -1.85 28.65 60.19
N VAL K 495 -2.16 28.80 58.90
CA VAL K 495 -3.16 29.74 58.42
C VAL K 495 -4.19 28.95 57.61
N GLU K 496 -5.42 29.47 57.57
CA GLU K 496 -6.53 28.81 56.90
C GLU K 496 -6.42 28.97 55.38
N LEU K 497 -7.39 28.39 54.68
CA LEU K 497 -7.44 28.43 53.23
C LEU K 497 -8.54 29.37 52.76
N SER K 498 -8.40 29.86 51.54
CA SER K 498 -9.43 30.65 50.90
C SER K 498 -10.50 29.73 50.33
N ASP K 499 -11.57 30.34 49.81
CA ASP K 499 -12.64 29.55 49.18
C ASP K 499 -12.17 28.94 47.87
N VAL K 500 -11.35 29.67 47.12
CA VAL K 500 -10.80 29.16 45.86
C VAL K 500 -9.83 28.01 46.14
N GLN K 501 -9.00 28.14 47.19
CA GLN K 501 -8.09 27.07 47.58
C GLN K 501 -8.84 25.84 48.05
N THR K 502 -9.93 26.05 48.80
CA THR K 502 -10.74 24.92 49.29
C THR K 502 -11.44 24.20 48.14
N GLU K 503 -12.01 24.95 47.19
CA GLU K 503 -12.70 24.31 46.09
C GLU K 503 -11.71 23.62 45.14
N TYR K 504 -10.50 24.17 44.98
CA TYR K 504 -9.48 23.50 44.19
C TYR K 504 -8.98 22.23 44.89
N TYR K 505 -8.85 22.28 46.22
CA TYR K 505 -8.44 21.11 46.99
C TYR K 505 -9.46 19.98 46.91
N LYS K 506 -10.75 20.30 47.03
CA LYS K 506 -11.75 19.26 46.90
C LYS K 506 -11.94 18.81 45.46
N ASN K 507 -11.63 19.67 44.48
CA ASN K 507 -11.69 19.23 43.09
C ASN K 507 -10.54 18.29 42.75
N ILE K 508 -9.36 18.52 43.32
CA ILE K 508 -8.23 17.63 43.05
C ILE K 508 -8.40 16.32 43.82
N LEU K 509 -8.78 16.40 45.09
CA LEU K 509 -8.81 15.20 45.94
C LEU K 509 -9.96 14.26 45.61
N THR K 510 -11.03 14.77 44.97
CA THR K 510 -12.23 14.01 44.65
C THR K 510 -12.53 14.12 43.17
N LYS K 511 -11.52 13.76 42.34
CA LYS K 511 -11.23 14.23 40.99
C LYS K 511 -12.41 14.59 40.10
N ASN K 512 -12.36 15.81 39.57
CA ASN K 512 -13.52 16.50 39.00
C ASN K 512 -13.10 17.16 37.68
N TYR K 513 -12.55 16.34 36.77
CA TYR K 513 -12.00 16.80 35.49
C TYR K 513 -12.95 17.70 34.70
N SER K 514 -14.24 17.33 34.68
CA SER K 514 -15.24 18.20 34.04
C SER K 514 -15.40 19.52 34.80
N ALA K 515 -15.39 19.47 36.14
CA ALA K 515 -15.45 20.69 36.92
C ALA K 515 -14.11 21.43 36.95
N LEU K 516 -13.00 20.69 36.86
CA LEU K 516 -11.69 21.35 36.84
C LEU K 516 -11.41 22.01 35.50
N THR K 517 -12.07 21.56 34.43
CA THR K 517 -11.95 22.25 33.15
C THR K 517 -12.68 23.59 33.20
N ALA K 518 -14.00 23.54 33.41
CA ALA K 518 -14.90 24.69 33.55
C ALA K 518 -14.81 25.66 32.38
N GLY K 519 -14.21 26.82 32.63
CA GLY K 519 -14.05 27.85 31.62
C GLY K 519 -12.75 27.83 30.85
N ALA K 520 -11.91 26.82 31.05
CA ALA K 520 -10.64 26.74 30.34
C ALA K 520 -10.88 26.31 28.90
N LYS K 521 -10.28 27.04 27.96
CA LYS K 521 -10.46 26.73 26.55
C LYS K 521 -9.68 25.47 26.16
N GLY K 522 -8.45 25.33 26.65
CA GLY K 522 -7.68 24.13 26.35
C GLY K 522 -8.20 22.90 27.07
N GLY K 523 -8.52 23.05 28.36
CA GLY K 523 -9.03 21.94 29.13
C GLY K 523 -8.02 20.86 29.44
N HIS K 524 -6.73 21.18 29.42
CA HIS K 524 -5.67 20.18 29.63
C HIS K 524 -5.17 20.30 31.06
N PHE K 525 -5.86 19.62 31.97
CA PHE K 525 -5.48 19.55 33.37
C PHE K 525 -4.86 18.18 33.64
N SER K 526 -3.63 18.18 34.13
CA SER K 526 -2.90 16.95 34.39
C SER K 526 -2.95 16.65 35.88
N LEU K 527 -3.57 15.53 36.24
CA LEU K 527 -3.63 15.08 37.63
C LEU K 527 -2.71 13.90 37.89
N LEU K 528 -1.68 13.71 37.06
CA LEU K 528 -0.55 12.89 37.50
C LEU K 528 0.19 13.64 38.60
N ASN K 529 0.71 12.90 39.58
CA ASN K 529 1.31 13.43 40.80
C ASN K 529 0.30 14.30 41.56
N ILE K 530 -0.70 13.59 42.11
CA ILE K 530 -1.81 14.21 42.86
C ILE K 530 -1.30 15.10 43.99
N MET K 531 -0.30 14.63 44.74
CA MET K 531 0.16 15.35 45.91
C MET K 531 0.89 16.63 45.53
N ASN K 532 1.57 16.65 44.39
CA ASN K 532 2.18 17.87 43.88
C ASN K 532 1.13 18.91 43.52
N GLU K 533 0.02 18.47 42.91
CA GLU K 533 -1.07 19.40 42.61
C GLU K 533 -1.77 19.86 43.88
N LEU K 534 -1.83 19.01 44.91
CA LEU K 534 -2.36 19.42 46.20
C LEU K 534 -1.49 20.47 46.85
N LYS K 535 -0.17 20.32 46.76
CA LYS K 535 0.75 21.34 47.28
C LYS K 535 0.64 22.64 46.49
N LYS K 536 0.46 22.54 45.17
CA LYS K 536 0.26 23.73 44.35
C LYS K 536 -1.05 24.45 44.70
N ALA K 537 -2.11 23.68 44.99
CA ALA K 537 -3.36 24.29 45.42
C ALA K 537 -3.25 24.89 46.81
N SER K 538 -2.44 24.29 47.68
CA SER K 538 -2.22 24.85 49.01
C SER K 538 -1.37 26.11 48.95
N ASN K 539 -0.51 26.24 47.94
CA ASN K 539 0.32 27.44 47.83
C ASN K 539 -0.44 28.60 47.21
N HIS K 540 -0.90 28.43 45.97
CA HIS K 540 -1.60 29.49 45.25
C HIS K 540 -2.49 28.92 44.16
N PRO K 541 -3.75 29.36 44.06
CA PRO K 541 -4.61 28.89 42.97
C PRO K 541 -4.17 29.33 41.58
N TYR K 542 -3.36 30.37 41.47
CA TYR K 542 -2.99 30.91 40.17
C TYR K 542 -1.90 30.10 39.48
N LEU K 543 -1.33 29.10 40.16
CA LEU K 543 -0.36 28.21 39.52
C LEU K 543 -1.03 27.36 38.44
N PHE K 544 -2.29 27.01 38.61
CA PHE K 544 -3.01 26.27 37.59
C PHE K 544 -3.34 27.17 36.41
N ASP K 545 -3.45 26.56 35.23
CA ASP K 545 -3.75 27.31 34.02
C ASP K 545 -5.22 27.71 33.99
N ASN K 546 -5.47 28.90 33.43
CA ASN K 546 -6.81 29.49 33.27
C ASN K 546 -7.55 29.61 34.59
N ALA K 547 -6.83 30.00 35.64
CA ALA K 547 -7.40 30.16 36.97
C ALA K 547 -7.55 31.62 37.39
N GLU K 548 -6.74 32.52 36.85
CA GLU K 548 -6.84 33.93 37.21
C GLU K 548 -8.06 34.59 36.57
N GLU K 549 -8.49 34.07 35.42
CA GLU K 549 -9.61 34.67 34.69
C GLU K 549 -10.93 34.48 35.43
N ARG K 550 -11.11 33.32 36.08
CA ARG K 550 -12.33 33.09 36.85
C ARG K 550 -12.41 33.99 38.07
N VAL K 551 -11.28 34.21 38.75
CA VAL K 551 -11.25 35.12 39.90
C VAL K 551 -11.45 36.56 39.45
N LEU K 552 -10.88 36.93 38.29
CA LEU K 552 -11.03 38.29 37.80
C LEU K 552 -12.46 38.57 37.32
N GLN K 553 -13.12 37.58 36.73
CA GLN K 553 -14.48 37.76 36.25
C GLN K 553 -15.55 37.48 37.30
N LYS K 554 -15.16 36.89 38.44
CA LYS K 554 -16.12 36.59 39.50
C LYS K 554 -16.11 37.61 40.62
N PHE K 555 -14.98 38.26 40.87
CA PHE K 555 -14.85 39.21 41.97
C PHE K 555 -14.51 40.62 41.51
N GLY K 556 -13.52 40.76 40.65
CA GLY K 556 -13.11 42.07 40.13
C GLY K 556 -13.75 42.46 38.82
N ASP K 557 -14.84 41.77 38.42
CA ASP K 557 -15.64 41.93 37.20
C ASP K 557 -14.86 42.11 35.91
N GLY K 558 -13.66 41.55 35.84
CA GLY K 558 -12.92 41.44 34.59
C GLY K 558 -12.31 42.71 34.05
N LYS K 559 -12.32 43.81 34.80
CA LYS K 559 -11.74 45.05 34.28
C LYS K 559 -10.22 45.03 34.36
N MET K 560 -9.66 44.45 35.44
CA MET K 560 -8.21 44.27 35.64
C MET K 560 -7.43 45.59 35.54
N THR K 561 -7.98 46.65 36.14
CA THR K 561 -7.42 47.99 35.97
C THR K 561 -6.50 48.35 37.14
N ARG K 562 -5.40 47.58 37.25
CA ARG K 562 -4.17 47.93 37.99
C ARG K 562 -4.34 47.93 39.51
N GLU K 563 -5.57 47.79 40.00
CA GLU K 563 -5.83 47.84 41.44
C GLU K 563 -6.54 46.59 41.95
N ASN K 564 -7.49 46.05 41.19
CA ASN K 564 -8.20 44.86 41.63
C ASN K 564 -7.37 43.60 41.48
N VAL K 565 -6.32 43.63 40.65
CA VAL K 565 -5.49 42.43 40.46
C VAL K 565 -4.67 42.14 41.71
N LEU K 566 -4.19 43.17 42.41
CA LEU K 566 -3.46 42.96 43.65
C LEU K 566 -4.39 42.44 44.75
N ARG K 567 -5.62 42.95 44.78
CA ARG K 567 -6.61 42.47 45.74
C ARG K 567 -7.01 41.03 45.43
N GLY K 568 -7.07 40.66 44.15
CA GLY K 568 -7.32 39.28 43.77
C GLY K 568 -6.18 38.35 44.15
N LEU K 569 -4.94 38.82 43.98
CA LEU K 569 -3.78 38.09 44.50
C LEU K 569 -3.85 37.92 46.01
N ILE K 570 -4.33 38.95 46.72
CA ILE K 570 -4.44 38.88 48.16
C ILE K 570 -5.49 37.85 48.59
N MET K 571 -6.68 37.90 47.97
CA MET K 571 -7.76 37.03 48.42
C MET K 571 -7.68 35.63 47.84
N SER K 572 -6.85 35.40 46.82
CA SER K 572 -6.79 34.08 46.20
C SER K 572 -6.08 33.07 47.11
N SER K 573 -4.96 33.45 47.69
CA SER K 573 -4.17 32.56 48.53
C SER K 573 -4.35 32.93 49.99
N GLY K 574 -4.68 31.94 50.82
CA GLY K 574 -4.79 32.17 52.24
C GLY K 574 -3.46 32.23 52.96
N LYS K 575 -2.38 31.80 52.30
CA LYS K 575 -1.06 31.88 52.92
C LYS K 575 -0.55 33.31 52.96
N MET K 576 -0.68 34.04 51.85
CA MET K 576 0.10 35.25 51.68
C MET K 576 -0.61 36.51 52.20
N VAL K 577 -1.79 36.39 52.80
CA VAL K 577 -2.32 37.52 53.57
C VAL K 577 -1.48 37.72 54.84
N LEU K 578 -1.07 36.61 55.46
CA LEU K 578 -0.14 36.67 56.59
C LEU K 578 1.22 37.17 56.14
N LEU K 579 1.64 36.81 54.92
CA LEU K 579 2.89 37.33 54.37
C LEU K 579 2.79 38.82 54.08
N ASP K 580 1.62 39.30 53.63
CA ASP K 580 1.42 40.72 53.43
C ASP K 580 1.48 41.49 54.74
N GLN K 581 0.83 40.95 55.79
CA GLN K 581 0.89 41.57 57.10
C GLN K 581 2.31 41.57 57.66
N LEU K 582 3.04 40.46 57.45
CA LEU K 582 4.42 40.36 57.91
C LEU K 582 5.34 41.32 57.16
N LEU K 583 5.16 41.47 55.85
CA LEU K 583 6.02 42.38 55.10
C LEU K 583 5.71 43.83 55.41
N THR K 584 4.45 44.17 55.68
CA THR K 584 4.14 45.53 56.14
C THR K 584 4.73 45.79 57.52
N ARG K 585 4.63 44.81 58.43
CA ARG K 585 5.15 44.97 59.79
C ARG K 585 6.67 45.08 59.81
N LEU K 586 7.35 44.31 58.97
CA LEU K 586 8.80 44.41 58.87
C LEU K 586 9.26 45.54 57.96
N LYS K 587 8.34 46.13 57.18
CA LYS K 587 8.63 47.39 56.50
C LYS K 587 8.58 48.56 57.46
N LYS K 588 7.67 48.49 58.45
CA LYS K 588 7.67 49.50 59.50
C LYS K 588 8.90 49.40 60.40
N ASP K 589 9.49 48.21 60.49
CA ASP K 589 10.73 48.02 61.24
C ASP K 589 11.92 48.12 60.31
N GLY K 590 13.12 48.16 60.91
CA GLY K 590 14.35 48.22 60.14
C GLY K 590 14.99 46.87 59.90
N HIS K 591 14.32 45.98 59.18
CA HIS K 591 14.84 44.65 58.90
C HIS K 591 14.63 44.30 57.44
N ARG K 592 15.46 43.39 56.96
CA ARG K 592 15.39 42.87 55.60
C ARG K 592 14.99 41.40 55.64
N VAL K 593 14.23 40.96 54.64
CA VAL K 593 13.57 39.66 54.69
C VAL K 593 13.94 38.84 53.45
N LEU K 594 14.26 37.57 53.69
CA LEU K 594 14.40 36.54 52.67
C LEU K 594 13.12 35.72 52.64
N ILE K 595 12.67 35.34 51.45
CA ILE K 595 11.51 34.46 51.30
C ILE K 595 11.96 33.26 50.49
N PHE K 596 12.00 32.10 51.13
CA PHE K 596 12.42 30.85 50.48
C PHE K 596 11.20 30.09 49.97
N SER K 597 11.33 29.51 48.78
CA SER K 597 10.24 28.73 48.19
C SER K 597 10.82 27.55 47.44
N GLN K 598 9.98 26.54 47.23
CA GLN K 598 10.37 25.34 46.50
C GLN K 598 10.15 25.46 45.00
N MET K 599 9.16 26.23 44.57
CA MET K 599 8.79 26.36 43.17
C MET K 599 9.10 27.75 42.66
N VAL K 600 9.71 27.83 41.47
CA VAL K 600 10.05 29.12 40.90
C VAL K 600 8.83 29.81 40.30
N ARG K 601 7.74 29.08 40.04
CA ARG K 601 6.51 29.72 39.58
C ARG K 601 5.84 30.49 40.71
N MET K 602 5.92 29.97 41.94
CA MET K 602 5.45 30.72 43.10
C MET K 602 6.32 31.95 43.32
N LEU K 603 7.62 31.84 43.05
CA LEU K 603 8.51 33.00 43.10
C LEU K 603 8.14 34.02 42.03
N ASP K 604 7.69 33.56 40.86
CA ASP K 604 7.18 34.48 39.84
C ASP K 604 5.90 35.16 40.31
N ILE K 605 5.05 34.44 41.04
CA ILE K 605 3.82 35.03 41.58
C ILE K 605 4.15 36.13 42.59
N LEU K 606 5.09 35.86 43.50
CA LEU K 606 5.53 36.91 44.44
C LEU K 606 6.26 38.04 43.73
N GLY K 607 7.00 37.76 42.66
CA GLY K 607 7.66 38.82 41.91
C GLY K 607 6.66 39.75 41.23
N ASP K 608 5.59 39.18 40.67
CA ASP K 608 4.53 40.01 40.10
C ASP K 608 3.79 40.77 41.19
N TYR K 609 3.58 40.15 42.35
CA TYR K 609 2.91 40.81 43.47
C TYR K 609 3.72 42.01 43.95
N LEU K 610 5.04 41.88 44.03
CA LEU K 610 5.89 43.01 44.38
C LEU K 610 6.03 44.02 43.23
N SER K 611 5.87 43.57 41.98
CA SER K 611 5.97 44.50 40.85
C SER K 611 4.77 45.45 40.80
N ILE K 612 3.55 44.90 40.89
CA ILE K 612 2.38 45.77 41.03
C ILE K 612 2.37 46.48 42.39
N LYS K 613 2.85 45.81 43.44
CA LYS K 613 2.93 46.44 44.76
C LYS K 613 3.94 47.58 44.80
N GLY K 614 5.07 47.42 44.11
CA GLY K 614 6.05 48.49 44.02
C GLY K 614 7.05 48.51 45.15
N ILE K 615 7.69 47.36 45.39
CA ILE K 615 8.70 47.23 46.43
C ILE K 615 9.99 46.79 45.75
N ASN K 616 11.11 47.43 46.12
CA ASN K 616 12.42 47.08 45.57
C ASN K 616 12.80 45.68 46.03
N PHE K 617 12.71 44.71 45.11
CA PHE K 617 12.89 43.31 45.41
C PHE K 617 13.99 42.73 44.53
N GLN K 618 14.59 41.64 45.02
CA GLN K 618 15.55 40.88 44.22
C GLN K 618 15.14 39.42 44.21
N ARG K 619 15.59 38.70 43.19
CA ARG K 619 15.16 37.32 42.96
C ARG K 619 16.37 36.42 42.72
N LEU K 620 16.25 35.16 43.16
CA LEU K 620 17.29 34.18 42.93
C LEU K 620 16.69 32.79 42.76
N ASP K 621 17.03 32.14 41.65
CA ASP K 621 16.59 30.78 41.37
C ASP K 621 17.62 30.11 40.48
N GLY K 622 17.28 28.93 39.95
CA GLY K 622 18.21 28.18 39.13
C GLY K 622 18.41 28.72 37.73
N THR K 623 17.44 29.49 37.21
CA THR K 623 17.57 30.03 35.87
C THR K 623 18.53 31.21 35.80
N VAL K 624 18.85 31.83 36.93
CA VAL K 624 19.75 32.97 36.97
C VAL K 624 21.19 32.48 36.86
N PRO K 625 21.96 32.95 35.88
CA PRO K 625 23.37 32.55 35.78
C PRO K 625 24.21 33.19 36.88
N SER K 626 25.40 32.62 37.06
CA SER K 626 26.22 32.92 38.25
C SER K 626 26.75 34.34 38.26
N ALA K 627 26.93 34.96 37.07
CA ALA K 627 27.36 36.35 37.02
C ALA K 627 26.28 37.27 37.56
N GLN K 628 25.03 37.07 37.13
CA GLN K 628 23.92 37.84 37.68
C GLN K 628 23.63 37.47 39.12
N ARG K 629 23.97 36.24 39.53
CA ARG K 629 23.90 35.87 40.94
C ARG K 629 24.86 36.71 41.78
N ARG K 630 26.09 36.87 41.29
CA ARG K 630 27.09 37.69 41.97
C ARG K 630 26.68 39.15 41.99
N ILE K 631 26.08 39.62 40.89
CA ILE K 631 25.58 41.00 40.79
C ILE K 631 24.48 41.25 41.81
N SER K 632 23.51 40.33 41.89
CA SER K 632 22.39 40.50 42.81
C SER K 632 22.82 40.37 44.27
N ILE K 633 23.80 39.51 44.55
CA ILE K 633 24.29 39.37 45.92
C ILE K 633 25.04 40.63 46.35
N ASP K 634 25.87 41.19 45.46
CA ASP K 634 26.55 42.43 45.79
C ASP K 634 25.59 43.61 45.85
N HIS K 635 24.49 43.57 45.11
CA HIS K 635 23.50 44.63 45.21
C HIS K 635 22.71 44.53 46.51
N PHE K 636 22.48 43.30 46.99
CA PHE K 636 21.77 43.13 48.25
C PHE K 636 22.65 43.42 49.47
N ASN K 637 23.94 43.08 49.40
CA ASN K 637 24.82 43.17 50.55
C ASN K 637 25.54 44.52 50.64
N SER K 638 25.24 45.46 49.75
CA SER K 638 25.85 46.78 49.84
C SER K 638 25.26 47.55 51.02
N PRO K 639 26.06 48.40 51.68
CA PRO K 639 25.52 49.21 52.78
C PRO K 639 24.49 50.25 52.35
N ASP K 640 24.48 50.64 51.08
CA ASP K 640 23.49 51.59 50.55
C ASP K 640 22.43 50.89 49.71
N SER K 641 22.04 49.68 50.12
CA SER K 641 21.08 48.89 49.35
C SER K 641 19.66 49.34 49.65
N ASN K 642 18.90 49.60 48.61
CA ASN K 642 17.49 49.93 48.72
C ASN K 642 16.59 48.72 48.61
N ASP K 643 17.15 47.52 48.43
CA ASP K 643 16.35 46.31 48.34
C ASP K 643 15.80 45.93 49.72
N PHE K 644 14.56 45.49 49.74
CA PHE K 644 13.89 45.11 50.98
C PHE K 644 13.68 43.61 51.11
N VAL K 645 13.22 42.95 50.05
CA VAL K 645 12.87 41.54 50.09
C VAL K 645 13.66 40.79 49.01
N PHE K 646 14.21 39.63 49.38
CA PHE K 646 14.99 38.80 48.49
C PHE K 646 14.32 37.44 48.40
N LEU K 647 13.85 37.09 47.20
CA LEU K 647 13.21 35.82 46.95
C LEU K 647 14.25 34.77 46.59
N LEU K 648 14.11 33.58 47.16
CA LEU K 648 15.09 32.51 47.03
C LEU K 648 14.39 31.22 46.63
N SER K 649 15.00 30.50 45.70
CA SER K 649 14.70 29.07 45.58
C SER K 649 15.61 28.32 46.55
N THR K 650 15.04 27.30 47.20
CA THR K 650 15.67 26.74 48.40
C THR K 650 16.91 25.92 48.07
N ARG K 651 16.89 25.15 46.98
CA ARG K 651 17.92 24.16 46.72
C ARG K 651 18.98 24.65 45.72
N ALA K 652 19.20 25.96 45.63
CA ALA K 652 20.10 26.52 44.64
C ALA K 652 21.27 27.23 45.32
N GLY K 653 22.45 27.09 44.71
CA GLY K 653 23.62 27.85 45.09
C GLY K 653 24.53 27.18 46.09
N GLY K 654 24.05 26.19 46.84
CA GLY K 654 24.88 25.54 47.82
C GLY K 654 25.15 26.41 49.04
N LEU K 655 26.32 26.21 49.64
CA LEU K 655 26.71 26.92 50.85
C LEU K 655 27.55 28.16 50.58
N GLY K 656 27.74 28.52 49.31
CA GLY K 656 28.63 29.62 48.97
C GLY K 656 27.96 30.97 48.83
N ILE K 657 26.76 31.12 49.38
CA ILE K 657 26.02 32.37 49.30
C ILE K 657 26.00 33.01 50.68
N ASN K 658 26.32 34.31 50.73
CA ASN K 658 26.36 35.07 51.96
C ASN K 658 25.20 36.07 51.99
N LEU K 659 24.44 36.06 53.07
CA LEU K 659 23.31 36.96 53.30
C LEU K 659 23.48 37.69 54.62
N MET K 660 24.65 38.34 54.77
CA MET K 660 25.02 39.02 56.01
C MET K 660 24.05 40.14 56.36
N THR K 661 23.54 40.87 55.37
CA THR K 661 22.63 41.98 55.63
C THR K 661 21.21 41.53 55.91
N ALA K 662 20.90 40.25 55.71
CA ALA K 662 19.54 39.76 55.95
C ALA K 662 19.31 39.52 57.44
N ASP K 663 18.05 39.66 57.85
CA ASP K 663 17.71 39.46 59.26
C ASP K 663 16.55 38.50 59.47
N THR K 664 15.54 38.52 58.61
CA THR K 664 14.36 37.68 58.77
C THR K 664 14.30 36.67 57.64
N VAL K 665 13.97 35.43 57.96
CA VAL K 665 13.85 34.35 56.98
C VAL K 665 12.43 33.80 57.04
N VAL K 666 11.74 33.77 55.91
CA VAL K 666 10.38 33.27 55.82
C VAL K 666 10.40 32.05 54.89
N ILE K 667 10.11 30.89 55.46
CA ILE K 667 10.00 29.65 54.70
C ILE K 667 8.55 29.55 54.23
N PHE K 668 8.33 29.88 52.96
CA PHE K 668 6.98 29.79 52.40
C PHE K 668 6.54 28.35 52.21
N ASP K 669 7.44 27.51 51.68
CA ASP K 669 7.14 26.11 51.44
C ASP K 669 8.18 25.25 52.13
N SER K 670 7.74 24.27 52.91
CA SER K 670 8.65 23.37 53.59
C SER K 670 9.23 22.36 52.61
N ASP K 671 10.43 21.89 52.91
CA ASP K 671 11.12 20.92 52.08
C ASP K 671 10.98 19.52 52.67
N TRP K 672 11.12 18.52 51.79
CA TRP K 672 11.09 17.13 52.24
C TRP K 672 12.33 16.80 53.06
N ASN K 673 13.50 17.22 52.59
CA ASN K 673 14.72 17.09 53.37
C ASN K 673 14.89 18.36 54.18
N PRO K 674 14.81 18.31 55.51
CA PRO K 674 14.88 19.54 56.30
C PRO K 674 16.29 20.11 56.40
N GLN K 675 17.31 19.38 55.96
CA GLN K 675 18.66 19.95 55.87
C GLN K 675 18.70 21.10 54.88
N ALA K 676 17.89 21.04 53.82
CA ALA K 676 17.72 22.17 52.93
C ALA K 676 17.12 23.36 53.65
N ASP K 677 16.19 23.11 54.58
CA ASP K 677 15.60 24.20 55.35
C ASP K 677 16.59 24.80 56.35
N LEU K 678 17.41 23.95 56.97
CA LEU K 678 18.46 24.43 57.87
C LEU K 678 19.51 25.26 57.13
N GLN K 679 19.93 24.80 55.94
CA GLN K 679 20.86 25.60 55.15
C GLN K 679 20.18 26.81 54.53
N ALA K 680 18.85 26.79 54.38
CA ALA K 680 18.13 27.98 53.94
C ALA K 680 18.11 29.05 55.01
N MET K 681 17.78 28.67 56.24
CA MET K 681 17.76 29.64 57.34
C MET K 681 19.15 29.91 57.90
N ALA K 682 20.16 29.19 57.45
CA ALA K 682 21.55 29.46 57.81
C ALA K 682 22.20 30.46 56.86
N ARG K 683 21.50 30.90 55.82
CA ARG K 683 22.04 31.93 54.94
C ARG K 683 22.11 33.27 55.65
N ALA K 684 21.10 33.59 56.47
CA ALA K 684 21.14 34.79 57.29
C ALA K 684 21.70 34.54 58.69
N HIS K 685 21.70 33.29 59.14
CA HIS K 685 22.25 32.93 60.45
C HIS K 685 23.68 32.41 60.30
N ARG K 686 24.56 33.29 59.83
CA ARG K 686 25.97 32.99 59.68
C ARG K 686 26.74 33.49 60.91
N ILE K 687 28.04 33.20 60.92
CA ILE K 687 28.89 33.53 62.06
C ILE K 687 29.17 35.02 62.06
N GLY K 688 28.86 35.69 63.17
CA GLY K 688 29.11 37.11 63.30
C GLY K 688 27.92 38.00 63.02
N GLN K 689 26.71 37.45 62.94
CA GLN K 689 25.52 38.24 62.63
C GLN K 689 25.20 39.18 63.79
N LYS K 690 24.90 40.43 63.46
CA LYS K 690 24.71 41.49 64.44
C LYS K 690 23.26 41.66 64.88
N ASN K 691 22.35 40.83 64.39
CA ASN K 691 20.93 40.97 64.72
C ASN K 691 20.34 39.59 65.00
N HIS K 692 19.25 39.59 65.75
CA HIS K 692 18.54 38.35 66.07
C HIS K 692 17.77 37.85 64.86
N VAL K 693 18.12 36.66 64.39
CA VAL K 693 17.49 36.09 63.20
C VAL K 693 16.15 35.47 63.58
N MET K 694 15.09 35.89 62.90
CA MET K 694 13.74 35.40 63.15
C MET K 694 13.25 34.62 61.93
N VAL K 695 12.73 33.42 62.17
CA VAL K 695 12.29 32.53 61.10
C VAL K 695 10.78 32.34 61.23
N TYR K 696 10.06 32.65 60.16
CA TYR K 696 8.62 32.44 60.09
C TYR K 696 8.32 31.41 59.02
N ARG K 697 7.60 30.35 59.39
CA ARG K 697 7.25 29.28 58.45
C ARG K 697 5.76 29.38 58.14
N LEU K 698 5.42 29.46 56.86
CA LEU K 698 4.04 29.62 56.43
C LEU K 698 3.47 28.26 56.05
N VAL K 699 2.54 27.76 56.87
CA VAL K 699 1.95 26.43 56.70
C VAL K 699 0.45 26.59 56.52
N SER K 700 -0.10 25.89 55.55
CA SER K 700 -1.55 25.88 55.35
C SER K 700 -2.21 24.87 56.29
N LYS K 701 -3.34 25.26 56.87
CA LYS K 701 -4.08 24.39 57.75
C LYS K 701 -4.77 23.28 56.96
N ASP K 702 -4.96 22.14 57.64
CA ASP K 702 -5.65 20.89 57.25
C ASP K 702 -5.45 20.47 55.78
N THR K 703 -4.23 20.62 55.29
CA THR K 703 -3.86 20.28 53.92
C THR K 703 -2.79 19.18 53.94
N VAL K 704 -2.22 18.92 52.76
CA VAL K 704 -1.28 17.83 52.60
C VAL K 704 0.11 18.17 53.12
N GLU K 705 0.35 19.43 53.48
CA GLU K 705 1.65 19.83 54.02
C GLU K 705 1.84 19.40 55.48
N GLU K 706 0.78 18.96 56.15
CA GLU K 706 0.89 18.56 57.55
C GLU K 706 1.70 17.29 57.72
N GLU K 707 1.53 16.30 56.83
CA GLU K 707 2.37 15.12 56.88
C GLU K 707 3.78 15.40 56.40
N VAL K 708 3.97 16.43 55.56
CA VAL K 708 5.32 16.88 55.21
C VAL K 708 6.03 17.43 56.44
N LEU K 709 5.32 18.24 57.23
CA LEU K 709 5.88 18.73 58.49
C LEU K 709 6.09 17.60 59.50
N GLU K 710 5.22 16.60 59.48
CA GLU K 710 5.39 15.43 60.35
C GLU K 710 6.65 14.65 60.00
N ARG K 711 6.91 14.44 58.70
CA ARG K 711 8.12 13.75 58.28
C ARG K 711 9.37 14.60 58.56
N ALA K 712 9.25 15.92 58.42
CA ALA K 712 10.35 16.82 58.74
C ALA K 712 10.69 16.79 60.23
N ARG K 713 9.66 16.77 61.08
CA ARG K 713 9.89 16.69 62.51
C ARG K 713 10.43 15.32 62.92
N LYS K 714 10.00 14.26 62.23
CA LYS K 714 10.58 12.93 62.47
C LYS K 714 12.05 12.88 62.08
N LYS K 715 12.42 13.54 60.98
CA LYS K 715 13.83 13.58 60.59
C LYS K 715 14.65 14.43 61.55
N MET K 716 14.07 15.53 62.07
CA MET K 716 14.73 16.29 63.13
C MET K 716 14.90 15.48 64.41
N ILE K 717 13.90 14.65 64.75
CA ILE K 717 14.01 13.78 65.92
C ILE K 717 15.12 12.75 65.73
N LEU K 718 15.21 12.18 64.53
CA LEU K 718 16.29 11.23 64.22
C LEU K 718 17.66 11.90 64.25
N GLU K 719 17.73 13.13 63.73
CA GLU K 719 18.99 13.89 63.72
C GLU K 719 19.43 14.26 65.14
N TYR K 720 18.48 14.65 65.99
CA TYR K 720 18.83 14.95 67.38
C TYR K 720 19.12 13.68 68.17
N ALA K 721 18.58 12.54 67.73
CA ALA K 721 18.86 11.29 68.42
C ALA K 721 20.27 10.80 68.11
N ILE K 722 20.56 10.53 66.84
CA ILE K 722 21.83 9.87 66.51
C ILE K 722 22.97 10.88 66.44
N ILE K 723 22.80 11.94 65.67
CA ILE K 723 23.93 12.83 65.37
C ILE K 723 24.26 13.75 66.55
N SER K 724 23.23 14.35 67.15
CA SER K 724 23.46 15.38 68.16
C SER K 724 23.94 14.81 69.48
N LEU K 725 23.61 13.55 69.77
CA LEU K 725 23.99 12.93 71.03
C LEU K 725 25.27 12.11 70.93
N GLY K 726 25.92 12.11 69.76
CA GLY K 726 27.17 11.39 69.55
C GLY K 726 28.21 12.29 68.90
N VAL K 727 28.28 13.54 69.35
CA VAL K 727 29.24 14.48 68.79
C VAL K 727 30.63 14.21 69.35
N THR K 728 31.64 14.68 68.63
CA THR K 728 33.07 14.51 68.92
C THR K 728 33.48 13.06 69.13
N GLU K 743 17.12 9.55 78.59
CA GLU K 743 16.37 10.61 77.93
C GLU K 743 16.17 10.31 76.45
N LEU K 744 16.66 9.14 76.01
CA LEU K 744 16.40 8.69 74.65
C LEU K 744 14.94 8.32 74.46
N SER K 745 14.31 7.75 75.49
CA SER K 745 12.90 7.39 75.42
C SER K 745 12.02 8.63 75.38
N ALA K 746 12.47 9.74 75.98
CA ALA K 746 11.70 10.98 75.97
C ALA K 746 11.62 11.56 74.57
N ILE K 747 12.76 11.63 73.87
CA ILE K 747 12.73 12.15 72.50
C ILE K 747 12.12 11.13 71.54
N LEU K 748 12.20 9.84 71.87
CA LEU K 748 11.50 8.82 71.07
C LEU K 748 9.99 8.97 71.18
N LYS K 749 9.48 9.24 72.38
CA LYS K 749 8.05 9.48 72.55
C LYS K 749 7.63 10.83 71.98
N PHE K 750 8.54 11.81 71.97
CA PHE K 750 8.26 13.08 71.32
C PHE K 750 8.14 12.91 69.81
N GLY K 751 9.03 12.10 69.21
CA GLY K 751 8.92 11.81 67.80
C GLY K 751 7.79 10.87 67.43
N ALA K 752 7.32 10.07 68.38
CA ALA K 752 6.22 9.16 68.11
C ALA K 752 4.89 9.89 68.05
N GLY K 753 4.77 11.02 68.75
CA GLY K 753 3.52 11.76 68.78
C GLY K 753 3.28 12.57 67.53
N ASN K 754 2.13 13.24 67.52
CA ASN K 754 1.72 14.09 66.41
C ASN K 754 1.79 15.55 66.83
N MET K 755 2.38 16.39 65.97
CA MET K 755 2.54 17.80 66.26
C MET K 755 1.27 18.61 66.05
N PHE K 756 0.26 18.05 65.39
CA PHE K 756 -0.98 18.76 65.14
C PHE K 756 -2.12 18.20 65.98
N ASP K 772 0.36 40.33 69.11
CA ASP K 772 1.71 39.96 69.49
C ASP K 772 2.06 38.56 68.98
N VAL K 773 1.67 38.28 67.74
CA VAL K 773 1.92 36.98 67.13
C VAL K 773 3.01 37.05 66.06
N LEU K 774 3.32 38.24 65.53
CA LEU K 774 4.38 38.41 64.55
C LEU K 774 5.51 39.29 65.10
N ASN K 775 5.77 39.22 66.40
CA ASN K 775 6.77 40.06 67.02
C ASN K 775 8.18 39.59 66.65
N HIS K 776 9.05 40.56 66.37
CA HIS K 776 10.45 40.27 66.03
C HIS K 776 11.33 40.36 67.28
N ALA K 777 10.97 39.56 68.28
CA ALA K 777 11.68 39.54 69.55
C ALA K 777 11.47 38.20 70.21
N GLU K 778 12.32 37.92 71.19
CA GLU K 778 12.23 36.67 71.96
C GLU K 778 12.68 36.88 73.39
N GLY K 793 18.04 19.32 75.64
CA GLY K 793 16.84 18.62 76.08
C GLY K 793 15.58 19.43 75.87
N GLU K 794 15.32 20.37 76.78
CA GLU K 794 14.14 21.22 76.65
C GLU K 794 14.31 22.25 75.55
N GLU K 795 15.56 22.61 75.22
CA GLU K 795 15.79 23.56 74.13
C GLU K 795 15.53 22.93 72.77
N PHE K 796 15.69 21.60 72.65
CA PHE K 796 15.39 20.93 71.41
C PHE K 796 13.90 20.84 71.14
N LEU K 797 13.06 20.87 72.18
CA LEU K 797 11.62 20.84 72.01
C LEU K 797 11.05 22.16 71.52
N LYS K 798 11.83 23.24 71.56
CA LYS K 798 11.38 24.52 71.04
C LYS K 798 11.34 24.51 69.52
N GLN K 799 10.64 25.51 68.97
CA GLN K 799 10.42 25.69 67.52
C GLN K 799 9.75 24.49 66.87
N PHE K 800 8.90 23.79 67.63
CA PHE K 800 8.12 22.67 67.13
C PHE K 800 6.62 22.84 67.34
N GLU K 801 6.21 23.81 68.15
CA GLU K 801 4.78 24.07 68.36
C GLU K 801 4.17 24.72 67.13
N VAL K 802 2.85 24.56 67.00
CA VAL K 802 2.10 25.11 65.88
C VAL K 802 1.29 26.30 66.38
N THR K 803 1.55 27.47 65.81
CA THR K 803 0.85 28.69 66.19
C THR K 803 -0.21 28.97 65.13
N ASP K 804 -1.48 28.86 65.53
CA ASP K 804 -2.58 29.09 64.61
C ASP K 804 -2.87 30.58 64.50
N TYR K 805 -3.05 31.06 63.28
CA TYR K 805 -3.32 32.47 63.02
C TYR K 805 -4.73 32.62 62.45
N LYS K 806 -5.46 33.62 62.96
CA LYS K 806 -6.80 33.95 62.49
C LYS K 806 -6.74 35.29 61.79
N ALA K 807 -6.96 35.29 60.47
CA ALA K 807 -6.92 36.52 59.69
C ALA K 807 -8.28 37.20 59.63
N ASP K 808 -9.29 36.48 59.12
CA ASP K 808 -10.68 36.96 58.95
C ASP K 808 -10.75 38.24 58.14
N ILE K 809 -9.95 38.32 57.08
CA ILE K 809 -9.88 39.50 56.23
C ILE K 809 -10.86 39.34 55.08
N ASP K 810 -11.77 40.29 54.94
CA ASP K 810 -12.76 40.26 53.88
C ASP K 810 -12.25 41.03 52.66
N TRP K 811 -13.14 41.33 51.72
CA TRP K 811 -12.74 41.87 50.42
C TRP K 811 -12.27 43.31 50.52
N ASP K 812 -12.97 44.15 51.29
CA ASP K 812 -12.70 45.58 51.30
C ASP K 812 -11.69 46.01 52.36
N ASP K 813 -11.17 45.07 53.18
CA ASP K 813 -10.19 45.44 54.18
C ASP K 813 -8.82 45.69 53.57
N ILE K 814 -8.44 44.92 52.54
CA ILE K 814 -7.16 45.09 51.86
C ILE K 814 -7.21 46.30 50.96
N ILE K 815 -6.05 46.72 50.45
CA ILE K 815 -5.84 47.89 49.60
C ILE K 815 -6.39 49.14 50.26
N PRO K 816 -5.70 49.70 51.28
CA PRO K 816 -6.22 50.87 52.00
C PRO K 816 -6.23 52.15 51.18
N GLU K 817 -6.65 53.25 51.81
CA GLU K 817 -6.93 54.49 51.08
C GLU K 817 -5.67 55.12 50.51
N GLU K 818 -4.56 55.10 51.27
CA GLU K 818 -3.32 55.69 50.79
C GLU K 818 -2.72 54.89 49.64
N GLU K 819 -2.74 53.55 49.76
CA GLU K 819 -2.20 52.69 48.70
C GLU K 819 -3.06 52.77 47.44
N LEU K 820 -4.39 52.79 47.60
CA LEU K 820 -5.27 52.90 46.45
C LEU K 820 -5.16 54.27 45.79
N LYS K 821 -4.97 55.33 46.59
CA LYS K 821 -4.78 56.66 46.04
C LYS K 821 -3.46 56.76 45.27
N LYS K 822 -2.39 56.15 45.80
CA LYS K 822 -1.12 56.13 45.11
C LYS K 822 -1.19 55.32 43.81
N LEU K 823 -1.91 54.19 43.84
CA LEU K 823 -2.08 53.37 42.64
C LEU K 823 -2.92 54.11 41.59
N GLN K 824 -3.96 54.83 42.02
CA GLN K 824 -4.78 55.60 41.09
C GLN K 824 -3.99 56.76 40.49
N ASP K 825 -3.14 57.41 41.30
CA ASP K 825 -2.29 58.48 40.78
C ASP K 825 -1.26 57.95 39.79
N GLU K 826 -0.69 56.77 40.08
CA GLU K 826 0.26 56.16 39.16
C GLU K 826 -0.42 55.73 37.86
N GLU K 827 -1.65 55.22 37.95
CA GLU K 827 -2.40 54.83 36.75
C GLU K 827 -2.77 56.06 35.91
N GLN K 828 -3.13 57.17 36.58
CA GLN K 828 -3.44 58.40 35.86
C GLN K 828 -2.21 58.99 35.22
N LYS K 829 -1.05 58.90 35.88
CA LYS K 829 0.20 59.39 35.30
C LYS K 829 0.63 58.52 34.13
N ARG K 830 0.39 57.20 34.21
CA ARG K 830 0.71 56.32 33.08
C ARG K 830 -0.24 56.54 31.91
N LYS K 831 -1.52 56.83 32.19
CA LYS K 831 -2.47 57.11 31.11
C LYS K 831 -2.22 58.47 30.47
N ASP K 832 -1.77 59.45 31.25
CA ASP K 832 -1.51 60.77 30.69
C ASP K 832 -0.23 60.77 29.85
N GLU K 833 0.78 60.03 30.27
CA GLU K 833 2.05 59.96 29.56
C GLU K 833 2.11 58.83 28.54
N GLU K 834 1.02 58.06 28.41
CA GLU K 834 0.86 56.94 27.47
C GLU K 834 1.95 55.89 27.63
N TYR K 835 2.90 55.86 26.69
CA TYR K 835 4.03 54.92 26.64
C TYR K 835 3.61 53.46 26.69
N LYS L 1 -43.57 4.56 2.33
CA LYS L 1 -43.60 5.99 2.04
C LYS L 1 -42.44 6.71 2.72
N ILE L 2 -42.71 7.26 3.91
CA ILE L 2 -41.65 7.93 4.68
C ILE L 2 -40.74 6.88 5.29
N PRO L 3 -39.43 7.07 5.26
CA PRO L 3 -38.53 6.09 5.88
C PRO L 3 -38.62 6.11 7.40
N THR L 4 -38.43 4.94 8.00
CA THR L 4 -38.43 4.80 9.44
C THR L 4 -37.04 4.90 10.06
N ARG L 5 -36.00 5.07 9.24
CA ARG L 5 -34.63 5.13 9.73
C ARG L 5 -33.88 6.24 9.00
N PHE L 6 -33.10 7.00 9.75
CA PHE L 6 -32.27 8.08 9.23
C PHE L 6 -30.88 7.97 9.80
N SER L 7 -29.99 8.86 9.35
CA SER L 7 -28.60 8.89 9.78
C SER L 7 -28.37 10.11 10.66
N ASN L 8 -27.72 9.90 11.80
CA ASN L 8 -27.34 10.99 12.68
C ASN L 8 -25.96 11.56 12.36
N ARG L 9 -25.25 10.97 11.40
CA ARG L 9 -23.95 11.50 11.02
C ARG L 9 -24.11 12.78 10.21
N GLN L 10 -23.31 13.78 10.55
CA GLN L 10 -23.45 15.14 10.01
C GLN L 10 -22.75 15.29 8.66
N ASN L 11 -23.18 14.51 7.67
CA ASN L 11 -22.60 14.59 6.34
C ASN L 11 -23.13 15.80 5.59
N LYS L 12 -22.30 16.33 4.69
CA LYS L 12 -22.78 17.31 3.73
C LYS L 12 -23.58 16.62 2.63
N THR L 13 -24.45 17.39 1.98
CA THR L 13 -25.18 16.85 0.86
C THR L 13 -24.26 16.71 -0.37
N VAL L 14 -24.49 15.66 -1.14
CA VAL L 14 -23.69 15.35 -2.32
C VAL L 14 -24.61 15.19 -3.51
N ASN L 15 -24.34 15.92 -4.57
CA ASN L 15 -25.07 15.76 -5.83
C ASN L 15 -24.51 14.54 -6.55
N TYR L 16 -25.32 13.49 -6.66
CA TYR L 16 -24.90 12.22 -7.25
C TYR L 16 -25.25 12.11 -8.72
N ASN L 17 -25.75 13.18 -9.33
CA ASN L 17 -26.13 13.15 -10.74
C ASN L 17 -24.88 13.17 -11.60
N ILE L 18 -24.57 12.05 -12.24
CA ILE L 18 -23.39 11.93 -13.07
C ILE L 18 -23.70 12.15 -14.55
N ASP L 19 -24.90 12.62 -14.86
CA ASP L 19 -25.22 12.98 -16.23
C ASP L 19 -24.54 14.29 -16.59
N TYR L 20 -23.83 14.30 -17.72
CA TYR L 20 -23.07 15.45 -18.16
C TYR L 20 -23.66 16.01 -19.44
N SER L 21 -23.52 17.31 -19.62
CA SER L 21 -23.90 18.00 -20.84
C SER L 21 -22.67 18.65 -21.44
N ASP L 22 -22.46 18.46 -22.73
CA ASP L 22 -21.32 19.01 -23.44
C ASP L 22 -21.56 20.41 -23.98
N ASP L 23 -22.54 21.14 -23.41
CA ASP L 23 -22.94 22.44 -23.93
C ASP L 23 -21.87 23.51 -23.75
N ASP L 24 -20.96 23.34 -22.79
CA ASP L 24 -19.83 24.25 -22.63
C ASP L 24 -18.70 23.96 -23.62
N LEU L 25 -18.81 22.87 -24.38
CA LEU L 25 -17.79 22.49 -25.36
C LEU L 25 -18.25 22.74 -26.79
N LEU L 26 -19.38 23.41 -26.99
CA LEU L 26 -19.88 23.73 -28.32
C LEU L 26 -19.09 24.82 -29.03
N GLU L 27 -18.16 25.49 -28.32
CA GLU L 27 -17.28 26.46 -28.95
C GLU L 27 -16.38 25.81 -30.00
N SER L 28 -15.86 24.61 -29.70
CA SER L 28 -15.04 23.86 -30.63
C SER L 28 -15.74 22.62 -31.17
N GLU L 29 -17.06 22.58 -31.11
CA GLU L 29 -17.84 21.45 -31.59
C GLU L 29 -18.71 21.80 -32.79
N ASP L 30 -19.45 22.90 -32.73
CA ASP L 30 -20.27 23.34 -33.86
C ASP L 30 -20.05 24.81 -34.16
N ASP L 31 -19.68 25.60 -33.15
CA ASP L 31 -19.50 27.04 -33.34
C ASP L 31 -18.10 27.35 -33.84
N PHE L 55 -24.05 17.21 -50.09
CA PHE L 55 -24.25 15.77 -49.90
C PHE L 55 -23.93 15.01 -51.17
N HIS L 56 -23.28 15.68 -52.12
CA HIS L 56 -22.90 15.09 -53.40
C HIS L 56 -21.39 14.92 -53.43
N GLY L 57 -20.93 13.70 -53.20
CA GLY L 57 -19.51 13.38 -53.24
C GLY L 57 -19.29 12.01 -53.84
N ILE L 58 -18.01 11.67 -54.01
CA ILE L 58 -17.64 10.38 -54.59
C ILE L 58 -17.91 9.28 -53.58
N ASP L 59 -18.70 8.29 -53.99
CA ASP L 59 -19.04 7.17 -53.12
C ASP L 59 -18.39 5.88 -53.58
N ILE L 60 -18.60 5.48 -54.83
CA ILE L 60 -18.02 4.25 -55.36
C ILE L 60 -17.37 4.57 -56.70
N VAL L 61 -16.14 4.11 -56.91
CA VAL L 61 -15.48 4.21 -58.19
C VAL L 61 -15.46 2.83 -58.80
N ILE L 62 -16.08 2.68 -59.98
CA ILE L 62 -16.37 1.36 -60.53
C ILE L 62 -15.29 0.92 -61.52
N ASN L 63 -15.11 1.69 -62.59
CA ASN L 63 -14.26 1.27 -63.69
C ASN L 63 -13.47 2.45 -64.22
N HIS L 64 -12.39 2.13 -64.93
CA HIS L 64 -11.51 3.14 -65.52
C HIS L 64 -11.30 2.82 -67.00
N ARG L 65 -11.03 3.86 -67.78
CA ARG L 65 -10.77 3.73 -69.21
C ARG L 65 -9.43 4.36 -69.54
N LEU L 66 -8.67 3.69 -70.42
CA LEU L 66 -7.31 4.11 -70.72
C LEU L 66 -7.23 5.39 -71.54
N LYS L 67 -8.31 5.75 -72.23
CA LYS L 67 -8.34 6.98 -73.02
C LYS L 67 -9.06 8.05 -72.21
N THR L 68 -8.38 9.16 -71.96
CA THR L 68 -8.97 10.24 -71.17
C THR L 68 -10.00 11.01 -71.98
N SER L 69 -9.57 11.64 -73.07
CA SER L 69 -10.47 12.35 -73.97
C SER L 69 -10.45 11.78 -75.37
N LEU L 70 -9.28 11.53 -75.94
CA LEU L 70 -9.16 10.97 -77.28
C LEU L 70 -7.89 10.14 -77.35
N GLU L 71 -7.82 9.29 -78.37
CA GLU L 71 -6.66 8.42 -78.57
C GLU L 71 -5.50 9.25 -79.12
N GLU L 72 -4.52 9.53 -78.25
CA GLU L 72 -3.37 10.32 -78.67
C GLU L 72 -2.43 9.52 -79.56
N GLY L 73 -2.19 8.26 -79.21
CA GLY L 73 -1.32 7.41 -80.01
C GLY L 73 -0.98 6.14 -79.27
N LYS L 74 -0.23 5.28 -79.96
CA LYS L 74 0.21 4.01 -79.42
C LYS L 74 1.60 4.07 -78.81
N VAL L 75 2.22 5.25 -78.76
CA VAL L 75 3.56 5.40 -78.22
C VAL L 75 3.49 5.44 -76.70
N LEU L 76 4.67 5.30 -76.06
CA LEU L 76 4.84 5.33 -74.59
C LEU L 76 3.99 4.26 -73.90
N GLU L 77 3.95 3.07 -74.49
CA GLU L 77 3.21 1.96 -73.92
C GLU L 77 4.01 1.18 -72.89
N LYS L 78 5.29 1.50 -72.70
CA LYS L 78 6.13 0.81 -71.74
C LYS L 78 6.08 1.54 -70.40
N THR L 79 6.99 1.14 -69.49
CA THR L 79 7.19 1.71 -68.15
C THR L 79 5.93 1.68 -67.29
N VAL L 80 5.90 2.47 -66.22
CA VAL L 80 4.75 2.55 -65.33
C VAL L 80 4.33 4.00 -65.16
N PRO L 81 3.04 4.29 -65.03
CA PRO L 81 2.61 5.65 -64.71
C PRO L 81 2.65 5.91 -63.21
N ASP L 82 2.83 7.18 -62.87
CA ASP L 82 2.80 7.62 -61.48
C ASP L 82 1.38 8.07 -61.14
N LEU L 83 1.22 8.71 -59.98
CA LEU L 83 -0.11 9.19 -59.57
C LEU L 83 -0.53 10.40 -60.40
N ASN L 84 0.39 11.33 -60.66
CA ASN L 84 0.07 12.48 -61.49
C ASN L 84 -0.03 12.13 -62.96
N ASN L 85 0.62 11.06 -63.40
CA ASN L 85 0.45 10.60 -64.78
C ASN L 85 -0.93 10.01 -65.00
N CYS L 86 -1.49 9.36 -63.98
CA CYS L 86 -2.85 8.84 -64.06
C CYS L 86 -3.91 9.91 -63.84
N LYS L 87 -3.51 11.12 -63.42
CA LYS L 87 -4.44 12.21 -63.19
C LYS L 87 -4.91 12.87 -64.49
N GLU L 88 -4.27 12.56 -65.62
CA GLU L 88 -4.67 13.12 -66.90
C GLU L 88 -4.82 12.06 -68.00
N ASN L 89 -4.62 10.79 -67.69
CA ASN L 89 -4.69 9.74 -68.69
C ASN L 89 -5.91 8.84 -68.58
N TYR L 90 -6.54 8.77 -67.42
CA TYR L 90 -7.66 7.87 -67.18
C TYR L 90 -8.91 8.66 -66.81
N GLU L 91 -10.07 8.10 -67.17
CA GLU L 91 -11.35 8.60 -66.73
C GLU L 91 -12.07 7.49 -65.98
N PHE L 92 -12.69 7.85 -64.85
CA PHE L 92 -13.23 6.88 -63.91
C PHE L 92 -14.74 6.96 -63.86
N LEU L 93 -15.39 5.81 -63.74
CA LEU L 93 -16.83 5.74 -63.56
C LEU L 93 -17.17 5.95 -62.09
N ILE L 94 -17.96 6.98 -61.80
CA ILE L 94 -18.24 7.40 -60.44
C ILE L 94 -19.72 7.19 -60.17
N LYS L 95 -20.03 6.44 -59.12
CA LYS L 95 -21.34 6.43 -58.48
C LYS L 95 -21.27 7.38 -57.29
N TRP L 96 -22.09 8.42 -57.33
CA TRP L 96 -22.01 9.49 -56.35
C TRP L 96 -22.78 9.14 -55.09
N THR L 97 -22.62 9.98 -54.07
CA THR L 97 -23.38 9.83 -52.84
C THR L 97 -24.84 10.19 -53.06
N ASP L 98 -25.73 9.37 -52.49
CA ASP L 98 -27.19 9.52 -52.59
C ASP L 98 -27.67 9.53 -54.04
N GLU L 99 -27.10 8.65 -54.86
CA GLU L 99 -27.52 8.48 -56.24
C GLU L 99 -28.02 7.06 -56.44
N SER L 100 -28.31 6.71 -57.70
CA SER L 100 -29.12 5.54 -58.00
C SER L 100 -28.46 4.58 -58.98
N HIS L 101 -27.13 4.66 -59.13
CA HIS L 101 -26.30 3.82 -60.02
C HIS L 101 -26.64 3.94 -61.50
N LEU L 102 -27.57 4.84 -61.86
CA LEU L 102 -27.84 5.19 -63.24
C LEU L 102 -27.28 6.54 -63.62
N HIS L 103 -26.97 7.38 -62.64
CA HIS L 103 -26.31 8.65 -62.84
C HIS L 103 -24.81 8.55 -62.64
N ASN L 104 -24.24 7.39 -62.90
CA ASN L 104 -22.79 7.22 -62.85
C ASN L 104 -22.14 8.00 -63.98
N THR L 105 -21.07 8.71 -63.66
CA THR L 105 -20.46 9.64 -64.61
C THR L 105 -19.01 9.25 -64.87
N TRP L 106 -18.59 9.39 -66.12
CA TRP L 106 -17.19 9.20 -66.49
C TRP L 106 -16.47 10.53 -66.29
N GLU L 107 -15.64 10.61 -65.25
CA GLU L 107 -15.04 11.87 -64.83
C GLU L 107 -13.53 11.78 -64.85
N THR L 108 -12.91 12.93 -64.58
CA THR L 108 -11.46 13.08 -64.56
C THR L 108 -11.12 13.90 -63.31
N TYR L 109 -9.86 13.85 -62.88
CA TYR L 109 -9.42 14.54 -61.67
C TYR L 109 -9.62 16.05 -61.76
N GLU L 110 -9.31 16.64 -62.91
CA GLU L 110 -9.59 18.06 -63.10
C GLU L 110 -11.08 18.33 -63.29
N SER L 111 -11.86 17.34 -63.71
CA SER L 111 -13.30 17.50 -63.83
C SER L 111 -14.02 17.34 -62.50
N ILE L 112 -13.37 16.75 -61.50
CA ILE L 112 -13.99 16.58 -60.19
C ILE L 112 -13.87 17.86 -59.38
N GLY L 113 -12.66 18.38 -59.27
CA GLY L 113 -12.40 19.56 -58.43
C GLY L 113 -12.00 19.15 -57.02
N GLN L 114 -12.90 19.40 -56.05
CA GLN L 114 -12.64 19.03 -54.66
C GLN L 114 -13.99 18.70 -54.04
N VAL L 115 -14.33 17.40 -54.02
CA VAL L 115 -15.55 16.91 -53.39
C VAL L 115 -15.16 15.89 -52.33
N ARG L 116 -16.14 15.50 -51.52
CA ARG L 116 -15.92 14.46 -50.53
C ARG L 116 -15.77 13.11 -51.21
N GLY L 117 -14.89 12.28 -50.66
CA GLY L 117 -14.63 10.97 -51.22
C GLY L 117 -13.52 10.92 -52.25
N LEU L 118 -12.67 11.95 -52.33
CA LEU L 118 -11.55 11.93 -53.27
C LEU L 118 -10.48 10.92 -52.84
N LYS L 119 -10.42 10.63 -51.53
CA LYS L 119 -9.50 9.61 -51.04
C LYS L 119 -9.90 8.22 -51.54
N ARG L 120 -11.20 7.99 -51.72
CA ARG L 120 -11.66 6.74 -52.33
C ARG L 120 -11.19 6.62 -53.78
N LEU L 121 -11.24 7.72 -54.52
CA LEU L 121 -10.74 7.74 -55.89
C LEU L 121 -9.24 7.50 -55.93
N ASP L 122 -8.50 8.10 -55.00
CA ASP L 122 -7.06 7.89 -54.92
C ASP L 122 -6.73 6.44 -54.57
N ASN L 123 -7.49 5.86 -53.65
CA ASN L 123 -7.27 4.47 -53.26
C ASN L 123 -7.58 3.51 -54.41
N TYR L 124 -8.67 3.76 -55.15
CA TYR L 124 -8.99 2.93 -56.31
C TYR L 124 -7.92 3.04 -57.38
N CYS L 125 -7.48 4.28 -57.67
CA CYS L 125 -6.45 4.51 -58.68
C CYS L 125 -5.16 3.80 -58.31
N LYS L 126 -4.71 3.99 -57.06
CA LYS L 126 -3.47 3.37 -56.59
C LYS L 126 -3.55 1.86 -56.63
N GLN L 127 -4.57 1.28 -55.99
CA GLN L 127 -4.68 -0.18 -55.88
C GLN L 127 -4.87 -0.82 -57.25
N PHE L 128 -5.91 -0.42 -57.99
CA PHE L 128 -6.23 -1.06 -59.26
C PHE L 128 -5.16 -0.83 -60.30
N ILE L 129 -4.74 0.43 -60.52
CA ILE L 129 -3.80 0.73 -61.59
C ILE L 129 -2.41 0.17 -61.27
N ILE L 130 -1.92 0.39 -60.03
CA ILE L 130 -0.58 -0.04 -59.66
C ILE L 130 -0.48 -1.57 -59.64
N GLU L 131 -1.43 -2.25 -58.98
CA GLU L 131 -1.37 -3.70 -58.94
C GLU L 131 -1.69 -4.35 -60.28
N ASP L 132 -2.54 -3.73 -61.11
CA ASP L 132 -2.84 -4.29 -62.43
C ASP L 132 -1.65 -4.19 -63.36
N GLN L 133 -0.96 -3.03 -63.38
CA GLN L 133 0.24 -2.95 -64.20
C GLN L 133 1.40 -3.73 -63.59
N GLN L 134 1.38 -3.97 -62.28
CA GLN L 134 2.39 -4.82 -61.66
C GLN L 134 2.21 -6.28 -62.07
N VAL L 135 0.97 -6.77 -62.07
CA VAL L 135 0.76 -8.16 -62.48
C VAL L 135 0.84 -8.31 -64.01
N ARG L 136 0.60 -7.23 -64.76
CA ARG L 136 0.80 -7.30 -66.21
C ARG L 136 2.27 -7.29 -66.58
N LEU L 137 3.08 -6.49 -65.90
CA LEU L 137 4.48 -6.30 -66.30
C LEU L 137 5.45 -7.25 -65.60
N ASP L 138 5.00 -8.04 -64.65
CA ASP L 138 5.90 -8.96 -63.96
C ASP L 138 6.16 -10.19 -64.83
N PRO L 139 7.42 -10.55 -65.08
CA PRO L 139 7.69 -11.79 -65.82
C PRO L 139 7.38 -13.05 -65.05
N TYR L 140 7.28 -12.98 -63.73
CA TYR L 140 6.96 -14.14 -62.89
C TYR L 140 5.46 -14.27 -62.65
N VAL L 141 4.69 -14.25 -63.73
CA VAL L 141 3.23 -14.39 -63.67
C VAL L 141 2.83 -15.54 -64.58
N THR L 142 2.16 -16.54 -64.01
CA THR L 142 1.70 -17.68 -64.77
C THR L 142 0.38 -17.35 -65.47
N ALA L 143 -0.04 -18.27 -66.36
CA ALA L 143 -1.30 -18.07 -67.07
C ALA L 143 -2.50 -18.25 -66.15
N GLU L 144 -2.38 -19.12 -65.13
CA GLU L 144 -3.47 -19.34 -64.19
C GLU L 144 -3.78 -18.09 -63.39
N ASP L 145 -2.75 -17.37 -62.94
CA ASP L 145 -2.95 -16.15 -62.17
C ASP L 145 -3.61 -15.05 -63.02
N ILE L 146 -3.19 -14.91 -64.28
CA ILE L 146 -3.75 -13.86 -65.11
C ILE L 146 -5.19 -14.20 -65.49
N GLU L 147 -5.53 -15.49 -65.66
CA GLU L 147 -6.91 -15.80 -66.00
C GLU L 147 -7.83 -15.75 -64.77
N ILE L 148 -7.32 -16.03 -63.57
CA ILE L 148 -8.19 -15.89 -62.40
C ILE L 148 -8.38 -14.41 -62.03
N MET L 149 -7.30 -13.63 -62.20
CA MET L 149 -7.43 -12.18 -61.92
C MET L 149 -8.42 -11.60 -62.93
N ASP L 150 -8.34 -12.01 -64.20
CA ASP L 150 -9.32 -11.53 -65.19
C ASP L 150 -10.71 -12.05 -64.81
N MET L 151 -10.79 -13.29 -64.32
CA MET L 151 -12.09 -13.85 -63.88
C MET L 151 -12.72 -12.89 -62.87
N GLU L 152 -12.07 -12.68 -61.73
CA GLU L 152 -12.68 -11.83 -60.68
C GLU L 152 -12.90 -10.42 -61.23
N ARG L 153 -12.00 -9.95 -62.10
CA ARG L 153 -12.15 -8.55 -62.60
C ARG L 153 -13.51 -8.45 -63.29
N GLU L 154 -13.76 -9.36 -64.24
CA GLU L 154 -15.04 -9.32 -64.99
C GLU L 154 -16.18 -9.53 -64.01
N ARG L 155 -16.02 -10.44 -63.05
CA ARG L 155 -17.13 -10.71 -62.12
C ARG L 155 -17.53 -9.38 -61.48
N ARG L 156 -16.55 -8.66 -60.93
CA ARG L 156 -16.85 -7.38 -60.25
C ARG L 156 -17.52 -6.46 -61.26
N LEU L 157 -16.88 -6.24 -62.40
CA LEU L 157 -17.44 -5.26 -63.36
C LEU L 157 -18.91 -5.59 -63.64
N ASP L 158 -19.28 -6.87 -63.61
CA ASP L 158 -20.68 -7.23 -63.99
C ASP L 158 -21.57 -7.07 -62.77
N GLU L 159 -21.10 -7.53 -61.60
CA GLU L 159 -21.88 -7.30 -60.37
C GLU L 159 -22.20 -5.81 -60.30
N PHE L 160 -21.22 -4.96 -60.63
CA PHE L 160 -21.54 -3.54 -60.64
C PHE L 160 -22.54 -3.18 -61.75
N GLU L 161 -22.52 -3.92 -62.86
CA GLU L 161 -23.46 -3.67 -63.94
C GLU L 161 -24.87 -4.13 -63.60
N GLU L 162 -25.02 -5.10 -62.70
CA GLU L 162 -26.35 -5.56 -62.29
C GLU L 162 -27.10 -4.53 -61.46
N PHE L 163 -26.42 -3.52 -60.91
CA PHE L 163 -27.09 -2.52 -60.09
C PHE L 163 -27.93 -1.55 -60.91
N HIS L 164 -27.75 -1.52 -62.24
CA HIS L 164 -28.55 -0.63 -63.08
C HIS L 164 -29.99 -1.11 -63.20
N VAL L 165 -30.20 -2.43 -63.21
CA VAL L 165 -31.52 -2.99 -63.49
C VAL L 165 -32.40 -2.82 -62.26
N PRO L 166 -33.58 -2.20 -62.38
CA PRO L 166 -34.52 -2.18 -61.25
C PRO L 166 -35.10 -3.56 -60.99
N GLU L 167 -35.46 -3.79 -59.73
CA GLU L 167 -36.01 -5.06 -59.29
C GLU L 167 -37.41 -4.94 -58.72
N ARG L 168 -37.70 -3.85 -58.02
CA ARG L 168 -39.00 -3.67 -57.39
C ARG L 168 -39.24 -2.18 -57.19
N ILE L 169 -40.46 -1.75 -57.47
CA ILE L 169 -40.89 -0.38 -57.22
C ILE L 169 -41.70 -0.38 -55.93
N ILE L 170 -41.28 0.43 -54.96
CA ILE L 170 -41.86 0.41 -53.62
C ILE L 170 -43.06 1.33 -53.57
N ASP L 171 -42.86 2.61 -53.85
CA ASP L 171 -43.90 3.61 -53.65
C ASP L 171 -43.75 4.71 -54.68
N SER L 172 -44.84 5.40 -54.97
CA SER L 172 -44.85 6.53 -55.89
C SER L 172 -45.31 7.79 -55.15
N GLN L 173 -44.76 8.92 -55.55
CA GLN L 173 -45.10 10.20 -54.95
C GLN L 173 -45.18 11.27 -56.02
N ARG L 174 -45.74 12.41 -55.67
CA ARG L 174 -45.78 13.60 -56.52
C ARG L 174 -44.87 14.64 -55.89
N ALA L 175 -43.78 14.98 -56.58
CA ALA L 175 -42.78 15.89 -56.06
C ALA L 175 -42.65 17.10 -56.97
N SER L 176 -42.45 18.27 -56.35
CA SER L 176 -42.30 19.52 -57.07
C SER L 176 -40.82 19.90 -57.12
N LEU L 177 -40.29 20.10 -58.32
CA LEU L 177 -38.91 20.49 -58.51
C LEU L 177 -38.81 22.01 -58.54
N GLU L 178 -37.65 22.53 -58.94
CA GLU L 178 -37.47 23.98 -59.09
C GLU L 178 -38.21 24.43 -60.33
N ASP L 179 -39.42 24.97 -60.12
CA ASP L 179 -40.35 25.39 -61.17
C ASP L 179 -40.67 24.26 -62.14
N GLY L 180 -40.80 23.05 -61.62
CA GLY L 180 -41.12 21.87 -62.40
C GLY L 180 -42.53 21.37 -62.28
N THR L 181 -43.44 22.18 -61.70
CA THR L 181 -44.86 21.85 -61.46
C THR L 181 -44.94 20.59 -60.63
N SER L 182 -45.49 19.49 -61.13
CA SER L 182 -45.56 18.23 -60.39
C SER L 182 -44.96 17.12 -61.23
N GLN L 183 -44.18 16.26 -60.58
CA GLN L 183 -43.52 15.14 -61.25
C GLN L 183 -43.80 13.85 -60.49
N LEU L 184 -44.05 12.78 -61.23
CA LEU L 184 -44.26 11.47 -60.63
C LEU L 184 -42.91 10.82 -60.34
N GLN L 185 -42.64 10.56 -59.07
CA GLN L 185 -41.35 10.04 -58.64
C GLN L 185 -41.57 8.65 -58.05
N TYR L 186 -40.87 7.65 -58.61
CA TYR L 186 -40.94 6.29 -58.14
C TYR L 186 -39.85 6.01 -57.11
N LEU L 187 -40.13 5.09 -56.20
CA LEU L 187 -39.12 4.60 -55.26
C LEU L 187 -38.67 3.23 -55.76
N VAL L 188 -37.40 3.12 -56.15
CA VAL L 188 -36.89 1.99 -56.90
C VAL L 188 -35.89 1.24 -56.03
N LYS L 189 -36.09 -0.07 -55.93
CA LYS L 189 -35.11 -1.00 -55.40
C LYS L 189 -34.36 -1.65 -56.57
N TRP L 190 -33.08 -1.92 -56.36
CA TRP L 190 -32.24 -2.46 -57.42
C TRP L 190 -32.05 -3.96 -57.23
N ARG L 191 -31.25 -4.56 -58.12
CA ARG L 191 -31.22 -6.01 -58.24
C ARG L 191 -30.51 -6.67 -57.06
N ARG L 192 -29.22 -6.39 -56.91
CA ARG L 192 -28.45 -6.93 -55.79
C ARG L 192 -28.30 -5.92 -54.66
N LEU L 193 -28.81 -4.71 -54.82
CA LEU L 193 -28.80 -3.73 -53.75
C LEU L 193 -29.95 -3.99 -52.79
N ASN L 194 -29.98 -3.22 -51.71
CA ASN L 194 -30.93 -3.43 -50.65
C ASN L 194 -31.82 -2.20 -50.50
N TYR L 195 -32.67 -2.20 -49.47
CA TYR L 195 -33.65 -1.13 -49.30
C TYR L 195 -33.05 0.16 -48.77
N ASP L 196 -31.84 0.12 -48.23
CA ASP L 196 -31.14 1.36 -47.92
C ASP L 196 -30.58 2.02 -49.19
N GLU L 197 -30.50 1.28 -50.28
CA GLU L 197 -30.10 1.81 -51.58
C GLU L 197 -31.30 2.13 -52.46
N ALA L 198 -32.52 2.02 -51.93
CA ALA L 198 -33.71 2.37 -52.69
C ALA L 198 -33.77 3.88 -52.89
N THR L 199 -34.00 4.29 -54.13
CA THR L 199 -33.81 5.69 -54.51
C THR L 199 -35.05 6.24 -55.21
N TRP L 200 -35.23 7.55 -55.10
CA TRP L 200 -36.29 8.23 -55.83
C TRP L 200 -35.82 8.57 -57.24
N GLU L 201 -36.59 8.13 -58.22
CA GLU L 201 -36.22 8.29 -59.62
C GLU L 201 -37.42 8.81 -60.40
N ASN L 202 -37.13 9.36 -61.58
CA ASN L 202 -38.18 9.83 -62.47
C ASN L 202 -38.97 8.63 -63.01
N ALA L 203 -40.26 8.88 -63.27
CA ALA L 203 -41.11 7.80 -63.76
C ALA L 203 -40.85 7.46 -65.22
N THR L 204 -40.39 8.44 -66.01
CA THR L 204 -40.28 8.27 -67.45
C THR L 204 -39.19 7.28 -67.84
N ASP L 205 -37.99 7.45 -67.28
CA ASP L 205 -36.91 6.52 -67.61
C ASP L 205 -37.07 5.17 -66.93
N ILE L 206 -37.81 5.11 -65.82
CA ILE L 206 -38.11 3.83 -65.20
C ILE L 206 -39.10 3.05 -66.06
N VAL L 207 -40.11 3.73 -66.61
CA VAL L 207 -41.04 3.10 -67.54
C VAL L 207 -40.33 2.67 -68.82
N LYS L 208 -39.47 3.54 -69.36
CA LYS L 208 -38.74 3.22 -70.59
C LYS L 208 -37.64 2.18 -70.36
N LEU L 209 -37.23 1.95 -69.12
CA LEU L 209 -36.18 0.99 -68.82
C LEU L 209 -36.73 -0.41 -68.60
N ALA L 210 -37.63 -0.56 -67.64
CA ALA L 210 -38.24 -1.85 -67.33
C ALA L 210 -39.71 -1.65 -67.00
N PRO L 211 -40.59 -1.66 -68.01
CA PRO L 211 -42.01 -1.45 -67.76
C PRO L 211 -42.73 -2.62 -67.12
N GLU L 212 -42.11 -3.81 -67.13
CA GLU L 212 -42.72 -4.97 -66.47
C GLU L 212 -42.78 -4.77 -64.95
N GLN L 213 -41.74 -4.19 -64.36
CA GLN L 213 -41.78 -3.88 -62.94
C GLN L 213 -42.76 -2.77 -62.63
N VAL L 214 -42.94 -1.82 -63.56
CA VAL L 214 -43.92 -0.75 -63.36
C VAL L 214 -45.34 -1.32 -63.37
N LYS L 215 -45.64 -2.17 -64.35
CA LYS L 215 -46.98 -2.75 -64.40
C LYS L 215 -47.21 -3.76 -63.28
N HIS L 216 -46.13 -4.38 -62.77
CA HIS L 216 -46.24 -5.14 -61.53
C HIS L 216 -46.55 -4.25 -60.35
N PHE L 217 -46.02 -3.02 -60.34
CA PHE L 217 -46.34 -2.09 -59.26
C PHE L 217 -47.80 -1.64 -59.32
N GLN L 218 -48.33 -1.36 -60.52
CA GLN L 218 -49.76 -1.03 -60.57
C GLN L 218 -50.64 -2.25 -60.33
N ASN L 219 -50.14 -3.45 -60.63
CA ASN L 219 -50.89 -4.65 -60.25
C ASN L 219 -50.89 -4.84 -58.74
N ARG L 220 -49.79 -4.47 -58.08
CA ARG L 220 -49.74 -4.54 -56.63
C ARG L 220 -50.52 -3.42 -55.96
N GLU L 221 -50.78 -2.32 -56.67
CA GLU L 221 -51.50 -1.20 -56.07
C GLU L 221 -52.97 -1.53 -55.85
N ASN L 222 -53.70 -1.79 -56.94
CA ASN L 222 -55.09 -2.23 -56.84
C ASN L 222 -55.18 -3.74 -57.00
N SER L 223 -54.47 -4.45 -56.13
CA SER L 223 -54.47 -5.90 -56.16
C SER L 223 -55.77 -6.45 -55.59
N LYS L 224 -56.17 -7.61 -56.09
CA LYS L 224 -57.39 -8.27 -55.64
C LYS L 224 -57.14 -9.21 -54.46
N ILE L 225 -55.90 -9.38 -54.04
CA ILE L 225 -55.55 -10.24 -52.93
C ILE L 225 -54.85 -9.41 -51.85
N LEU L 226 -55.47 -9.32 -50.68
CA LEU L 226 -54.99 -8.58 -49.54
C LEU L 226 -55.16 -9.43 -48.29
N PRO L 227 -54.37 -9.19 -47.25
CA PRO L 227 -54.66 -9.81 -45.96
C PRO L 227 -56.01 -9.43 -45.36
N GLN L 228 -56.52 -8.24 -45.68
CA GLN L 228 -57.81 -7.81 -45.18
C GLN L 228 -58.99 -8.49 -45.89
N TYR L 229 -58.75 -9.15 -47.01
CA TYR L 229 -59.79 -9.85 -47.76
C TYR L 229 -59.80 -11.35 -47.49
N SER L 230 -59.08 -11.80 -46.47
CA SER L 230 -58.93 -13.22 -46.20
C SER L 230 -60.20 -13.79 -45.59
N SER L 231 -60.40 -15.09 -45.82
CA SER L 231 -61.53 -15.80 -45.23
C SER L 231 -61.26 -16.06 -43.74
N ASN L 232 -62.31 -16.45 -43.04
CA ASN L 232 -62.24 -16.59 -41.59
C ASN L 232 -62.57 -18.01 -41.16
N TYR L 233 -61.94 -19.00 -41.79
CA TYR L 233 -62.14 -20.41 -41.45
C TYR L 233 -61.66 -20.71 -40.04
N THR L 234 -62.60 -20.92 -39.12
CA THR L 234 -62.31 -21.26 -37.73
C THR L 234 -62.83 -22.67 -37.50
N SER L 235 -61.96 -23.66 -37.74
CA SER L 235 -62.25 -25.09 -37.66
C SER L 235 -63.41 -25.49 -38.57
N GLN L 236 -63.55 -24.83 -39.71
CA GLN L 236 -64.60 -25.10 -40.68
C GLN L 236 -64.04 -25.06 -42.09
N ARG L 237 -62.84 -25.60 -42.26
CA ARG L 237 -62.20 -25.57 -43.57
C ARG L 237 -62.85 -26.57 -44.52
N PRO L 238 -62.98 -26.23 -45.80
CA PRO L 238 -63.68 -27.12 -46.73
C PRO L 238 -62.88 -28.37 -47.05
N ARG L 239 -63.60 -29.39 -47.52
CA ARG L 239 -62.96 -30.62 -47.94
C ARG L 239 -62.17 -30.40 -49.22
N PHE L 240 -61.05 -31.10 -49.34
CA PHE L 240 -60.13 -30.92 -50.46
C PHE L 240 -60.25 -32.11 -51.40
N GLU L 241 -60.57 -31.83 -52.66
CA GLU L 241 -60.55 -32.84 -53.71
C GLU L 241 -59.15 -32.93 -54.31
N LYS L 242 -58.77 -34.14 -54.70
CA LYS L 242 -57.43 -34.39 -55.21
C LYS L 242 -57.24 -33.73 -56.57
N LEU L 243 -56.14 -32.98 -56.70
CA LEU L 243 -55.82 -32.28 -57.95
C LEU L 243 -54.95 -33.20 -58.80
N SER L 244 -55.53 -33.75 -59.86
CA SER L 244 -54.79 -34.59 -60.79
C SER L 244 -54.10 -33.78 -61.89
N VAL L 245 -54.33 -32.48 -61.94
CA VAL L 245 -53.76 -31.61 -62.95
C VAL L 245 -53.17 -30.39 -62.23
N GLN L 246 -52.22 -29.73 -62.89
CA GLN L 246 -51.64 -28.53 -62.33
C GLN L 246 -52.68 -27.41 -62.26
N PRO L 247 -52.79 -26.72 -61.13
CA PRO L 247 -53.80 -25.66 -61.03
C PRO L 247 -53.45 -24.47 -61.90
N PRO L 248 -54.45 -23.71 -62.36
CA PRO L 248 -54.15 -22.62 -63.30
C PRO L 248 -53.49 -21.41 -62.68
N PHE L 249 -53.70 -21.14 -61.38
CA PHE L 249 -53.11 -19.96 -60.78
C PHE L 249 -51.62 -20.11 -60.53
N ILE L 250 -51.10 -21.34 -60.51
CA ILE L 250 -49.66 -21.58 -60.47
C ILE L 250 -49.19 -21.60 -61.93
N LYS L 251 -48.62 -20.49 -62.38
CA LYS L 251 -48.23 -20.39 -63.79
C LYS L 251 -46.90 -21.09 -64.03
N GLY L 252 -45.82 -20.55 -63.46
CA GLY L 252 -44.48 -21.10 -63.41
C GLY L 252 -43.92 -21.80 -64.64
N GLY L 253 -43.49 -23.04 -64.45
CA GLY L 253 -43.12 -23.91 -65.55
C GLY L 253 -44.11 -25.04 -65.69
N GLU L 254 -43.74 -26.22 -65.19
CA GLU L 254 -44.65 -27.37 -65.19
C GLU L 254 -44.34 -28.22 -63.97
N LEU L 255 -45.33 -28.39 -63.10
CA LEU L 255 -45.17 -29.21 -61.91
C LEU L 255 -45.09 -30.68 -62.29
N ARG L 256 -44.22 -31.41 -61.59
CA ARG L 256 -44.08 -32.84 -61.83
C ARG L 256 -45.14 -33.61 -61.04
N ASP L 257 -45.17 -34.93 -61.27
CA ASP L 257 -46.22 -35.76 -60.67
C ASP L 257 -46.03 -35.92 -59.17
N PHE L 258 -44.78 -36.15 -58.73
CA PHE L 258 -44.52 -36.27 -57.30
C PHE L 258 -44.66 -34.93 -56.60
N GLN L 259 -44.37 -33.83 -57.30
CA GLN L 259 -44.62 -32.50 -56.72
C GLN L 259 -46.11 -32.24 -56.57
N LEU L 260 -46.92 -32.68 -57.54
CA LEU L 260 -48.37 -32.53 -57.43
C LEU L 260 -48.93 -33.41 -56.32
N THR L 261 -48.36 -34.60 -56.14
CA THR L 261 -48.74 -35.44 -54.99
C THR L 261 -48.35 -34.77 -53.68
N GLY L 262 -47.22 -34.07 -53.66
CA GLY L 262 -46.85 -33.28 -52.51
C GLY L 262 -47.84 -32.15 -52.23
N ILE L 263 -48.30 -31.47 -53.28
CA ILE L 263 -49.31 -30.42 -53.14
C ILE L 263 -50.60 -30.99 -52.57
N ASN L 264 -51.01 -32.16 -53.06
CA ASN L 264 -52.22 -32.81 -52.55
C ASN L 264 -52.06 -33.20 -51.09
N TRP L 265 -50.87 -33.68 -50.71
CA TRP L 265 -50.61 -34.02 -49.30
C TRP L 265 -50.64 -32.79 -48.40
N MET L 266 -50.03 -31.68 -48.85
CA MET L 266 -50.01 -30.44 -48.07
C MET L 266 -51.42 -29.88 -47.90
N ALA L 267 -52.20 -29.88 -48.98
CA ALA L 267 -53.55 -29.34 -48.91
C ALA L 267 -54.47 -30.23 -48.08
N PHE L 268 -54.30 -31.56 -48.18
CA PHE L 268 -55.11 -32.47 -47.38
C PHE L 268 -54.75 -32.39 -45.91
N LEU L 269 -53.47 -32.13 -45.59
CA LEU L 269 -53.09 -31.95 -44.20
C LEU L 269 -53.54 -30.59 -43.67
N TRP L 270 -53.60 -29.57 -44.52
CA TRP L 270 -54.11 -28.28 -44.08
C TRP L 270 -55.63 -28.30 -43.89
N SER L 271 -56.34 -29.10 -44.70
CA SER L 271 -57.79 -29.18 -44.59
C SER L 271 -58.23 -29.84 -43.29
N LYS L 272 -57.41 -30.71 -42.73
CA LYS L 272 -57.68 -31.31 -41.43
C LYS L 272 -57.23 -30.44 -40.27
N GLY L 273 -56.60 -29.29 -40.54
CA GLY L 273 -56.08 -28.44 -39.49
C GLY L 273 -54.81 -28.94 -38.86
N ASP L 274 -53.95 -29.62 -39.63
CA ASP L 274 -52.75 -30.24 -39.10
C ASP L 274 -51.51 -29.64 -39.76
N ASN L 275 -50.39 -29.76 -39.05
CA ASN L 275 -49.10 -29.28 -39.50
C ASN L 275 -48.25 -30.45 -39.96
N GLY L 276 -47.19 -30.14 -40.72
CA GLY L 276 -46.41 -31.21 -41.33
C GLY L 276 -44.95 -30.89 -41.54
N ILE L 277 -44.20 -31.95 -41.82
CA ILE L 277 -42.80 -31.89 -42.19
C ILE L 277 -42.68 -32.43 -43.61
N LEU L 278 -42.20 -31.60 -44.51
CA LEU L 278 -41.86 -32.04 -45.87
C LEU L 278 -40.43 -32.54 -45.83
N ALA L 279 -40.26 -33.85 -45.73
CA ALA L 279 -38.95 -34.46 -45.52
C ALA L 279 -38.38 -35.02 -46.81
N ASP L 280 -38.63 -34.35 -47.94
CA ASP L 280 -38.11 -34.80 -49.22
C ASP L 280 -36.60 -34.58 -49.28
N GLU L 281 -35.92 -35.49 -49.97
CA GLU L 281 -34.48 -35.43 -50.10
C GLU L 281 -34.12 -34.30 -51.08
N MET L 282 -32.91 -33.75 -50.92
CA MET L 282 -32.51 -32.55 -51.64
C MET L 282 -32.40 -32.78 -53.13
N GLY L 283 -32.80 -31.77 -53.91
CA GLY L 283 -32.87 -31.87 -55.35
C GLY L 283 -34.26 -32.08 -55.91
N LEU L 284 -35.23 -32.43 -55.06
CA LEU L 284 -36.59 -32.71 -55.51
C LEU L 284 -37.44 -31.45 -55.66
N GLY L 285 -36.91 -30.28 -55.35
CA GLY L 285 -37.65 -29.05 -55.52
C GLY L 285 -38.69 -28.82 -54.42
N LYS L 286 -38.22 -28.80 -53.17
CA LYS L 286 -39.12 -28.51 -52.06
C LYS L 286 -39.58 -27.05 -52.07
N THR L 287 -38.72 -26.16 -52.57
CA THR L 287 -39.08 -24.74 -52.70
C THR L 287 -40.23 -24.53 -53.67
N VAL L 288 -40.22 -25.25 -54.79
CA VAL L 288 -41.30 -25.15 -55.78
C VAL L 288 -42.60 -25.67 -55.19
N GLN L 289 -42.53 -26.75 -54.41
CA GLN L 289 -43.71 -27.32 -53.77
C GLN L 289 -44.31 -26.36 -52.74
N THR L 290 -43.49 -25.73 -51.92
CA THR L 290 -44.06 -24.84 -50.92
C THR L 290 -44.50 -23.49 -51.50
N VAL L 291 -43.88 -23.02 -52.59
CA VAL L 291 -44.40 -21.83 -53.27
C VAL L 291 -45.73 -22.13 -53.94
N ALA L 292 -45.87 -23.32 -54.54
CA ALA L 292 -47.15 -23.70 -55.13
C ALA L 292 -48.22 -23.92 -54.07
N PHE L 293 -47.84 -24.40 -52.88
CA PHE L 293 -48.80 -24.53 -51.80
C PHE L 293 -49.23 -23.17 -51.25
N ILE L 294 -48.29 -22.21 -51.19
CA ILE L 294 -48.65 -20.85 -50.80
C ILE L 294 -49.58 -20.22 -51.83
N SER L 295 -49.35 -20.49 -53.11
CA SER L 295 -50.22 -20.01 -54.18
C SER L 295 -51.60 -20.64 -54.08
N TRP L 296 -51.67 -21.92 -53.72
CA TRP L 296 -52.97 -22.58 -53.53
C TRP L 296 -53.69 -22.03 -52.31
N LEU L 297 -52.95 -21.74 -51.23
CA LEU L 297 -53.55 -21.17 -50.03
C LEU L 297 -54.06 -19.76 -50.27
N ILE L 298 -53.40 -19.00 -51.13
CA ILE L 298 -53.82 -17.64 -51.41
C ILE L 298 -54.99 -17.62 -52.40
N PHE L 299 -54.87 -18.37 -53.50
CA PHE L 299 -55.83 -18.26 -54.58
C PHE L 299 -57.06 -19.13 -54.37
N ALA L 300 -56.89 -20.39 -53.99
CA ALA L 300 -58.03 -21.30 -53.92
C ALA L 300 -58.82 -21.10 -52.63
N ARG L 301 -58.16 -21.18 -51.49
CA ARG L 301 -58.85 -21.11 -50.21
C ARG L 301 -58.98 -19.70 -49.66
N ARG L 302 -58.49 -18.69 -50.41
CA ARG L 302 -58.59 -17.27 -50.07
C ARG L 302 -57.94 -16.93 -48.73
N GLN L 303 -56.93 -17.69 -48.34
CA GLN L 303 -56.16 -17.40 -47.13
C GLN L 303 -54.90 -16.60 -47.49
N ASN L 304 -55.13 -15.39 -48.01
CA ASN L 304 -54.08 -14.56 -48.56
C ASN L 304 -53.51 -13.57 -47.55
N GLY L 305 -53.48 -13.95 -46.28
CA GLY L 305 -52.99 -13.07 -45.24
C GLY L 305 -51.49 -13.06 -45.15
N PRO L 306 -50.96 -12.61 -44.01
CA PRO L 306 -49.50 -12.57 -43.85
C PRO L 306 -48.90 -13.95 -43.61
N HIS L 307 -48.16 -14.44 -44.58
CA HIS L 307 -47.38 -15.67 -44.43
C HIS L 307 -45.92 -15.32 -44.23
N ILE L 308 -45.21 -16.15 -43.48
CA ILE L 308 -43.79 -15.94 -43.21
C ILE L 308 -43.03 -17.21 -43.58
N ILE L 309 -41.93 -17.03 -44.31
CA ILE L 309 -41.04 -18.12 -44.66
C ILE L 309 -39.65 -17.77 -44.14
N VAL L 310 -39.12 -18.62 -43.27
CA VAL L 310 -37.84 -18.39 -42.61
C VAL L 310 -36.83 -19.36 -43.20
N VAL L 311 -35.81 -18.83 -43.86
CA VAL L 311 -34.89 -19.61 -44.68
C VAL L 311 -33.47 -19.28 -44.25
N PRO L 312 -32.50 -20.16 -44.54
CA PRO L 312 -31.10 -19.75 -44.47
C PRO L 312 -30.80 -18.68 -45.52
N LEU L 313 -29.81 -17.84 -45.20
CA LEU L 313 -29.49 -16.69 -46.05
C LEU L 313 -28.89 -17.10 -47.37
N SER L 314 -28.14 -18.21 -47.39
CA SER L 314 -27.46 -18.63 -48.62
C SER L 314 -28.44 -19.16 -49.66
N THR L 315 -29.57 -19.68 -49.24
CA THR L 315 -30.57 -20.23 -50.16
C THR L 315 -31.63 -19.22 -50.56
N MET L 316 -31.63 -18.03 -49.98
CA MET L 316 -32.74 -17.10 -50.10
C MET L 316 -32.87 -16.43 -51.48
N PRO L 317 -31.80 -16.16 -52.24
CA PRO L 317 -32.01 -15.87 -53.68
C PRO L 317 -32.70 -16.98 -54.45
N ALA L 318 -32.45 -18.24 -54.11
CA ALA L 318 -33.14 -19.35 -54.77
C ALA L 318 -34.60 -19.43 -54.37
N TRP L 319 -34.99 -18.78 -53.28
CA TRP L 319 -36.40 -18.60 -52.94
C TRP L 319 -36.99 -17.38 -53.63
N LEU L 320 -36.20 -16.32 -53.77
CA LEU L 320 -36.70 -15.08 -54.38
C LEU L 320 -37.00 -15.26 -55.85
N ASP L 321 -36.11 -15.94 -56.60
CA ASP L 321 -36.39 -16.13 -58.01
C ASP L 321 -37.48 -17.18 -58.23
N THR L 322 -37.61 -18.14 -57.31
CA THR L 322 -38.72 -19.09 -57.35
C THR L 322 -40.06 -18.39 -57.15
N PHE L 323 -40.11 -17.43 -56.21
CA PHE L 323 -41.33 -16.64 -56.04
C PHE L 323 -41.59 -15.71 -57.23
N GLU L 324 -40.51 -15.19 -57.83
CA GLU L 324 -40.69 -14.34 -59.00
C GLU L 324 -41.17 -15.12 -60.22
N LYS L 325 -40.80 -16.39 -60.33
CA LYS L 325 -41.17 -17.19 -61.49
C LYS L 325 -42.50 -17.89 -61.31
N TRP L 326 -42.69 -18.60 -60.21
CA TRP L 326 -43.85 -19.47 -60.08
C TRP L 326 -45.10 -18.74 -59.59
N ALA L 327 -44.95 -17.69 -58.78
CA ALA L 327 -46.08 -16.92 -58.28
C ALA L 327 -45.81 -15.43 -58.49
N PRO L 328 -45.90 -14.94 -59.73
CA PRO L 328 -45.56 -13.54 -60.00
C PRO L 328 -46.58 -12.54 -59.50
N ASP L 329 -47.82 -12.97 -59.24
CA ASP L 329 -48.86 -12.07 -58.80
C ASP L 329 -48.86 -11.85 -57.29
N LEU L 330 -47.95 -12.48 -56.57
CA LEU L 330 -47.90 -12.40 -55.12
C LEU L 330 -47.07 -11.20 -54.66
N ASN L 331 -47.40 -10.70 -53.48
CA ASN L 331 -46.65 -9.60 -52.87
C ASN L 331 -45.58 -10.15 -51.93
N CYS L 332 -44.66 -10.91 -52.51
CA CYS L 332 -43.56 -11.49 -51.74
C CYS L 332 -42.51 -10.40 -51.50
N ILE L 333 -42.20 -10.16 -50.22
CA ILE L 333 -41.22 -9.16 -49.84
C ILE L 333 -40.06 -9.84 -49.13
N CYS L 334 -38.94 -9.13 -49.09
CA CYS L 334 -37.67 -9.63 -48.60
C CYS L 334 -37.27 -8.84 -47.37
N TYR L 335 -36.86 -9.54 -46.30
CA TYR L 335 -36.54 -8.90 -45.03
C TYR L 335 -35.13 -9.29 -44.61
N MET L 336 -34.14 -8.56 -45.12
CA MET L 336 -32.77 -8.68 -44.66
C MET L 336 -32.19 -7.28 -44.51
N GLY L 337 -30.91 -7.22 -44.16
CA GLY L 337 -30.17 -5.98 -44.19
C GLY L 337 -29.95 -5.37 -42.83
N ASN L 338 -29.39 -4.17 -42.86
CA ASN L 338 -29.08 -3.43 -41.64
C ASN L 338 -30.33 -2.75 -41.11
N GLN L 339 -30.16 -1.84 -40.16
CA GLN L 339 -31.30 -1.26 -39.45
C GLN L 339 -32.11 -0.32 -40.34
N LYS L 340 -31.43 0.47 -41.18
CA LYS L 340 -32.16 1.43 -42.00
C LYS L 340 -32.89 0.75 -43.15
N SER L 341 -32.34 -0.35 -43.69
CA SER L 341 -33.04 -1.08 -44.74
C SER L 341 -34.28 -1.78 -44.20
N ARG L 342 -34.18 -2.38 -43.03
CA ARG L 342 -35.35 -3.02 -42.41
C ARG L 342 -36.37 -1.98 -41.96
N ASP L 343 -35.91 -0.79 -41.54
CA ASP L 343 -36.83 0.30 -41.26
C ASP L 343 -37.56 0.75 -42.52
N THR L 344 -36.85 0.80 -43.66
CA THR L 344 -37.45 1.15 -44.94
C THR L 344 -38.52 0.15 -45.34
N ILE L 345 -38.23 -1.14 -45.17
CA ILE L 345 -39.23 -2.19 -45.42
C ILE L 345 -40.41 -2.04 -44.47
N ARG L 346 -40.14 -1.69 -43.20
CA ARG L 346 -41.17 -1.63 -42.19
C ARG L 346 -42.15 -0.49 -42.43
N GLU L 347 -41.66 0.71 -42.71
CA GLU L 347 -42.57 1.85 -42.83
C GLU L 347 -42.84 2.27 -44.27
N TYR L 348 -42.35 1.53 -45.27
CA TYR L 348 -42.80 1.72 -46.64
C TYR L 348 -43.55 0.54 -47.23
N GLU L 349 -43.51 -0.65 -46.62
CA GLU L 349 -44.08 -1.79 -47.32
C GLU L 349 -44.92 -2.75 -46.47
N PHE L 350 -44.88 -2.69 -45.14
CA PHE L 350 -45.71 -3.61 -44.36
C PHE L 350 -47.18 -3.26 -44.42
N TYR L 351 -47.53 -1.99 -44.25
CA TYR L 351 -48.91 -1.59 -44.01
C TYR L 351 -49.48 -0.87 -45.23
N THR L 352 -50.78 -1.10 -45.45
CA THR L 352 -51.53 -0.33 -46.44
C THR L 352 -51.65 1.13 -45.99
N ASN L 353 -51.80 1.34 -44.69
CA ASN L 353 -51.93 2.67 -44.09
C ASN L 353 -50.86 2.90 -43.03
N PRO L 354 -49.60 3.13 -43.45
CA PRO L 354 -48.51 3.26 -42.48
C PRO L 354 -48.50 4.56 -41.70
N ARG L 355 -49.21 5.59 -42.18
CA ARG L 355 -49.23 6.89 -41.52
C ARG L 355 -50.33 7.02 -40.47
N ALA L 356 -51.14 5.97 -40.27
CA ALA L 356 -52.13 5.98 -39.21
C ALA L 356 -51.49 5.59 -37.88
N LYS L 357 -52.33 5.46 -36.84
CA LYS L 357 -51.82 5.01 -35.55
C LYS L 357 -52.77 4.05 -34.85
N GLY L 358 -53.86 3.62 -35.50
CA GLY L 358 -54.75 2.65 -34.91
C GLY L 358 -54.41 1.23 -35.34
N LYS L 359 -55.40 0.50 -35.84
CA LYS L 359 -55.16 -0.84 -36.35
C LYS L 359 -54.61 -0.75 -37.77
N LYS L 360 -53.42 -1.29 -37.97
CA LYS L 360 -52.74 -1.25 -39.26
C LYS L 360 -52.89 -2.61 -39.94
N THR L 361 -53.59 -2.64 -41.07
CA THR L 361 -53.70 -3.87 -41.85
C THR L 361 -52.41 -4.11 -42.62
N MET L 362 -52.18 -5.37 -42.95
CA MET L 362 -50.97 -5.75 -43.68
C MET L 362 -51.17 -5.59 -45.18
N LYS L 363 -50.08 -5.27 -45.86
CA LYS L 363 -50.08 -5.08 -47.31
C LYS L 363 -49.45 -6.24 -48.06
N PHE L 364 -48.37 -6.81 -47.54
CA PHE L 364 -47.67 -7.89 -48.21
C PHE L 364 -48.43 -9.19 -48.03
N ASN L 365 -48.07 -10.17 -48.87
CA ASN L 365 -48.62 -11.52 -48.77
C ASN L 365 -47.63 -12.47 -48.09
N VAL L 366 -46.44 -12.60 -48.65
CA VAL L 366 -45.40 -13.49 -48.13
C VAL L 366 -44.22 -12.64 -47.70
N LEU L 367 -43.67 -12.93 -46.53
CA LEU L 367 -42.47 -12.28 -46.03
C LEU L 367 -41.37 -13.34 -45.94
N LEU L 368 -40.34 -13.20 -46.77
CA LEU L 368 -39.16 -14.05 -46.67
C LEU L 368 -38.18 -13.40 -45.70
N THR L 369 -37.65 -14.20 -44.77
CA THR L 369 -36.71 -13.68 -43.79
C THR L 369 -35.74 -14.80 -43.41
N THR L 370 -34.76 -14.45 -42.59
CA THR L 370 -33.76 -15.40 -42.11
C THR L 370 -33.83 -15.52 -40.60
N TYR L 371 -33.05 -16.46 -40.06
CA TYR L 371 -33.06 -16.73 -38.62
C TYR L 371 -32.49 -15.56 -37.83
N GLU L 372 -31.50 -14.87 -38.39
CA GLU L 372 -30.82 -13.78 -37.69
C GLU L 372 -31.77 -12.62 -37.44
N TYR L 373 -32.66 -12.34 -38.39
CA TYR L 373 -33.64 -11.29 -38.23
C TYR L 373 -34.94 -11.77 -37.60
N ILE L 374 -35.10 -13.09 -37.42
CA ILE L 374 -36.10 -13.57 -36.48
C ILE L 374 -35.65 -13.29 -35.05
N LEU L 375 -34.37 -13.54 -34.76
CA LEU L 375 -33.86 -13.27 -33.42
C LEU L 375 -33.71 -11.77 -33.18
N LYS L 376 -33.29 -11.02 -34.19
CA LYS L 376 -33.05 -9.60 -34.01
C LYS L 376 -34.35 -8.80 -33.94
N ASP L 377 -35.36 -9.20 -34.71
CA ASP L 377 -36.60 -8.44 -34.80
C ASP L 377 -37.79 -9.27 -34.37
N ARG L 378 -37.67 -9.99 -33.25
CA ARG L 378 -38.81 -10.76 -32.75
C ARG L 378 -39.89 -9.87 -32.15
N ALA L 379 -39.54 -8.67 -31.70
CA ALA L 379 -40.54 -7.76 -31.17
C ALA L 379 -41.36 -7.13 -32.28
N GLU L 380 -40.74 -6.83 -33.41
CA GLU L 380 -41.43 -6.20 -34.52
C GLU L 380 -42.07 -7.19 -35.48
N LEU L 381 -41.81 -8.49 -35.32
CA LEU L 381 -42.43 -9.52 -36.15
C LEU L 381 -43.29 -10.49 -35.38
N GLY L 382 -43.09 -10.63 -34.07
CA GLY L 382 -43.94 -11.50 -33.28
C GLY L 382 -45.33 -10.95 -33.06
N SER L 383 -45.51 -9.64 -33.17
CA SER L 383 -46.82 -9.01 -33.05
C SER L 383 -47.50 -8.85 -34.40
N ILE L 384 -47.55 -9.94 -35.17
CA ILE L 384 -48.25 -10.00 -36.44
C ILE L 384 -49.07 -11.29 -36.44
N LYS L 385 -50.35 -11.19 -36.76
CA LYS L 385 -51.22 -12.36 -36.84
C LYS L 385 -50.89 -13.09 -38.13
N TRP L 386 -49.87 -13.96 -38.08
CA TRP L 386 -49.47 -14.72 -39.24
C TRP L 386 -50.48 -15.82 -39.55
N GLN L 387 -50.70 -16.06 -40.84
CA GLN L 387 -51.58 -17.12 -41.27
C GLN L 387 -50.84 -18.42 -41.57
N PHE L 388 -49.54 -18.35 -41.85
CA PHE L 388 -48.77 -19.53 -42.18
C PHE L 388 -47.30 -19.27 -41.89
N MET L 389 -46.63 -20.29 -41.36
CA MET L 389 -45.19 -20.28 -41.18
C MET L 389 -44.58 -21.45 -41.93
N ALA L 390 -43.52 -21.20 -42.69
CA ALA L 390 -42.75 -22.26 -43.35
C ALA L 390 -41.29 -22.07 -43.00
N VAL L 391 -40.73 -23.01 -42.26
CA VAL L 391 -39.34 -22.93 -41.82
C VAL L 391 -38.51 -23.90 -42.66
N ASP L 392 -37.65 -23.36 -43.51
CA ASP L 392 -36.76 -24.16 -44.33
C ASP L 392 -35.52 -24.55 -43.53
N GLU L 393 -35.02 -25.76 -43.80
CA GLU L 393 -33.90 -26.39 -43.09
C GLU L 393 -34.17 -26.45 -41.59
N ALA L 394 -35.20 -27.23 -41.25
CA ALA L 394 -35.73 -27.29 -39.89
C ALA L 394 -34.88 -28.11 -38.93
N HIS L 395 -33.81 -28.75 -39.40
CA HIS L 395 -32.86 -29.39 -38.50
C HIS L 395 -32.14 -28.38 -37.63
N ARG L 396 -32.03 -27.13 -38.07
CA ARG L 396 -31.59 -26.04 -37.22
C ARG L 396 -32.51 -25.85 -36.01
N LEU L 397 -33.80 -26.15 -36.18
CA LEU L 397 -34.76 -26.20 -35.09
C LEU L 397 -34.74 -27.52 -34.31
N LYS L 398 -33.69 -28.33 -34.43
CA LYS L 398 -33.66 -29.62 -33.77
C LYS L 398 -33.44 -29.52 -32.26
N ASN L 399 -33.00 -28.38 -31.75
CA ASN L 399 -32.76 -28.17 -30.33
C ASN L 399 -33.86 -27.28 -29.77
N ALA L 400 -34.56 -27.78 -28.75
CA ALA L 400 -35.65 -27.03 -28.15
C ALA L 400 -35.16 -25.92 -27.23
N GLU L 401 -33.91 -25.99 -26.78
CA GLU L 401 -33.37 -25.00 -25.86
C GLU L 401 -32.69 -23.84 -26.57
N SER L 402 -32.70 -23.83 -27.91
CA SER L 402 -32.06 -22.77 -28.67
C SER L 402 -32.89 -21.50 -28.61
N SER L 403 -32.26 -20.38 -28.96
CA SER L 403 -32.95 -19.10 -28.99
C SER L 403 -33.91 -19.00 -30.15
N LEU L 404 -33.60 -19.66 -31.27
CA LEU L 404 -34.49 -19.66 -32.42
C LEU L 404 -35.77 -20.43 -32.13
N TYR L 405 -35.66 -21.53 -31.38
CA TYR L 405 -36.84 -22.30 -31.01
C TYR L 405 -37.77 -21.50 -30.11
N GLU L 406 -37.20 -20.78 -29.13
CA GLU L 406 -38.02 -19.95 -28.24
C GLU L 406 -38.58 -18.73 -28.98
N SER L 407 -37.86 -18.22 -29.98
CA SER L 407 -38.36 -17.08 -30.74
C SER L 407 -39.50 -17.50 -31.67
N LEU L 408 -39.33 -18.60 -32.39
CA LEU L 408 -40.33 -19.03 -33.36
C LEU L 408 -41.54 -19.68 -32.69
N ASN L 409 -41.35 -20.30 -31.53
CA ASN L 409 -42.47 -20.97 -30.86
C ASN L 409 -43.40 -19.96 -30.20
N SER L 410 -42.92 -18.75 -29.96
CA SER L 410 -43.72 -17.69 -29.36
C SER L 410 -44.50 -16.88 -30.39
N PHE L 411 -44.37 -17.19 -31.67
CA PHE L 411 -45.09 -16.47 -32.70
C PHE L 411 -46.56 -16.88 -32.72
N LYS L 412 -47.42 -15.97 -33.15
CA LYS L 412 -48.86 -16.19 -33.19
C LYS L 412 -49.26 -16.59 -34.61
N VAL L 413 -49.01 -17.86 -34.92
CA VAL L 413 -49.24 -18.42 -36.26
C VAL L 413 -50.27 -19.53 -36.16
N ALA L 414 -51.21 -19.54 -37.10
CA ALA L 414 -52.23 -20.58 -37.12
C ALA L 414 -51.64 -21.92 -37.56
N ASN L 415 -51.05 -21.96 -38.75
CA ASN L 415 -50.52 -23.19 -39.33
C ASN L 415 -49.02 -23.06 -39.52
N ARG L 416 -48.28 -24.09 -39.09
CA ARG L 416 -46.84 -24.14 -39.20
C ARG L 416 -46.44 -25.28 -40.14
N MET L 417 -45.21 -25.19 -40.64
CA MET L 417 -44.70 -26.21 -41.55
C MET L 417 -43.17 -26.23 -41.46
N LEU L 418 -42.61 -27.44 -41.41
CA LEU L 418 -41.18 -27.62 -41.36
C LEU L 418 -40.71 -28.30 -42.64
N ILE L 419 -39.73 -27.70 -43.30
CA ILE L 419 -39.16 -28.23 -44.54
C ILE L 419 -37.71 -28.59 -44.27
N THR L 420 -37.37 -29.88 -44.44
CA THR L 420 -36.03 -30.36 -44.16
C THR L 420 -35.77 -31.59 -45.02
N GLY L 421 -34.57 -32.15 -44.87
CA GLY L 421 -34.23 -33.39 -45.53
C GLY L 421 -33.88 -34.46 -44.53
N THR L 422 -33.41 -34.03 -43.36
CA THR L 422 -33.02 -34.92 -42.26
C THR L 422 -33.86 -34.57 -41.05
N PRO L 423 -35.01 -35.23 -40.85
CA PRO L 423 -35.80 -34.93 -39.64
C PRO L 423 -35.19 -35.49 -38.37
N LEU L 424 -34.54 -36.65 -38.45
CA LEU L 424 -33.86 -37.26 -37.33
C LEU L 424 -32.38 -37.38 -37.68
N GLN L 425 -31.52 -36.85 -36.81
CA GLN L 425 -30.09 -36.82 -37.06
C GLN L 425 -29.29 -37.60 -36.03
N ASN L 426 -29.54 -37.36 -34.74
CA ASN L 426 -28.75 -37.99 -33.69
C ASN L 426 -29.58 -38.89 -32.79
N ASN L 427 -30.76 -38.44 -32.36
CA ASN L 427 -31.55 -39.21 -31.41
C ASN L 427 -33.04 -38.89 -31.60
N ILE L 428 -33.86 -39.50 -30.74
CA ILE L 428 -35.30 -39.31 -30.80
C ILE L 428 -35.70 -37.93 -30.28
N LYS L 429 -34.85 -37.31 -29.46
CA LYS L 429 -35.18 -36.03 -28.83
C LYS L 429 -35.28 -34.90 -29.85
N GLU L 430 -34.49 -34.96 -30.92
CA GLU L 430 -34.60 -33.97 -31.99
C GLU L 430 -35.92 -34.07 -32.72
N LEU L 431 -36.36 -35.31 -33.03
CA LEU L 431 -37.67 -35.51 -33.64
C LEU L 431 -38.80 -35.11 -32.70
N ALA L 432 -38.61 -35.32 -31.40
CA ALA L 432 -39.58 -34.86 -30.40
C ALA L 432 -39.66 -33.35 -30.39
N ALA L 433 -38.52 -32.66 -30.52
CA ALA L 433 -38.51 -31.20 -30.60
C ALA L 433 -39.22 -30.70 -31.84
N LEU L 434 -39.02 -31.37 -32.99
CA LEU L 434 -39.69 -30.98 -34.22
C LEU L 434 -41.21 -31.18 -34.13
N VAL L 435 -41.65 -32.33 -33.60
CA VAL L 435 -43.09 -32.55 -33.51
C VAL L 435 -43.73 -31.75 -32.38
N ASN L 436 -42.95 -31.30 -31.40
CA ASN L 436 -43.50 -30.38 -30.40
C ASN L 436 -43.55 -28.96 -30.92
N PHE L 437 -42.65 -28.60 -31.85
CA PHE L 437 -42.80 -27.34 -32.56
C PHE L 437 -44.04 -27.36 -33.45
N LEU L 438 -44.32 -28.49 -34.10
CA LEU L 438 -45.52 -28.59 -34.91
C LEU L 438 -46.77 -28.68 -34.06
N MET L 439 -46.86 -29.72 -33.24
CA MET L 439 -48.04 -29.95 -32.40
C MET L 439 -47.62 -30.03 -30.94
N PRO L 440 -47.71 -28.93 -30.19
CA PRO L 440 -47.22 -28.92 -28.79
C PRO L 440 -48.15 -29.57 -27.78
N GLY L 441 -48.05 -30.89 -27.66
CA GLY L 441 -48.79 -31.59 -26.62
C GLY L 441 -49.40 -32.92 -27.00
N ARG L 442 -49.80 -33.07 -28.27
CA ARG L 442 -50.46 -34.31 -28.68
C ARG L 442 -49.49 -35.46 -28.90
N PHE L 443 -48.19 -35.19 -28.98
CA PHE L 443 -47.17 -36.22 -29.12
C PHE L 443 -46.22 -36.13 -27.93
N THR L 444 -45.94 -37.28 -27.31
CA THR L 444 -45.00 -37.34 -26.21
C THR L 444 -43.98 -38.44 -26.46
N ILE L 445 -42.73 -38.15 -26.14
CA ILE L 445 -41.63 -39.12 -26.20
C ILE L 445 -40.87 -39.03 -24.89
N ASP L 446 -40.81 -40.14 -24.15
CA ASP L 446 -40.14 -40.18 -22.86
C ASP L 446 -39.21 -41.38 -22.75
N GLN L 447 -38.86 -42.02 -23.86
CA GLN L 447 -38.01 -43.20 -23.85
C GLN L 447 -37.10 -43.16 -25.06
N GLU L 448 -35.80 -43.02 -24.81
CA GLU L 448 -34.81 -43.12 -25.88
C GLU L 448 -34.56 -44.57 -26.24
N ILE L 449 -34.33 -44.82 -27.52
CA ILE L 449 -34.13 -46.18 -28.01
C ILE L 449 -32.73 -46.64 -27.65
N ASP L 450 -32.64 -47.77 -26.94
CA ASP L 450 -31.38 -48.33 -26.49
C ASP L 450 -31.14 -49.66 -27.20
N PHE L 451 -29.96 -49.83 -27.79
CA PHE L 451 -29.65 -51.02 -28.57
C PHE L 451 -28.98 -52.09 -27.71
N GLU L 452 -29.59 -52.41 -26.57
CA GLU L 452 -29.14 -53.51 -25.73
C GLU L 452 -30.26 -54.40 -25.20
N ASN L 453 -31.50 -53.91 -25.14
CA ASN L 453 -32.59 -54.73 -24.64
C ASN L 453 -33.11 -55.68 -25.72
N GLN L 454 -33.47 -55.14 -26.89
CA GLN L 454 -34.00 -55.87 -28.04
C GLN L 454 -35.23 -56.70 -27.68
N ASP L 455 -36.10 -56.13 -26.85
CA ASP L 455 -37.32 -56.80 -26.43
C ASP L 455 -38.48 -56.41 -27.35
N GLU L 456 -39.62 -57.07 -27.14
CA GLU L 456 -40.81 -56.79 -27.93
C GLU L 456 -41.44 -55.45 -27.56
N GLU L 457 -41.20 -54.97 -26.34
CA GLU L 457 -41.73 -53.68 -25.92
C GLU L 457 -41.12 -52.52 -26.72
N GLN L 458 -39.82 -52.61 -27.01
CA GLN L 458 -39.17 -51.59 -27.81
C GLN L 458 -39.66 -51.64 -29.27
N GLU L 459 -39.92 -52.85 -29.78
CA GLU L 459 -40.47 -52.96 -31.13
C GLU L 459 -41.89 -52.41 -31.21
N GLU L 460 -42.69 -52.64 -30.15
CA GLU L 460 -44.03 -52.06 -30.10
C GLU L 460 -43.99 -50.55 -29.99
N TYR L 461 -43.02 -50.02 -29.24
CA TYR L 461 -42.82 -48.57 -29.16
C TYR L 461 -42.40 -47.99 -30.50
N ILE L 462 -41.53 -48.69 -31.23
CA ILE L 462 -41.09 -48.26 -32.55
C ILE L 462 -42.27 -48.26 -33.53
N HIS L 463 -43.11 -49.29 -33.49
CA HIS L 463 -44.26 -49.33 -34.37
C HIS L 463 -45.32 -48.30 -33.97
N ASP L 464 -45.42 -47.98 -32.69
CA ASP L 464 -46.33 -46.92 -32.24
C ASP L 464 -45.87 -45.56 -32.75
N LEU L 465 -44.56 -45.28 -32.69
CA LEU L 465 -44.04 -44.05 -33.29
C LEU L 465 -44.13 -44.08 -34.81
N HIS L 466 -44.12 -45.27 -35.41
CA HIS L 466 -44.34 -45.38 -36.86
C HIS L 466 -45.77 -44.96 -37.22
N ARG L 467 -46.75 -45.52 -36.53
CA ARG L 467 -48.15 -45.23 -36.84
C ARG L 467 -48.61 -43.88 -36.31
N ARG L 468 -47.82 -43.23 -35.44
CA ARG L 468 -48.23 -41.94 -34.91
C ARG L 468 -47.84 -40.77 -35.81
N ILE L 469 -46.66 -40.81 -36.42
CA ILE L 469 -46.17 -39.70 -37.25
C ILE L 469 -46.22 -40.04 -38.74
N GLN L 470 -46.90 -41.13 -39.11
CA GLN L 470 -47.03 -41.51 -40.51
C GLN L 470 -47.73 -40.47 -41.40
N PRO L 471 -48.90 -39.90 -41.04
CA PRO L 471 -49.49 -38.91 -41.96
C PRO L 471 -48.88 -37.52 -41.83
N PHE L 472 -48.07 -37.25 -40.81
CA PHE L 472 -47.54 -35.91 -40.59
C PHE L 472 -46.18 -35.70 -41.24
N ILE L 473 -45.58 -36.72 -41.82
CA ILE L 473 -44.27 -36.61 -42.45
C ILE L 473 -44.38 -37.19 -43.86
N LEU L 474 -44.03 -36.38 -44.86
CA LEU L 474 -43.97 -36.82 -46.24
C LEU L 474 -42.50 -36.81 -46.67
N ARG L 475 -41.99 -37.98 -47.05
CA ARG L 475 -40.60 -38.12 -47.45
C ARG L 475 -40.54 -38.90 -48.76
N ARG L 476 -39.82 -38.35 -49.73
CA ARG L 476 -39.58 -39.00 -51.01
C ARG L 476 -38.08 -39.05 -51.27
N LEU L 477 -37.61 -40.19 -51.75
CA LEU L 477 -36.19 -40.39 -51.98
C LEU L 477 -35.82 -40.07 -53.42
N LYS L 478 -34.51 -39.94 -53.66
CA LYS L 478 -34.02 -39.68 -55.00
C LYS L 478 -33.96 -40.92 -55.87
N LYS L 479 -34.22 -42.10 -55.30
CA LYS L 479 -34.27 -43.33 -56.08
C LYS L 479 -35.70 -43.73 -56.45
N ASP L 480 -36.70 -43.30 -55.68
CA ASP L 480 -38.08 -43.64 -56.00
C ASP L 480 -38.59 -42.83 -57.19
N VAL L 481 -38.05 -41.64 -57.40
CA VAL L 481 -38.43 -40.78 -58.50
C VAL L 481 -37.15 -40.42 -59.24
N GLU L 482 -37.30 -40.03 -60.52
CA GLU L 482 -36.21 -39.73 -61.45
C GLU L 482 -35.28 -40.94 -61.58
N LYS L 483 -35.84 -41.99 -62.20
CA LYS L 483 -35.19 -43.29 -62.30
C LYS L 483 -34.08 -43.30 -63.36
N SER L 484 -33.07 -42.47 -63.14
CA SER L 484 -31.86 -42.46 -63.94
C SER L 484 -30.62 -42.18 -63.11
N LEU L 485 -30.74 -42.09 -61.80
CA LEU L 485 -29.62 -41.72 -60.94
C LEU L 485 -28.69 -42.90 -60.76
N PRO L 486 -27.39 -42.73 -61.00
CA PRO L 486 -26.44 -43.82 -60.74
C PRO L 486 -26.27 -44.07 -59.26
N SER L 487 -25.90 -45.30 -58.93
CA SER L 487 -25.74 -45.70 -57.54
C SER L 487 -24.48 -45.09 -56.94
N LYS L 488 -24.49 -44.94 -55.62
CA LYS L 488 -23.34 -44.49 -54.85
C LYS L 488 -22.90 -45.62 -53.94
N THR L 489 -21.62 -45.99 -54.03
CA THR L 489 -21.06 -47.07 -53.23
C THR L 489 -20.06 -46.51 -52.23
N GLU L 490 -20.25 -46.85 -50.96
CA GLU L 490 -19.37 -46.40 -49.89
C GLU L 490 -18.54 -47.58 -49.42
N ARG L 491 -17.22 -47.42 -49.45
CA ARG L 491 -16.29 -48.44 -49.00
C ARG L 491 -15.54 -47.94 -47.79
N ILE L 492 -15.58 -48.70 -46.71
CA ILE L 492 -14.89 -48.36 -45.48
C ILE L 492 -13.52 -49.01 -45.50
N LEU L 493 -12.46 -48.19 -45.46
CA LEU L 493 -11.08 -48.67 -45.54
C LEU L 493 -10.41 -48.41 -44.21
N ARG L 494 -10.06 -49.49 -43.51
CA ARG L 494 -9.39 -49.41 -42.22
C ARG L 494 -7.91 -49.63 -42.41
N VAL L 495 -7.09 -48.64 -42.05
CA VAL L 495 -5.65 -48.72 -42.24
C VAL L 495 -4.96 -48.69 -40.90
N GLU L 496 -3.81 -49.36 -40.83
CA GLU L 496 -3.03 -49.42 -39.61
C GLU L 496 -2.30 -48.10 -39.38
N LEU L 497 -1.73 -47.97 -38.19
CA LEU L 497 -1.08 -46.75 -37.77
C LEU L 497 0.43 -46.84 -37.99
N SER L 498 1.05 -45.69 -38.23
CA SER L 498 2.49 -45.61 -38.31
C SER L 498 3.10 -45.65 -36.91
N ASP L 499 4.42 -45.70 -36.86
CA ASP L 499 5.12 -45.77 -35.58
C ASP L 499 5.00 -44.46 -34.80
N VAL L 500 5.04 -43.33 -35.52
CA VAL L 500 4.88 -42.03 -34.88
C VAL L 500 3.45 -41.87 -34.35
N GLN L 501 2.46 -42.32 -35.14
CA GLN L 501 1.08 -42.29 -34.69
C GLN L 501 0.85 -43.20 -33.49
N THR L 502 1.50 -44.37 -33.50
CA THR L 502 1.35 -45.32 -32.38
C THR L 502 1.98 -44.77 -31.10
N GLU L 503 3.16 -44.16 -31.20
CA GLU L 503 3.78 -43.62 -29.99
C GLU L 503 3.05 -42.36 -29.50
N TYR L 504 2.47 -41.57 -30.41
CA TYR L 504 1.67 -40.44 -29.98
C TYR L 504 0.37 -40.89 -29.31
N TYR L 505 -0.25 -41.95 -29.84
CA TYR L 505 -1.46 -42.50 -29.24
C TYR L 505 -1.16 -43.09 -27.86
N LYS L 506 -0.02 -43.77 -27.71
CA LYS L 506 0.35 -44.32 -26.42
C LYS L 506 0.73 -43.22 -25.43
N ASN L 507 1.32 -42.13 -25.90
CA ASN L 507 1.67 -41.03 -25.00
C ASN L 507 0.44 -40.27 -24.54
N ILE L 508 -0.55 -40.10 -25.42
CA ILE L 508 -1.76 -39.39 -25.03
C ILE L 508 -2.63 -40.26 -24.13
N LEU L 509 -2.82 -41.53 -24.51
CA LEU L 509 -3.75 -42.41 -23.81
C LEU L 509 -3.28 -42.81 -22.43
N THR L 510 -1.98 -42.72 -22.15
CA THR L 510 -1.36 -43.13 -20.89
C THR L 510 -0.56 -41.98 -20.31
N LYS L 511 -1.22 -40.82 -20.17
CA LYS L 511 -0.71 -39.45 -20.27
C LYS L 511 0.73 -39.21 -19.82
N ASN L 512 1.52 -38.63 -20.72
CA ASN L 512 2.98 -38.61 -20.64
C ASN L 512 3.49 -37.21 -20.94
N TYR L 513 2.98 -36.23 -20.18
CA TYR L 513 3.37 -34.81 -20.23
C TYR L 513 4.87 -34.58 -20.36
N SER L 514 5.67 -35.34 -19.62
CA SER L 514 7.12 -35.27 -19.75
C SER L 514 7.59 -35.75 -21.12
N ALA L 515 7.01 -36.85 -21.61
CA ALA L 515 7.40 -37.37 -22.92
C ALA L 515 6.81 -36.54 -24.06
N LEU L 516 5.62 -35.99 -23.88
CA LEU L 516 5.02 -35.17 -24.92
C LEU L 516 5.68 -33.79 -24.99
N THR L 517 6.16 -33.28 -23.86
CA THR L 517 6.86 -32.00 -23.84
C THR L 517 8.26 -32.13 -24.42
N ALA L 518 8.85 -33.33 -24.35
CA ALA L 518 10.20 -33.55 -24.87
C ALA L 518 10.21 -33.43 -26.39
N GLY L 519 11.13 -32.61 -26.89
CA GLY L 519 11.19 -32.30 -28.31
C GLY L 519 10.86 -30.86 -28.61
N ALA L 520 11.90 -30.05 -28.87
CA ALA L 520 11.80 -28.62 -29.19
C ALA L 520 11.07 -27.83 -28.11
N LYS L 521 11.36 -28.16 -26.84
CA LYS L 521 10.91 -27.46 -25.64
C LYS L 521 9.39 -27.42 -25.49
N GLY L 522 8.68 -28.37 -26.11
CA GLY L 522 7.25 -28.47 -25.93
C GLY L 522 6.42 -27.38 -26.59
N GLY L 523 5.84 -26.52 -25.76
CA GLY L 523 4.91 -25.52 -26.26
C GLY L 523 3.57 -25.61 -25.58
N HIS L 524 3.56 -26.14 -24.35
CA HIS L 524 2.39 -26.30 -23.49
C HIS L 524 1.32 -27.17 -24.17
N PHE L 525 1.68 -28.45 -24.34
CA PHE L 525 0.79 -29.48 -24.84
C PHE L 525 -0.45 -29.62 -23.95
N SER L 526 -1.61 -29.28 -24.50
CA SER L 526 -2.85 -29.30 -23.74
C SER L 526 -3.52 -30.66 -23.90
N LEU L 527 -3.67 -31.38 -22.79
CA LEU L 527 -4.30 -32.69 -22.79
C LEU L 527 -5.75 -32.64 -22.35
N LEU L 528 -6.33 -31.46 -22.21
CA LEU L 528 -7.78 -31.35 -22.14
C LEU L 528 -8.37 -31.76 -23.47
N ASN L 529 -9.58 -32.34 -23.42
CA ASN L 529 -10.26 -32.96 -24.57
C ASN L 529 -9.37 -34.07 -25.16
N ILE L 530 -9.24 -35.14 -24.37
CA ILE L 530 -8.37 -36.27 -24.69
C ILE L 530 -8.77 -36.90 -26.01
N MET L 531 -10.08 -37.04 -26.27
CA MET L 531 -10.56 -37.62 -27.52
C MET L 531 -10.24 -36.75 -28.72
N ASN L 532 -10.18 -35.43 -28.54
CA ASN L 532 -9.75 -34.55 -29.61
C ASN L 532 -8.30 -34.79 -29.99
N GLU L 533 -7.43 -34.97 -29.00
CA GLU L 533 -6.03 -35.28 -29.27
C GLU L 533 -5.87 -36.68 -29.85
N LEU L 534 -6.73 -37.62 -29.46
CA LEU L 534 -6.68 -38.97 -30.03
C LEU L 534 -7.12 -38.96 -31.49
N LYS L 535 -8.12 -38.15 -31.83
CA LYS L 535 -8.52 -37.99 -33.22
C LYS L 535 -7.45 -37.30 -34.04
N LYS L 536 -6.77 -36.32 -33.44
CA LYS L 536 -5.64 -35.66 -34.11
C LYS L 536 -4.50 -36.63 -34.35
N ALA L 537 -4.21 -37.50 -33.37
CA ALA L 537 -3.17 -38.51 -33.55
C ALA L 537 -3.56 -39.56 -34.56
N SER L 538 -4.85 -39.89 -34.65
CA SER L 538 -5.32 -40.83 -35.66
C SER L 538 -5.27 -40.22 -37.05
N ASN L 539 -5.38 -38.88 -37.16
CA ASN L 539 -5.32 -38.25 -38.47
C ASN L 539 -3.87 -38.09 -38.95
N HIS L 540 -3.07 -37.31 -38.23
CA HIS L 540 -1.70 -37.03 -38.65
C HIS L 540 -0.90 -36.58 -37.45
N PRO L 541 0.35 -37.04 -37.31
CA PRO L 541 1.22 -36.51 -36.24
C PRO L 541 1.56 -35.04 -36.40
N TYR L 542 1.48 -34.49 -37.62
CA TYR L 542 1.88 -33.11 -37.86
C TYR L 542 0.88 -32.10 -37.33
N LEU L 543 -0.31 -32.55 -36.89
CA LEU L 543 -1.26 -31.68 -36.23
C LEU L 543 -0.76 -31.20 -34.88
N PHE L 544 0.15 -31.94 -34.25
CA PHE L 544 0.75 -31.55 -33.00
C PHE L 544 1.95 -30.64 -33.27
N ASP L 545 2.15 -29.67 -32.38
CA ASP L 545 3.24 -28.71 -32.56
C ASP L 545 4.59 -29.38 -32.28
N ASN L 546 5.59 -28.98 -33.09
CA ASN L 546 6.97 -29.49 -33.02
C ASN L 546 7.02 -31.01 -33.17
N ALA L 547 6.29 -31.51 -34.16
CA ALA L 547 6.32 -32.94 -34.49
C ALA L 547 6.91 -33.23 -35.86
N GLU L 548 6.89 -32.27 -36.78
CA GLU L 548 7.53 -32.47 -38.07
C GLU L 548 9.04 -32.46 -37.95
N GLU L 549 9.57 -31.70 -36.99
CA GLU L 549 11.01 -31.60 -36.78
C GLU L 549 11.62 -32.92 -36.32
N ARG L 550 10.92 -33.64 -35.45
CA ARG L 550 11.42 -34.93 -34.96
C ARG L 550 11.45 -35.98 -36.06
N VAL L 551 10.40 -36.03 -36.89
CA VAL L 551 10.36 -36.99 -38.00
C VAL L 551 11.39 -36.62 -39.06
N LEU L 552 11.61 -35.32 -39.29
CA LEU L 552 12.60 -34.90 -40.28
C LEU L 552 14.03 -35.16 -39.80
N GLN L 553 14.30 -34.92 -38.51
CA GLN L 553 15.64 -35.12 -37.98
C GLN L 553 15.94 -36.58 -37.63
N LYS L 554 14.91 -37.43 -37.53
CA LYS L 554 15.12 -38.84 -37.22
C LYS L 554 15.17 -39.73 -38.46
N PHE L 555 14.59 -39.29 -39.57
CA PHE L 555 14.54 -40.11 -40.78
C PHE L 555 15.27 -39.46 -41.95
N GLY L 556 14.97 -38.20 -42.26
CA GLY L 556 15.62 -37.51 -43.35
C GLY L 556 16.77 -36.63 -42.89
N ASP L 557 17.30 -36.94 -41.70
CA ASP L 557 18.38 -36.26 -40.96
C ASP L 557 18.31 -34.73 -40.96
N GLY L 558 17.10 -34.19 -40.94
CA GLY L 558 16.89 -32.77 -40.68
C GLY L 558 17.27 -31.81 -41.78
N LYS L 559 17.66 -32.30 -42.97
CA LYS L 559 18.07 -31.39 -44.03
C LYS L 559 16.87 -30.74 -44.70
N MET L 560 15.74 -31.45 -44.80
CA MET L 560 14.47 -30.96 -45.36
C MET L 560 14.63 -30.44 -46.79
N THR L 561 15.33 -31.22 -47.61
CA THR L 561 15.70 -30.79 -48.96
C THR L 561 14.68 -31.27 -49.99
N ARG L 562 13.41 -30.85 -49.79
CA ARG L 562 12.36 -30.78 -50.82
C ARG L 562 11.83 -32.16 -51.23
N GLU L 563 12.48 -33.24 -50.79
CA GLU L 563 12.07 -34.59 -51.13
C GLU L 563 11.73 -35.42 -49.90
N ASN L 564 12.51 -35.29 -48.82
CA ASN L 564 12.20 -35.99 -47.58
C ASN L 564 11.04 -35.35 -46.82
N VAL L 565 10.66 -34.12 -47.16
CA VAL L 565 9.49 -33.50 -46.56
C VAL L 565 8.22 -34.21 -47.02
N LEU L 566 8.15 -34.51 -48.33
CA LEU L 566 7.02 -35.28 -48.85
C LEU L 566 7.01 -36.70 -48.31
N ARG L 567 8.19 -37.28 -48.12
CA ARG L 567 8.29 -38.62 -47.52
C ARG L 567 7.82 -38.61 -46.07
N GLY L 568 8.16 -37.57 -45.32
CA GLY L 568 7.67 -37.45 -43.96
C GLY L 568 6.17 -37.22 -43.90
N LEU L 569 5.63 -36.43 -44.82
CA LEU L 569 4.19 -36.22 -44.91
C LEU L 569 3.45 -37.52 -45.23
N ILE L 570 3.99 -38.32 -46.15
CA ILE L 570 3.32 -39.55 -46.53
C ILE L 570 3.45 -40.62 -45.45
N MET L 571 4.65 -40.79 -44.90
CA MET L 571 4.92 -41.89 -43.98
C MET L 571 4.69 -41.53 -42.52
N SER L 572 4.31 -40.29 -42.21
CA SER L 572 4.00 -39.97 -40.82
C SER L 572 2.67 -40.57 -40.40
N SER L 573 1.69 -40.60 -41.30
CA SER L 573 0.35 -41.06 -40.99
C SER L 573 0.00 -42.26 -41.85
N GLY L 574 -0.74 -43.21 -41.25
CA GLY L 574 -1.16 -44.39 -41.99
C GLY L 574 -2.30 -44.16 -42.96
N LYS L 575 -3.01 -43.03 -42.83
CA LYS L 575 -4.01 -42.68 -43.83
C LYS L 575 -3.37 -42.11 -45.08
N MET L 576 -2.20 -41.49 -44.96
CA MET L 576 -1.61 -40.78 -46.09
C MET L 576 -1.02 -41.71 -47.14
N VAL L 577 -0.59 -42.92 -46.77
CA VAL L 577 -0.11 -43.86 -47.77
C VAL L 577 -1.27 -44.35 -48.65
N LEU L 578 -2.42 -44.65 -48.02
CA LEU L 578 -3.61 -45.02 -48.78
C LEU L 578 -4.12 -43.85 -49.59
N LEU L 579 -4.03 -42.62 -49.05
CA LEU L 579 -4.44 -41.44 -49.79
C LEU L 579 -3.55 -41.20 -51.01
N ASP L 580 -2.24 -41.42 -50.87
CA ASP L 580 -1.33 -41.26 -51.99
C ASP L 580 -1.56 -42.31 -53.06
N GLN L 581 -1.82 -43.56 -52.65
CA GLN L 581 -2.11 -44.62 -53.62
C GLN L 581 -3.43 -44.37 -54.34
N LEU L 582 -4.45 -43.91 -53.60
CA LEU L 582 -5.73 -43.55 -54.22
C LEU L 582 -5.58 -42.36 -55.17
N LEU L 583 -4.77 -41.36 -54.79
CA LEU L 583 -4.58 -40.20 -55.65
C LEU L 583 -3.85 -40.55 -56.93
N THR L 584 -2.84 -41.42 -56.84
CA THR L 584 -2.15 -41.88 -58.06
C THR L 584 -3.06 -42.73 -58.93
N ARG L 585 -3.87 -43.60 -58.33
CA ARG L 585 -4.77 -44.45 -59.11
C ARG L 585 -5.88 -43.63 -59.78
N LEU L 586 -6.42 -42.63 -59.08
CA LEU L 586 -7.47 -41.80 -59.65
C LEU L 586 -6.93 -40.79 -60.65
N LYS L 587 -5.67 -40.36 -60.50
CA LYS L 587 -5.04 -39.56 -61.53
C LYS L 587 -4.75 -40.39 -62.77
N LYS L 588 -4.45 -41.68 -62.58
CA LYS L 588 -4.26 -42.59 -63.73
C LYS L 588 -5.55 -42.76 -64.52
N ASP L 589 -6.69 -42.85 -63.83
CA ASP L 589 -7.97 -42.92 -64.50
C ASP L 589 -8.52 -41.52 -64.77
N GLY L 590 -9.71 -41.45 -65.35
CA GLY L 590 -10.36 -40.18 -65.60
C GLY L 590 -11.33 -39.78 -64.51
N HIS L 591 -10.81 -39.52 -63.31
CA HIS L 591 -11.65 -39.23 -62.15
C HIS L 591 -11.22 -37.92 -61.50
N ARG L 592 -12.19 -37.25 -60.88
CA ARG L 592 -11.95 -36.09 -60.04
C ARG L 592 -12.51 -36.39 -58.65
N VAL L 593 -11.84 -35.89 -57.63
CA VAL L 593 -12.09 -36.33 -56.26
C VAL L 593 -12.28 -35.12 -55.34
N LEU L 594 -13.35 -35.19 -54.53
CA LEU L 594 -13.53 -34.33 -53.38
C LEU L 594 -12.97 -35.03 -52.15
N ILE L 595 -12.33 -34.28 -51.26
CA ILE L 595 -11.81 -34.84 -50.01
C ILE L 595 -12.37 -34.01 -48.86
N PHE L 596 -13.09 -34.67 -47.96
CA PHE L 596 -13.77 -34.01 -46.86
C PHE L 596 -13.02 -34.27 -45.56
N SER L 597 -12.85 -33.22 -44.75
CA SER L 597 -12.20 -33.38 -43.46
C SER L 597 -12.96 -32.60 -42.40
N GLN L 598 -12.85 -33.06 -41.16
CA GLN L 598 -13.49 -32.37 -40.04
C GLN L 598 -12.63 -31.23 -39.49
N MET L 599 -11.35 -31.19 -39.84
CA MET L 599 -10.44 -30.17 -39.34
C MET L 599 -9.86 -29.39 -40.51
N VAL L 600 -9.74 -28.07 -40.34
CA VAL L 600 -9.14 -27.24 -41.39
C VAL L 600 -7.63 -27.26 -41.32
N ARG L 601 -7.06 -27.66 -40.18
CA ARG L 601 -5.61 -27.82 -40.10
C ARG L 601 -5.16 -29.06 -40.86
N MET L 602 -5.98 -30.11 -40.86
CA MET L 602 -5.68 -31.26 -41.69
C MET L 602 -5.86 -30.92 -43.16
N LEU L 603 -6.78 -29.99 -43.46
CA LEU L 603 -6.90 -29.46 -44.82
C LEU L 603 -5.66 -28.67 -45.21
N ASP L 604 -5.05 -27.94 -44.28
CA ASP L 604 -3.78 -27.27 -44.53
C ASP L 604 -2.67 -28.29 -44.80
N ILE L 605 -2.69 -29.40 -44.06
CA ILE L 605 -1.70 -30.47 -44.27
C ILE L 605 -1.85 -31.09 -45.65
N LEU L 606 -3.08 -31.37 -46.07
CA LEU L 606 -3.31 -31.91 -47.41
C LEU L 606 -3.00 -30.88 -48.50
N GLY L 607 -3.28 -29.61 -48.25
CA GLY L 607 -2.93 -28.58 -49.22
C GLY L 607 -1.44 -28.44 -49.43
N ASP L 608 -0.67 -28.55 -48.33
CA ASP L 608 0.79 -28.57 -48.46
C ASP L 608 1.26 -29.85 -49.14
N TYR L 609 0.60 -30.98 -48.87
CA TYR L 609 0.95 -32.24 -49.51
C TYR L 609 0.75 -32.18 -51.02
N LEU L 610 -0.34 -31.56 -51.46
CA LEU L 610 -0.55 -31.37 -52.89
C LEU L 610 0.27 -30.23 -53.47
N SER L 611 0.76 -29.31 -52.64
CA SER L 611 1.63 -28.24 -53.13
C SER L 611 3.03 -28.75 -53.44
N ILE L 612 3.65 -29.46 -52.48
CA ILE L 612 4.91 -30.13 -52.75
C ILE L 612 4.73 -31.26 -53.76
N LYS L 613 3.59 -31.96 -53.72
CA LYS L 613 3.30 -33.00 -54.70
C LYS L 613 3.10 -32.42 -56.10
N GLY L 614 2.47 -31.27 -56.20
CA GLY L 614 2.31 -30.60 -57.48
C GLY L 614 1.03 -31.00 -58.20
N ILE L 615 -0.10 -30.95 -57.49
CA ILE L 615 -1.39 -31.29 -58.04
C ILE L 615 -2.29 -30.06 -57.92
N ASN L 616 -2.93 -29.68 -59.04
CA ASN L 616 -3.84 -28.54 -59.05
C ASN L 616 -5.06 -28.85 -58.20
N PHE L 617 -5.14 -28.21 -57.05
CA PHE L 617 -6.19 -28.44 -56.07
C PHE L 617 -6.93 -27.15 -55.77
N GLN L 618 -8.19 -27.28 -55.35
CA GLN L 618 -8.93 -26.14 -54.84
C GLN L 618 -9.49 -26.49 -53.48
N ARG L 619 -9.82 -25.47 -52.69
CA ARG L 619 -10.09 -25.65 -51.27
C ARG L 619 -11.30 -24.82 -50.84
N LEU L 620 -12.01 -25.32 -49.82
CA LEU L 620 -13.15 -24.61 -49.27
C LEU L 620 -13.32 -24.96 -47.80
N ASP L 621 -13.34 -23.94 -46.95
CA ASP L 621 -13.65 -24.10 -45.54
C ASP L 621 -14.30 -22.82 -45.03
N GLY L 622 -14.36 -22.67 -43.71
CA GLY L 622 -15.00 -21.51 -43.12
C GLY L 622 -14.22 -20.23 -43.25
N THR L 623 -12.91 -20.32 -43.47
CA THR L 623 -12.08 -19.13 -43.62
C THR L 623 -12.27 -18.46 -44.97
N VAL L 624 -12.64 -19.22 -46.00
CA VAL L 624 -12.79 -18.66 -47.34
C VAL L 624 -14.11 -17.89 -47.41
N PRO L 625 -14.08 -16.63 -47.82
CA PRO L 625 -15.34 -15.88 -47.99
C PRO L 625 -16.13 -16.37 -49.19
N SER L 626 -17.37 -15.88 -49.28
CA SER L 626 -18.35 -16.44 -50.22
C SER L 626 -18.02 -16.14 -51.68
N ALA L 627 -17.36 -15.02 -51.95
CA ALA L 627 -16.99 -14.68 -53.32
C ALA L 627 -15.93 -15.63 -53.86
N GLN L 628 -14.89 -15.89 -53.07
CA GLN L 628 -13.88 -16.85 -53.46
C GLN L 628 -14.42 -18.28 -53.45
N ARG L 629 -15.44 -18.55 -52.62
CA ARG L 629 -16.11 -19.84 -52.66
C ARG L 629 -16.84 -20.03 -53.99
N ARG L 630 -17.55 -19.01 -54.44
CA ARG L 630 -18.24 -19.06 -55.73
C ARG L 630 -17.25 -19.18 -56.88
N ILE L 631 -16.12 -18.47 -56.77
CA ILE L 631 -15.05 -18.55 -57.78
C ILE L 631 -14.48 -19.96 -57.85
N SER L 632 -14.20 -20.57 -56.70
CA SER L 632 -13.62 -21.91 -56.66
C SER L 632 -14.60 -22.97 -57.15
N ILE L 633 -15.88 -22.85 -56.80
CA ILE L 633 -16.86 -23.83 -57.25
C ILE L 633 -17.10 -23.71 -58.75
N ASP L 634 -17.11 -22.48 -59.28
CA ASP L 634 -17.24 -22.31 -60.72
C ASP L 634 -15.99 -22.76 -61.47
N HIS L 635 -14.82 -22.61 -60.84
CA HIS L 635 -13.57 -23.04 -61.49
C HIS L 635 -13.46 -24.55 -61.52
N PHE L 636 -13.94 -25.22 -60.45
CA PHE L 636 -13.90 -26.68 -60.44
C PHE L 636 -14.91 -27.29 -61.40
N ASN L 637 -16.04 -26.62 -61.61
CA ASN L 637 -17.12 -27.15 -62.43
C ASN L 637 -17.03 -26.72 -63.89
N SER L 638 -16.01 -25.95 -64.26
CA SER L 638 -15.85 -25.57 -65.65
C SER L 638 -15.42 -26.77 -66.49
N PRO L 639 -15.85 -26.84 -67.76
CA PRO L 639 -15.43 -27.97 -68.61
C PRO L 639 -13.96 -27.97 -68.97
N ASP L 640 -13.28 -26.83 -68.88
CA ASP L 640 -11.85 -26.73 -69.18
C ASP L 640 -11.03 -26.63 -67.90
N SER L 641 -11.43 -27.33 -66.85
CA SER L 641 -10.78 -27.24 -65.56
C SER L 641 -9.61 -28.19 -65.47
N ASN L 642 -8.46 -27.68 -65.03
CA ASN L 642 -7.30 -28.49 -64.75
C ASN L 642 -7.25 -29.00 -63.32
N ASP L 643 -8.25 -28.64 -62.50
CA ASP L 643 -8.26 -29.07 -61.11
C ASP L 643 -8.61 -30.55 -61.01
N PHE L 644 -7.95 -31.24 -60.09
CA PHE L 644 -8.12 -32.67 -59.90
C PHE L 644 -8.77 -33.01 -58.56
N VAL L 645 -8.42 -32.30 -57.50
CA VAL L 645 -8.92 -32.59 -56.16
C VAL L 645 -9.42 -31.31 -55.51
N PHE L 646 -10.58 -31.43 -54.85
CA PHE L 646 -11.27 -30.29 -54.26
C PHE L 646 -11.53 -30.63 -52.79
N LEU L 647 -10.91 -29.87 -51.90
CA LEU L 647 -10.92 -30.14 -50.47
C LEU L 647 -12.02 -29.36 -49.79
N LEU L 648 -12.70 -30.01 -48.84
CA LEU L 648 -13.77 -29.38 -48.10
C LEU L 648 -13.56 -29.60 -46.62
N SER L 649 -13.91 -28.60 -45.83
CA SER L 649 -14.34 -28.89 -44.46
C SER L 649 -15.80 -29.31 -44.54
N THR L 650 -16.15 -30.34 -43.75
CA THR L 650 -17.37 -31.10 -43.99
C THR L 650 -18.64 -30.30 -43.70
N ARG L 651 -18.61 -29.42 -42.71
CA ARG L 651 -19.80 -28.72 -42.26
C ARG L 651 -19.96 -27.34 -42.87
N ALA L 652 -19.17 -26.99 -43.88
CA ALA L 652 -19.21 -25.66 -44.47
C ALA L 652 -19.93 -25.67 -45.81
N GLY L 653 -20.44 -24.49 -46.17
CA GLY L 653 -21.04 -24.27 -47.47
C GLY L 653 -22.54 -24.45 -47.53
N GLY L 654 -23.14 -25.05 -46.51
CA GLY L 654 -24.58 -25.27 -46.58
C GLY L 654 -24.92 -26.41 -47.53
N LEU L 655 -26.18 -26.43 -47.96
CA LEU L 655 -26.67 -27.45 -48.86
C LEU L 655 -26.69 -27.01 -50.31
N GLY L 656 -26.15 -25.84 -50.62
CA GLY L 656 -26.27 -25.29 -51.96
C GLY L 656 -25.04 -25.40 -52.84
N ILE L 657 -24.08 -26.24 -52.45
CA ILE L 657 -22.85 -26.40 -53.23
C ILE L 657 -23.10 -27.41 -54.34
N ASN L 658 -22.83 -27.01 -55.58
CA ASN L 658 -22.91 -27.89 -56.73
C ASN L 658 -21.51 -28.38 -57.07
N LEU L 659 -21.30 -29.70 -56.98
CA LEU L 659 -20.02 -30.35 -57.26
C LEU L 659 -20.23 -31.45 -58.28
N MET L 660 -20.85 -31.05 -59.39
CA MET L 660 -21.35 -31.98 -60.42
C MET L 660 -20.23 -32.80 -61.06
N THR L 661 -19.10 -32.15 -61.36
CA THR L 661 -18.08 -32.76 -62.21
C THR L 661 -17.26 -33.82 -61.50
N ALA L 662 -17.23 -33.81 -60.17
CA ALA L 662 -16.40 -34.78 -59.45
C ALA L 662 -17.10 -36.14 -59.40
N ASP L 663 -16.30 -37.17 -59.17
CA ASP L 663 -16.79 -38.53 -59.19
C ASP L 663 -16.49 -39.31 -57.92
N THR L 664 -15.33 -39.08 -57.29
CA THR L 664 -14.93 -39.81 -56.11
C THR L 664 -15.00 -38.88 -54.90
N VAL L 665 -15.47 -39.41 -53.77
CA VAL L 665 -15.55 -38.67 -52.52
C VAL L 665 -14.77 -39.45 -51.47
N VAL L 666 -13.77 -38.80 -50.87
CA VAL L 666 -12.94 -39.41 -49.84
C VAL L 666 -13.28 -38.73 -48.52
N ILE L 667 -13.95 -39.47 -47.65
CA ILE L 667 -14.22 -39.02 -46.28
C ILE L 667 -12.97 -39.32 -45.46
N PHE L 668 -12.13 -38.31 -45.28
CA PHE L 668 -10.89 -38.49 -44.52
C PHE L 668 -11.18 -38.64 -43.04
N ASP L 669 -12.04 -37.80 -42.48
CA ASP L 669 -12.44 -37.86 -41.09
C ASP L 669 -13.94 -38.05 -41.01
N SER L 670 -14.37 -39.02 -40.21
CA SER L 670 -15.79 -39.27 -40.05
C SER L 670 -16.39 -38.31 -39.03
N ASP L 671 -17.67 -38.01 -39.22
CA ASP L 671 -18.42 -37.15 -38.32
C ASP L 671 -19.20 -37.98 -37.33
N TRP L 672 -19.49 -37.38 -36.17
CA TRP L 672 -20.42 -37.98 -35.22
C TRP L 672 -21.82 -38.06 -35.81
N ASN L 673 -22.25 -36.99 -36.46
CA ASN L 673 -23.54 -36.98 -37.14
C ASN L 673 -23.40 -37.62 -38.51
N PRO L 674 -24.09 -38.72 -38.80
CA PRO L 674 -23.98 -39.32 -40.14
C PRO L 674 -24.67 -38.51 -41.23
N GLN L 675 -25.58 -37.62 -40.86
CA GLN L 675 -26.24 -36.79 -41.87
C GLN L 675 -25.27 -35.77 -42.46
N ALA L 676 -24.26 -35.34 -41.70
CA ALA L 676 -23.23 -34.48 -42.25
C ALA L 676 -22.42 -35.20 -43.32
N ASP L 677 -22.06 -36.46 -43.08
CA ASP L 677 -21.37 -37.25 -44.10
C ASP L 677 -22.29 -37.58 -45.27
N LEU L 678 -23.59 -37.74 -45.02
CA LEU L 678 -24.54 -37.97 -46.11
C LEU L 678 -24.66 -36.73 -47.00
N GLN L 679 -24.68 -35.54 -46.40
CA GLN L 679 -24.69 -34.31 -47.18
C GLN L 679 -23.36 -34.12 -47.92
N ALA L 680 -22.26 -34.55 -47.30
CA ALA L 680 -20.95 -34.50 -47.95
C ALA L 680 -20.92 -35.41 -49.18
N MET L 681 -21.51 -36.60 -49.08
CA MET L 681 -21.59 -37.48 -50.24
C MET L 681 -22.59 -36.96 -51.26
N ALA L 682 -23.65 -36.26 -50.82
CA ALA L 682 -24.65 -35.72 -51.73
C ALA L 682 -24.22 -34.41 -52.38
N ARG L 683 -23.08 -33.85 -51.97
CA ARG L 683 -22.48 -32.76 -52.73
C ARG L 683 -22.13 -33.20 -54.15
N ALA L 684 -21.64 -34.43 -54.31
CA ALA L 684 -21.34 -34.99 -55.62
C ALA L 684 -22.43 -35.90 -56.14
N HIS L 685 -23.23 -36.51 -55.27
CA HIS L 685 -24.30 -37.40 -55.68
C HIS L 685 -25.62 -36.62 -55.80
N ARG L 686 -25.65 -35.72 -56.78
CA ARG L 686 -26.81 -34.90 -57.05
C ARG L 686 -27.62 -35.47 -58.20
N ILE L 687 -28.77 -34.84 -58.48
CA ILE L 687 -29.67 -35.30 -59.53
C ILE L 687 -29.07 -34.98 -60.89
N GLY L 688 -28.98 -35.99 -61.75
CA GLY L 688 -28.41 -35.83 -63.07
C GLY L 688 -26.94 -36.16 -63.18
N GLN L 689 -26.36 -36.82 -62.18
CA GLN L 689 -24.95 -37.17 -62.20
C GLN L 689 -24.67 -38.20 -63.29
N LYS L 690 -23.63 -37.96 -64.07
CA LYS L 690 -23.34 -38.78 -65.25
C LYS L 690 -22.36 -39.91 -64.97
N ASN L 691 -21.91 -40.07 -63.73
CA ASN L 691 -20.90 -41.08 -63.40
C ASN L 691 -21.28 -41.77 -62.10
N HIS L 692 -20.75 -42.98 -61.94
CA HIS L 692 -21.00 -43.77 -60.74
C HIS L 692 -20.16 -43.22 -59.60
N VAL L 693 -20.81 -42.62 -58.61
CA VAL L 693 -20.11 -41.96 -57.51
C VAL L 693 -19.57 -43.02 -56.56
N MET L 694 -18.28 -42.91 -56.23
CA MET L 694 -17.59 -43.88 -55.40
C MET L 694 -17.06 -43.16 -54.16
N VAL L 695 -17.36 -43.70 -52.99
CA VAL L 695 -17.00 -43.07 -51.72
C VAL L 695 -16.04 -43.97 -50.97
N TYR L 696 -14.89 -43.42 -50.58
CA TYR L 696 -13.90 -44.12 -49.77
C TYR L 696 -13.81 -43.43 -48.41
N ARG L 697 -14.03 -44.19 -47.35
CA ARG L 697 -13.95 -43.68 -45.98
C ARG L 697 -12.66 -44.17 -45.36
N LEU L 698 -11.85 -43.23 -44.85
CA LEU L 698 -10.52 -43.55 -44.32
C LEU L 698 -10.61 -43.68 -42.82
N VAL L 699 -10.24 -44.85 -42.30
CA VAL L 699 -10.41 -45.20 -40.88
C VAL L 699 -9.04 -45.63 -40.34
N SER L 700 -8.68 -45.11 -39.17
CA SER L 700 -7.48 -45.54 -38.47
C SER L 700 -7.82 -46.75 -37.60
N LYS L 701 -7.05 -47.82 -37.74
CA LYS L 701 -7.34 -49.08 -37.07
C LYS L 701 -6.99 -49.01 -35.60
N ASP L 702 -7.86 -49.62 -34.76
CA ASP L 702 -7.69 -49.75 -33.31
C ASP L 702 -7.53 -48.39 -32.64
N THR L 703 -8.35 -47.42 -33.05
CA THR L 703 -8.27 -46.07 -32.53
C THR L 703 -9.61 -45.60 -32.00
N VAL L 704 -9.73 -44.30 -31.75
CA VAL L 704 -10.98 -43.74 -31.23
C VAL L 704 -12.00 -43.54 -32.34
N GLU L 705 -11.59 -43.62 -33.61
CA GLU L 705 -12.52 -43.52 -34.72
C GLU L 705 -13.41 -44.75 -34.87
N GLU L 706 -13.05 -45.85 -34.21
CA GLU L 706 -13.89 -47.05 -34.23
C GLU L 706 -15.24 -46.79 -33.58
N GLU L 707 -15.24 -46.18 -32.39
CA GLU L 707 -16.51 -45.86 -31.76
C GLU L 707 -17.21 -44.67 -32.41
N VAL L 708 -16.47 -43.83 -33.14
CA VAL L 708 -17.10 -42.81 -33.98
C VAL L 708 -17.94 -43.47 -35.07
N LEU L 709 -17.37 -44.47 -35.74
CA LEU L 709 -18.13 -45.19 -36.75
C LEU L 709 -19.23 -46.06 -36.15
N GLU L 710 -19.03 -46.58 -34.93
CA GLU L 710 -20.07 -47.36 -34.28
C GLU L 710 -21.26 -46.48 -33.91
N ARG L 711 -21.00 -45.28 -33.39
CA ARG L 711 -22.09 -44.35 -33.09
C ARG L 711 -22.78 -43.87 -34.36
N ALA L 712 -22.02 -43.65 -35.44
CA ALA L 712 -22.62 -43.28 -36.71
C ALA L 712 -23.47 -44.41 -37.29
N ARG L 713 -23.02 -45.66 -37.14
CA ARG L 713 -23.80 -46.81 -37.59
C ARG L 713 -25.08 -46.95 -36.77
N LYS L 714 -25.00 -46.72 -35.46
CA LYS L 714 -26.20 -46.78 -34.62
C LYS L 714 -27.19 -45.68 -34.98
N LYS L 715 -26.69 -44.49 -35.30
CA LYS L 715 -27.59 -43.40 -35.71
C LYS L 715 -28.22 -43.67 -37.07
N MET L 716 -27.46 -44.27 -38.00
CA MET L 716 -28.05 -44.68 -39.28
C MET L 716 -29.10 -45.78 -39.09
N ILE L 717 -28.85 -46.69 -38.15
CA ILE L 717 -29.83 -47.74 -37.82
C ILE L 717 -31.11 -47.11 -37.27
N LEU L 718 -30.96 -46.11 -36.39
CA LEU L 718 -32.12 -45.41 -35.84
C LEU L 718 -32.89 -44.65 -36.92
N GLU L 719 -32.18 -43.98 -37.83
CA GLU L 719 -32.85 -43.25 -38.90
C GLU L 719 -33.53 -44.19 -39.89
N TYR L 720 -32.93 -45.35 -40.15
CA TYR L 720 -33.59 -46.34 -41.00
C TYR L 720 -34.78 -46.98 -40.29
N ALA L 721 -34.75 -47.03 -38.96
CA ALA L 721 -35.85 -47.60 -38.21
C ALA L 721 -37.06 -46.66 -38.21
N ILE L 722 -36.90 -45.44 -37.72
CA ILE L 722 -38.05 -44.56 -37.55
C ILE L 722 -38.42 -43.89 -38.87
N ILE L 723 -37.47 -43.23 -39.52
CA ILE L 723 -37.80 -42.37 -40.65
C ILE L 723 -38.03 -43.18 -41.92
N SER L 724 -37.13 -44.11 -42.23
CA SER L 724 -37.19 -44.80 -43.52
C SER L 724 -38.31 -45.84 -43.58
N LEU L 725 -38.80 -46.32 -42.44
CA LEU L 725 -39.91 -47.26 -42.42
C LEU L 725 -41.25 -46.58 -42.21
N GLY L 726 -41.29 -45.24 -42.17
CA GLY L 726 -42.52 -44.47 -42.07
C GLY L 726 -42.53 -43.37 -43.12
N VAL L 727 -42.15 -43.70 -44.35
CA VAL L 727 -42.11 -42.72 -45.41
C VAL L 727 -43.52 -42.47 -45.93
N THR L 728 -43.70 -41.29 -46.56
CA THR L 728 -44.96 -40.80 -47.14
C THR L 728 -46.13 -40.82 -46.16
N LYS L 735 -49.46 -57.37 -46.22
CA LYS L 735 -48.95 -58.64 -45.67
C LYS L 735 -47.57 -58.45 -45.06
N LYS L 736 -46.99 -57.27 -45.26
CA LYS L 736 -45.66 -56.97 -44.73
C LYS L 736 -45.69 -56.56 -43.26
N ASN L 737 -46.87 -56.35 -42.68
CA ASN L 737 -46.94 -56.01 -41.26
C ASN L 737 -46.56 -57.19 -40.39
N GLU L 738 -46.90 -58.41 -40.82
CA GLU L 738 -46.39 -59.61 -40.14
C GLU L 738 -44.88 -59.74 -40.24
N PRO L 739 -44.25 -59.54 -41.41
CA PRO L 739 -42.78 -59.60 -41.47
C PRO L 739 -42.08 -58.40 -40.87
N ASN L 740 -42.82 -57.32 -40.56
CA ASN L 740 -42.22 -56.18 -39.86
C ASN L 740 -41.74 -56.56 -38.47
N ALA L 741 -42.50 -57.42 -37.78
CA ALA L 741 -42.11 -57.89 -36.45
C ALA L 741 -40.86 -58.75 -36.47
N GLY L 742 -40.50 -59.30 -37.63
CA GLY L 742 -39.24 -60.00 -37.77
C GLY L 742 -38.10 -59.10 -38.22
N GLU L 743 -38.38 -58.17 -39.16
CA GLU L 743 -37.29 -57.39 -39.71
C GLU L 743 -36.89 -56.21 -38.81
N LEU L 744 -37.81 -55.69 -37.99
CA LEU L 744 -37.39 -54.78 -36.92
C LEU L 744 -36.51 -55.47 -35.90
N SER L 745 -36.82 -56.72 -35.57
CA SER L 745 -35.96 -57.50 -34.66
C SER L 745 -34.60 -57.76 -35.29
N ALA L 746 -34.57 -58.01 -36.61
CA ALA L 746 -33.32 -58.20 -37.32
C ALA L 746 -32.48 -56.93 -37.33
N ILE L 747 -33.11 -55.77 -37.57
CA ILE L 747 -32.35 -54.52 -37.59
C ILE L 747 -31.95 -54.09 -36.18
N LEU L 748 -32.68 -54.52 -35.14
CA LEU L 748 -32.24 -54.26 -33.77
C LEU L 748 -31.12 -55.20 -33.35
N LYS L 749 -31.10 -56.43 -33.88
CA LYS L 749 -29.95 -57.30 -33.67
C LYS L 749 -28.72 -56.78 -34.41
N PHE L 750 -28.92 -56.16 -35.57
CA PHE L 750 -27.83 -55.45 -36.24
C PHE L 750 -27.36 -54.26 -35.41
N GLY L 751 -28.30 -53.53 -34.79
CA GLY L 751 -27.94 -52.37 -33.99
C GLY L 751 -27.25 -52.71 -32.68
N ALA L 752 -27.39 -53.95 -32.21
CA ALA L 752 -26.74 -54.40 -30.99
C ALA L 752 -25.43 -55.13 -31.24
N GLY L 753 -24.97 -55.20 -32.50
CA GLY L 753 -23.77 -55.92 -32.86
C GLY L 753 -22.69 -54.97 -33.34
N ASN L 754 -21.44 -55.29 -33.00
CA ASN L 754 -20.30 -54.47 -33.39
C ASN L 754 -19.93 -54.75 -34.84
N MET L 755 -19.70 -53.69 -35.61
CA MET L 755 -19.32 -53.82 -37.01
C MET L 755 -17.84 -54.19 -37.18
N PHE L 756 -17.02 -54.00 -36.16
CA PHE L 756 -15.59 -54.31 -36.24
C PHE L 756 -15.32 -55.67 -35.58
N THR L 757 -15.80 -56.71 -36.26
CA THR L 757 -15.68 -58.12 -35.87
C THR L 757 -16.16 -58.41 -34.44
N ASP L 772 -7.43 -55.12 -56.28
CA ASP L 772 -8.85 -54.92 -56.49
C ASP L 772 -9.52 -54.38 -55.23
N VAL L 773 -8.76 -53.61 -54.46
CA VAL L 773 -9.27 -53.02 -53.23
C VAL L 773 -9.63 -51.54 -53.42
N LEU L 774 -9.07 -50.87 -54.43
CA LEU L 774 -9.37 -49.48 -54.72
C LEU L 774 -10.08 -49.33 -56.06
N ASN L 775 -10.94 -50.30 -56.39
CA ASN L 775 -11.61 -50.31 -57.68
C ASN L 775 -12.75 -49.29 -57.70
N HIS L 776 -12.81 -48.51 -58.78
CA HIS L 776 -13.84 -47.50 -58.96
C HIS L 776 -15.00 -48.06 -59.80
N ALA L 777 -15.56 -49.18 -59.34
CA ALA L 777 -16.61 -49.85 -60.09
C ALA L 777 -17.46 -50.67 -59.14
N GLU L 778 -18.66 -51.02 -59.61
CA GLU L 778 -19.57 -51.90 -58.87
C GLU L 778 -20.50 -52.56 -59.86
N ASP L 779 -20.67 -53.88 -59.73
CA ASP L 779 -21.56 -54.62 -60.63
C ASP L 779 -23.03 -54.37 -60.29
N LEU L 791 -35.34 -56.95 -50.50
CA LEU L 791 -34.24 -56.44 -51.32
C LEU L 791 -33.68 -55.16 -50.73
N GLY L 792 -34.56 -54.28 -50.28
CA GLY L 792 -34.11 -53.03 -49.67
C GLY L 792 -33.51 -53.22 -48.30
N GLY L 793 -33.91 -54.28 -47.59
CA GLY L 793 -33.29 -54.58 -46.31
C GLY L 793 -31.85 -55.03 -46.46
N GLU L 794 -31.57 -55.87 -47.46
CA GLU L 794 -30.20 -56.32 -47.71
C GLU L 794 -29.34 -55.21 -48.30
N GLU L 795 -29.96 -54.19 -48.89
CA GLU L 795 -29.21 -53.02 -49.36
C GLU L 795 -28.61 -52.24 -48.20
N PHE L 796 -29.31 -52.19 -47.06
CA PHE L 796 -28.79 -51.48 -45.90
C PHE L 796 -27.70 -52.26 -45.18
N LEU L 797 -27.62 -53.58 -45.38
CA LEU L 797 -26.51 -54.34 -44.84
C LEU L 797 -25.21 -54.07 -45.58
N LYS L 798 -25.28 -53.53 -46.79
CA LYS L 798 -24.08 -53.04 -47.45
C LYS L 798 -23.63 -51.72 -46.84
N GLN L 799 -22.47 -51.24 -47.31
CA GLN L 799 -21.74 -50.03 -46.87
C GLN L 799 -21.53 -49.94 -45.35
N PHE L 800 -21.63 -51.07 -44.64
CA PHE L 800 -21.20 -51.18 -43.25
C PHE L 800 -20.09 -52.19 -43.08
N GLU L 801 -19.69 -52.87 -44.15
CA GLU L 801 -18.57 -53.79 -44.11
C GLU L 801 -17.26 -53.02 -43.94
N VAL L 802 -16.27 -53.70 -43.38
CA VAL L 802 -14.96 -53.11 -43.13
C VAL L 802 -13.94 -53.83 -44.00
N THR L 803 -13.26 -53.08 -44.85
CA THR L 803 -12.25 -53.61 -45.75
C THR L 803 -10.89 -53.18 -45.21
N ASP L 804 -10.20 -54.12 -44.55
CA ASP L 804 -8.91 -53.81 -43.96
C ASP L 804 -7.85 -53.67 -45.05
N TYR L 805 -7.06 -52.60 -44.96
CA TYR L 805 -6.01 -52.31 -45.93
C TYR L 805 -4.66 -52.38 -45.24
N LYS L 806 -3.74 -53.12 -45.86
CA LYS L 806 -2.36 -53.22 -45.38
C LYS L 806 -1.43 -52.67 -46.45
N ALA L 807 -0.58 -51.73 -46.06
CA ALA L 807 0.33 -51.09 -47.02
C ALA L 807 1.67 -51.80 -47.09
N ASP L 808 2.36 -51.90 -45.94
CA ASP L 808 3.71 -52.48 -45.82
C ASP L 808 4.71 -51.82 -46.75
N ILE L 809 4.64 -50.49 -46.83
CA ILE L 809 5.46 -49.69 -47.73
C ILE L 809 6.57 -49.05 -46.91
N ASP L 810 7.81 -49.23 -47.33
CA ASP L 810 8.96 -48.73 -46.59
C ASP L 810 9.30 -47.31 -47.04
N TRP L 811 10.44 -46.79 -46.56
CA TRP L 811 10.76 -45.37 -46.70
C TRP L 811 11.16 -45.01 -48.13
N ASP L 812 11.86 -45.91 -48.82
CA ASP L 812 12.43 -45.59 -50.12
C ASP L 812 11.56 -46.02 -51.31
N ASP L 813 10.37 -46.57 -51.06
CA ASP L 813 9.52 -47.01 -52.15
C ASP L 813 8.83 -45.83 -52.81
N ILE L 814 8.35 -44.86 -52.02
CA ILE L 814 7.62 -43.72 -52.54
C ILE L 814 8.57 -42.76 -53.23
N ILE L 815 8.00 -41.81 -53.98
CA ILE L 815 8.67 -40.89 -54.90
C ILE L 815 9.51 -41.73 -55.87
N PRO L 816 8.88 -42.35 -56.88
CA PRO L 816 9.64 -43.21 -57.81
C PRO L 816 10.56 -42.44 -58.74
N GLU L 817 11.19 -43.15 -59.68
CA GLU L 817 12.20 -42.57 -60.55
C GLU L 817 11.63 -41.52 -61.49
N GLU L 818 10.34 -41.61 -61.82
CA GLU L 818 9.71 -40.54 -62.59
C GLU L 818 9.49 -39.30 -61.73
N GLU L 819 9.03 -39.48 -60.49
CA GLU L 819 8.77 -38.35 -59.61
C GLU L 819 10.04 -37.77 -59.01
N LEU L 820 11.05 -38.61 -58.75
CA LEU L 820 12.30 -38.11 -58.18
C LEU L 820 13.11 -37.32 -59.19
N LYS L 821 13.05 -37.70 -60.47
CA LYS L 821 13.74 -36.93 -61.49
C LYS L 821 13.07 -35.58 -61.72
N LYS L 822 11.74 -35.53 -61.61
CA LYS L 822 11.04 -34.27 -61.74
C LYS L 822 11.26 -33.36 -60.53
N LEU L 823 11.38 -33.96 -59.34
CA LEU L 823 11.59 -33.16 -58.14
C LEU L 823 13.02 -32.63 -58.06
N GLN L 824 13.99 -33.43 -58.49
CA GLN L 824 15.39 -33.01 -58.42
C GLN L 824 15.72 -31.98 -59.51
N ASP L 825 15.11 -32.11 -60.69
CA ASP L 825 15.35 -31.13 -61.76
C ASP L 825 14.71 -29.79 -61.43
N GLU L 826 13.54 -29.81 -60.78
CA GLU L 826 12.90 -28.56 -60.37
C GLU L 826 13.66 -27.88 -59.24
N GLU L 827 14.26 -28.67 -58.35
CA GLU L 827 15.06 -28.08 -57.27
C GLU L 827 16.39 -27.54 -57.80
N GLN L 828 16.98 -28.22 -58.79
CA GLN L 828 18.25 -27.76 -59.36
C GLN L 828 18.05 -26.53 -60.22
N LYS L 829 16.95 -26.46 -60.97
CA LYS L 829 16.67 -25.29 -61.80
C LYS L 829 16.24 -24.09 -60.98
N ARG L 830 15.74 -24.31 -59.75
CA ARG L 830 15.36 -23.19 -58.90
C ARG L 830 16.57 -22.42 -58.41
N LYS L 831 17.69 -23.10 -58.19
CA LYS L 831 18.91 -22.40 -57.78
C LYS L 831 19.52 -21.61 -58.92
N ASP L 832 19.29 -22.04 -60.17
CA ASP L 832 19.81 -21.30 -61.32
C ASP L 832 19.04 -20.01 -61.55
N GLU L 833 17.72 -20.03 -61.33
CA GLU L 833 16.89 -18.85 -61.49
C GLU L 833 16.72 -18.07 -60.20
N GLU L 834 17.35 -18.52 -59.10
CA GLU L 834 17.29 -17.93 -57.77
C GLU L 834 15.85 -17.80 -57.26
N TYR L 835 15.37 -16.56 -57.20
CA TYR L 835 14.02 -16.19 -56.75
C TYR L 835 13.65 -16.73 -55.36
#